data_8HAN
#
_entry.id   8HAN
#
_cell.length_a   1.00
_cell.length_b   1.00
_cell.length_c   1.00
_cell.angle_alpha   90.00
_cell.angle_beta   90.00
_cell.angle_gamma   90.00
#
_symmetry.space_group_name_H-M   'P 1'
#
loop_
_entity.id
_entity.type
_entity.pdbx_description
1 polymer 'Histone H3.1'
2 polymer 'Histone H4'
3 polymer 'Histone H2A type 1-B/E'
4 polymer 'Histone H2B type 1-J'
5 polymer 'CREB-binding protein'
6 polymer 'DNA (180-mer)'
#
loop_
_entity_poly.entity_id
_entity_poly.type
_entity_poly.pdbx_seq_one_letter_code
_entity_poly.pdbx_strand_id
1 'polypeptide(L)'
;ARTKQTARKSTGGKAPRKQLATKAARKSAPATGGVKKPHRYRPGTVALREIRRYQKSTELLIRKLPFQRLVREIAQDFKT
DLRFQSSAVMALQEACEAYLVGLFEDTNLCAIHAKRVTIMPKDIQLARRIRGERA
;
A,E
2 'polypeptide(L)'
;SGRGKGGKGLG(ALY)GGA(ALY)RHRKVLRDNIQGITKPAIRRLARRGGVKRISGLIYEETRGVLKVFLENVIRDAVTY
TEHAKRKTVTAMDVVYALKRQGRTLYGFGG
;
B,F
3 'polypeptide(L)'
;SGRGKQGGKARAKAKTRSSRAGLQFPVGRVHRLLRKGNYSERVGAGAPVYLAAVLEYLTAEILELAGNAARDNKKTRIIP
RHLQLAIRNDEELNKLLGRVTIAQGGVLPNIQAVLLPKKTESHHKAKGK
;
C,G
4 'polypeptide(L)'
;PEPAKSAPAPKKGSKKAVTKAQKKDGKKRKRSRKESYSIYVYKVLKQVHPDTGISSKAMGIMNSFVNDIFERIAGEASRL
AHYNKRSTITSREIQTAVRLLLPGELAKHAVSEGTKAVTKYTSAK
;
D,H
5 'polypeptide(L)'
;GSSGSSGIFKPEELRQALMPTLEALYRQDPESLPFRQPVDPQLLGIPDYFDIVKNPMDLSTIKRKLDTGQYQEPWQYVDD
VWLMFNNAWLYNRKTSRVYKFCSKLAEVFEQEIDPVMQSLGYCCGRKYEFSPQTLCCYGKQLCTIPRDAAYYSYQNRYHF
CEKCFTEIQGENVTLGDDPSQPQTTISKDQFEKKKNDTLDPEPFVDCKECGRKMHQICVLHYDIIWPSGFVCDNCLKKTG
RPRKENKFSAKRLQTTRLGNHLEDRVNKFLRRQNHPEAGEVFVRVVASSDKTVEVKPGMKSRFVDSGEMSESFPYRTKAL
FAFEEIDGVDVCFFGMHVQEYGSDCPPPNTRRVYISYLDSIHFFRPRCLRTAVYHEILIGYLEYVKKLGYVTGHIWACPP
SEGDDYIFHCHPPDQKIPKPKRLQEWYKKMLDKAFAERIIHDYKDIFKQATEDRLTSAKELPYFEGDFWPNVLEESIKEL
EQEEEERKKEESTAASETTEGSQGDSKNAKKKNNKKTNKNKSSISRANKKKPSMPNVSNDLSQKLYATMEKHKEVFFVIH
LHAGPVINTLPPIVDPDPLLSCDLMDGRDAFLTLARDKHWEFSSLRRSKWSTLCMLVELHTQGQDRFVYTCNECKHHVET
RWHCTVCEDYDLCINCYNTKSHAHKMVKWGLGLDDEGSSQGEPQSKSPQESRRLSIQRCIQSLVHACQCRNANCSLPSCQ
KMKRVVQHTKGCKRKTNGGCPVCKQLIALCCYHAKHCQENKCPVPFCLNIKHKLRQQQIQHRLQQAQLMRRRMATMN
;
K
6 'polydeoxyribonucleotide'
;(DA)(DT)(DC)(DC)(DG)(DT)(DC)(DC)(DG)(DT)(DT)(DA)(DC)(DC)(DG)(DC)(DC)(DA)(DT)(DC)
(DA)(DA)(DT)(DA)(DT)(DC)(DC)(DA)(DC)(DC)(DT)(DG)(DC)(DA)(DG)(DA)(DT)(DT)(DC)(DT)
(DA)(DC)(DC)(DA)(DA)(DA)(DA)(DG)(DT)(DG)(DT)(DA)(DT)(DT)(DT)(DG)(DG)(DA)(DA)(DA)
(DC)(DT)(DG)(DC)(DT)(DC)(DC)(DA)(DT)(DC)(DA)(DA)(DA)(DA)(DG)(DG)(DC)(DA)(DT)(DG)
(DT)(DT)(DC)(DA)(DG)(DC)(DT)(DG)(DA)(DA)(DT)(DT)(DC)(DA)(DG)(DC)(DT)(DG)(DA)(DA)
(DC)(DA)(DT)(DG)(DC)(DC)(DT)(DT)(DT)(DT)(DG)(DA)(DT)(DG)(DG)(DA)(DG)(DC)(DA)(DG)
(DT)(DT)(DT)(DC)(DC)(DA)(DA)(DA)(DT)(DA)(DC)(DA)(DC)(DT)(DT)(DT)(DT)(DG)(DG)(DT)
(DA)(DG)(DA)(DA)(DT)(DC)(DT)(DG)(DC)(DA)(DG)(DG)(DT)(DG)(DG)(DA)(DT)(DA)(DT)(DT)
(DG)(DA)(DT)(DG)(DG)(DC)(DG)(DG)(DT)(DA)(DA)(DC)(DG)(DG)(DA)(DC)(DG)(DG)(DA)(DT)
;
I,J
#
loop_
_chem_comp.id
_chem_comp.type
_chem_comp.name
_chem_comp.formula
DA DNA linking 2'-DEOXYADENOSINE-5'-MONOPHOSPHATE 'C10 H14 N5 O6 P'
DC DNA linking 2'-DEOXYCYTIDINE-5'-MONOPHOSPHATE 'C9 H14 N3 O7 P'
DG DNA linking 2'-DEOXYGUANOSINE-5'-MONOPHOSPHATE 'C10 H14 N5 O7 P'
DT DNA linking THYMIDINE-5'-MONOPHOSPHATE 'C10 H15 N2 O8 P'
#
# COMPACT_ATOMS: atom_id res chain seq x y z
N LYS A 36 7.58 26.93 24.18
CA LYS A 36 8.13 28.26 23.95
C LYS A 36 8.18 28.57 22.46
N LYS A 37 9.32 28.27 21.83
CA LYS A 37 9.52 28.52 20.41
C LYS A 37 10.22 27.33 19.79
N PRO A 38 9.46 26.32 19.35
CA PRO A 38 10.08 25.15 18.71
C PRO A 38 10.38 25.40 17.24
N HIS A 39 11.52 24.88 16.81
CA HIS A 39 11.91 25.02 15.41
C HIS A 39 10.97 24.23 14.51
N ARG A 40 10.45 24.90 13.48
CA ARG A 40 9.48 24.28 12.58
C ARG A 40 9.71 24.81 11.18
N TYR A 41 9.87 23.90 10.22
CA TYR A 41 9.97 24.30 8.82
C TYR A 41 8.61 24.76 8.31
N ARG A 42 8.63 25.67 7.34
CA ARG A 42 7.40 26.06 6.67
C ARG A 42 6.82 24.87 5.92
N PRO A 43 5.50 24.68 5.95
CA PRO A 43 4.91 23.53 5.27
C PRO A 43 5.23 23.53 3.78
N GLY A 44 5.54 22.34 3.26
CA GLY A 44 5.91 22.20 1.86
C GLY A 44 7.38 21.91 1.65
N THR A 45 8.24 22.51 2.48
CA THR A 45 9.68 22.33 2.31
C THR A 45 10.09 20.87 2.53
N VAL A 46 9.61 20.27 3.62
CA VAL A 46 9.92 18.85 3.87
C VAL A 46 9.26 17.98 2.82
N ALA A 47 8.09 18.40 2.32
CA ALA A 47 7.45 17.67 1.24
C ALA A 47 8.30 17.66 -0.02
N LEU A 48 8.86 18.81 -0.38
CA LEU A 48 9.76 18.87 -1.55
C LEU A 48 11.02 18.06 -1.30
N ARG A 49 11.54 18.09 -0.06
CA ARG A 49 12.71 17.29 0.27
C ARG A 49 12.43 15.80 0.09
N GLU A 50 11.25 15.35 0.56
CA GLU A 50 10.87 13.95 0.38
C GLU A 50 10.70 13.61 -1.08
N ILE A 51 10.10 14.52 -1.87
CA ILE A 51 9.93 14.27 -3.30
C ILE A 51 11.30 14.10 -3.96
N ARG A 52 12.24 14.99 -3.65
CA ARG A 52 13.57 14.89 -4.22
C ARG A 52 14.27 13.60 -3.79
N ARG A 53 14.14 13.23 -2.52
CA ARG A 53 14.77 12.00 -2.03
C ARG A 53 14.21 10.77 -2.73
N TYR A 54 12.89 10.71 -2.90
CA TYR A 54 12.29 9.53 -3.52
C TYR A 54 12.50 9.51 -5.03
N GLN A 55 12.69 10.68 -5.65
CA GLN A 55 13.02 10.71 -7.07
C GLN A 55 14.47 10.34 -7.32
N LYS A 56 15.37 10.70 -6.40
CA LYS A 56 16.79 10.35 -6.54
C LYS A 56 17.09 8.91 -6.16
N SER A 57 16.14 8.20 -5.55
CA SER A 57 16.29 6.82 -5.15
C SER A 57 15.30 5.94 -5.90
N THR A 58 15.62 4.65 -5.97
CA THR A 58 14.79 3.70 -6.70
C THR A 58 14.28 2.54 -5.84
N GLU A 59 14.52 2.57 -4.53
CA GLU A 59 14.11 1.46 -3.68
C GLU A 59 12.60 1.35 -3.61
N LEU A 60 12.12 0.14 -3.32
CA LEU A 60 10.69 -0.10 -3.20
C LEU A 60 10.12 0.64 -2.00
N LEU A 61 8.93 1.21 -2.17
CA LEU A 61 8.28 1.98 -1.12
C LEU A 61 7.20 1.21 -0.39
N ILE A 62 6.51 0.29 -1.07
CA ILE A 62 5.47 -0.51 -0.44
C ILE A 62 6.13 -1.66 0.31
N ARG A 63 5.66 -1.90 1.54
CA ARG A 63 6.21 -2.99 2.34
C ARG A 63 5.91 -4.33 1.68
N LYS A 64 6.89 -5.24 1.75
CA LYS A 64 6.80 -6.49 0.99
C LYS A 64 5.69 -7.38 1.50
N LEU A 65 5.60 -7.57 2.82
CA LEU A 65 4.66 -8.56 3.37
C LEU A 65 3.19 -8.20 3.12
N PRO A 66 2.72 -6.97 3.39
CA PRO A 66 1.30 -6.68 3.09
C PRO A 66 0.97 -6.78 1.62
N PHE A 67 1.88 -6.37 0.74
CA PHE A 67 1.64 -6.50 -0.69
C PHE A 67 1.57 -7.97 -1.10
N GLN A 68 2.45 -8.80 -0.54
CA GLN A 68 2.40 -10.22 -0.81
C GLN A 68 1.09 -10.84 -0.32
N ARG A 69 0.63 -10.41 0.86
CA ARG A 69 -0.65 -10.90 1.36
C ARG A 69 -1.79 -10.50 0.45
N LEU A 70 -1.79 -9.26 -0.03
CA LEU A 70 -2.82 -8.81 -0.97
C LEU A 70 -2.80 -9.63 -2.26
N VAL A 71 -1.60 -9.88 -2.79
CA VAL A 71 -1.48 -10.66 -4.02
C VAL A 71 -1.99 -12.08 -3.81
N ARG A 72 -1.62 -12.70 -2.67
CA ARG A 72 -2.08 -14.05 -2.38
C ARG A 72 -3.59 -14.09 -2.22
N GLU A 73 -4.17 -13.09 -1.55
CA GLU A 73 -5.61 -13.05 -1.37
C GLU A 73 -6.33 -12.91 -2.71
N ILE A 74 -5.81 -12.06 -3.60
CA ILE A 74 -6.44 -11.90 -4.91
C ILE A 74 -6.31 -13.18 -5.73
N ALA A 75 -5.15 -13.84 -5.65
CA ALA A 75 -4.97 -15.12 -6.35
C ALA A 75 -5.93 -16.17 -5.82
N GLN A 76 -6.14 -16.22 -4.51
CA GLN A 76 -7.14 -17.12 -3.94
C GLN A 76 -8.53 -16.76 -4.42
N ASP A 77 -8.83 -15.47 -4.55
CA ASP A 77 -10.09 -15.05 -5.16
C ASP A 77 -10.21 -15.58 -6.58
N PHE A 78 -9.10 -15.73 -7.29
CA PHE A 78 -9.12 -16.36 -8.60
C PHE A 78 -9.18 -17.88 -8.48
N LYS A 79 -8.16 -18.47 -7.87
CA LYS A 79 -8.03 -19.92 -7.78
C LYS A 79 -7.16 -20.28 -6.58
N THR A 80 -7.62 -21.26 -5.79
CA THR A 80 -6.89 -21.70 -4.63
C THR A 80 -5.70 -22.57 -5.03
N ASP A 81 -4.81 -22.80 -4.07
CA ASP A 81 -3.61 -23.63 -4.23
C ASP A 81 -2.72 -23.13 -5.37
N LEU A 82 -2.58 -21.81 -5.51
CA LEU A 82 -1.72 -21.22 -6.53
C LEU A 82 -0.53 -20.57 -5.82
N ARG A 83 0.63 -21.22 -5.91
CA ARG A 83 1.82 -20.71 -5.26
C ARG A 83 2.42 -19.56 -6.06
N PHE A 84 3.26 -18.76 -5.39
CA PHE A 84 3.89 -17.60 -5.99
C PHE A 84 5.38 -17.63 -5.72
N GLN A 85 6.17 -17.29 -6.75
CA GLN A 85 7.61 -17.18 -6.58
C GLN A 85 7.98 -15.81 -6.04
N SER A 86 9.15 -15.74 -5.39
CA SER A 86 9.64 -14.47 -4.87
C SER A 86 9.88 -13.46 -6.00
N SER A 87 10.43 -13.94 -7.13
CA SER A 87 10.62 -13.07 -8.28
C SER A 87 9.29 -12.55 -8.81
N ALA A 88 8.26 -13.39 -8.80
CA ALA A 88 6.94 -12.95 -9.23
C ALA A 88 6.41 -11.84 -8.31
N VAL A 89 6.58 -12.01 -7.00
CA VAL A 89 6.12 -10.98 -6.05
C VAL A 89 6.88 -9.69 -6.27
N MET A 90 8.19 -9.77 -6.50
CA MET A 90 8.98 -8.58 -6.78
C MET A 90 8.53 -7.91 -8.07
N ALA A 91 8.19 -8.70 -9.09
CA ALA A 91 7.71 -8.14 -10.34
C ALA A 91 6.38 -7.41 -10.14
N LEU A 92 5.46 -8.02 -9.39
CA LEU A 92 4.20 -7.34 -9.08
C LEU A 92 4.46 -6.03 -8.34
N GLN A 93 5.36 -6.05 -7.36
CA GLN A 93 5.62 -4.84 -6.58
C GLN A 93 6.20 -3.75 -7.47
N GLU A 94 7.16 -4.09 -8.32
CA GLU A 94 7.77 -3.10 -9.20
C GLU A 94 6.75 -2.53 -10.18
N ALA A 95 5.95 -3.40 -10.81
CA ALA A 95 4.96 -2.93 -11.77
C ALA A 95 3.92 -2.03 -11.10
N CYS A 96 3.44 -2.43 -9.92
CA CYS A 96 2.45 -1.63 -9.22
C CYS A 96 3.02 -0.29 -8.79
N GLU A 97 4.26 -0.27 -8.31
CA GLU A 97 4.88 0.99 -7.92
C GLU A 97 5.06 1.91 -9.12
N ALA A 98 5.49 1.37 -10.26
CA ALA A 98 5.65 2.20 -11.46
C ALA A 98 4.31 2.75 -11.93
N TYR A 99 3.27 1.90 -11.93
CA TYR A 99 1.95 2.35 -12.36
C TYR A 99 1.42 3.42 -11.41
N LEU A 100 1.62 3.24 -10.09
CA LEU A 100 1.18 4.24 -9.14
C LEU A 100 1.93 5.55 -9.31
N VAL A 101 3.24 5.48 -9.60
CA VAL A 101 4.01 6.70 -9.81
C VAL A 101 3.50 7.45 -11.03
N GLY A 102 3.24 6.72 -12.13
CA GLY A 102 2.69 7.37 -13.32
C GLY A 102 1.31 7.96 -13.07
N LEU A 103 0.45 7.23 -12.37
CA LEU A 103 -0.88 7.75 -12.06
C LEU A 103 -0.80 8.97 -11.17
N PHE A 104 0.12 8.99 -10.22
CA PHE A 104 0.27 10.15 -9.34
C PHE A 104 0.82 11.35 -10.10
N GLU A 105 1.72 11.10 -11.07
CA GLU A 105 2.19 12.20 -11.91
C GLU A 105 1.05 12.80 -12.72
N ASP A 106 0.23 11.94 -13.33
CA ASP A 106 -0.92 12.43 -14.08
C ASP A 106 -1.90 13.16 -13.18
N THR A 107 -2.10 12.65 -11.96
CA THR A 107 -2.98 13.28 -11.00
C THR A 107 -2.48 14.65 -10.59
N ASN A 108 -1.17 14.78 -10.38
CA ASN A 108 -0.57 16.07 -10.06
C ASN A 108 -0.74 17.04 -11.22
N LEU A 109 -0.56 16.57 -12.45
CA LEU A 109 -0.78 17.43 -13.62
C LEU A 109 -2.22 17.91 -13.67
N CYS A 110 -3.18 17.01 -13.43
CA CYS A 110 -4.58 17.38 -13.44
C CYS A 110 -4.89 18.40 -12.35
N ALA A 111 -4.31 18.21 -11.15
CA ALA A 111 -4.51 19.17 -10.07
C ALA A 111 -3.93 20.53 -10.43
N ILE A 112 -2.76 20.55 -11.07
CA ILE A 112 -2.15 21.80 -11.51
C ILE A 112 -3.03 22.49 -12.54
N HIS A 113 -3.70 21.70 -13.38
CA HIS A 113 -4.54 22.29 -14.43
C HIS A 113 -5.60 23.22 -13.85
N ALA A 114 -6.16 22.87 -12.69
CA ALA A 114 -7.18 23.68 -12.05
C ALA A 114 -6.60 24.69 -11.06
N LYS A 115 -5.37 25.14 -11.27
CA LYS A 115 -4.70 26.09 -10.38
C LYS A 115 -4.63 25.59 -8.94
N ARG A 116 -4.36 24.29 -8.78
CA ARG A 116 -4.31 23.65 -7.47
C ARG A 116 -3.01 22.87 -7.33
N VAL A 117 -2.60 22.66 -6.08
CA VAL A 117 -1.42 21.86 -5.76
C VAL A 117 -1.74 20.68 -4.87
N THR A 118 -3.02 20.36 -4.68
CA THR A 118 -3.44 19.22 -3.87
C THR A 118 -4.20 18.25 -4.75
N ILE A 119 -4.03 16.96 -4.48
CA ILE A 119 -4.66 15.91 -5.27
C ILE A 119 -5.98 15.51 -4.63
N MET A 120 -7.02 15.40 -5.44
CA MET A 120 -8.36 15.00 -5.04
C MET A 120 -8.87 13.93 -5.98
N PRO A 121 -9.89 13.17 -5.59
CA PRO A 121 -10.34 12.03 -6.40
C PRO A 121 -10.73 12.40 -7.82
N LYS A 122 -11.19 13.64 -8.06
CA LYS A 122 -11.53 14.04 -9.41
C LYS A 122 -10.33 13.99 -10.34
N ASP A 123 -9.15 14.36 -9.82
CA ASP A 123 -7.93 14.26 -10.62
C ASP A 123 -7.63 12.81 -10.98
N ILE A 124 -7.78 11.90 -10.02
CA ILE A 124 -7.56 10.48 -10.28
C ILE A 124 -8.51 9.98 -11.35
N GLN A 125 -9.79 10.32 -11.21
CA GLN A 125 -10.79 9.87 -12.18
C GLN A 125 -10.51 10.42 -13.57
N LEU A 126 -10.14 11.70 -13.67
CA LEU A 126 -9.84 12.29 -14.97
C LEU A 126 -8.63 11.61 -15.60
N ALA A 127 -7.57 11.38 -14.81
CA ALA A 127 -6.36 10.75 -15.35
C ALA A 127 -6.67 9.34 -15.85
N ARG A 128 -7.41 8.57 -15.06
CA ARG A 128 -7.73 7.20 -15.47
C ARG A 128 -8.64 7.19 -16.70
N ARG A 129 -9.59 8.12 -16.76
CA ARG A 129 -10.48 8.17 -17.92
C ARG A 129 -9.72 8.54 -19.18
N ILE A 130 -8.80 9.51 -19.09
CA ILE A 130 -8.00 9.87 -20.25
C ILE A 130 -7.11 8.71 -20.66
N ARG A 131 -6.53 8.01 -19.68
CA ARG A 131 -5.71 6.84 -20.00
C ARG A 131 -6.53 5.71 -20.60
N GLY A 132 -7.86 5.76 -20.49
CA GLY A 132 -8.72 4.77 -21.08
C GLY A 132 -9.02 3.56 -20.22
N GLU A 133 -8.50 3.52 -18.98
CA GLU A 133 -8.76 2.38 -18.12
C GLU A 133 -10.24 2.28 -17.76
N ARG A 134 -10.88 3.42 -17.48
CA ARG A 134 -12.31 3.43 -17.19
C ARG A 134 -13.12 3.29 -18.47
N GLY B 11 3.08 -24.97 21.38
CA GLY B 11 3.31 -25.23 19.97
C GLY B 11 2.02 -25.47 19.20
OH ALY B 12 -4.30 -25.75 23.01
CH ALY B 12 -4.78 -25.62 21.87
CH3 ALY B 12 -5.95 -24.71 21.61
NZ ALY B 12 -4.26 -26.30 20.78
CE ALY B 12 -3.15 -27.21 20.84
CD ALY B 12 -1.80 -26.54 21.12
CG ALY B 12 -0.70 -27.22 20.35
CB ALY B 12 -0.77 -26.86 18.89
CA ALY B 12 0.57 -27.15 18.16
N ALY B 12 1.75 -26.74 18.90
C ALY B 12 0.51 -26.45 16.81
O ALY B 12 -0.52 -25.97 16.32
N GLY B 13 1.68 -26.38 16.18
CA GLY B 13 1.81 -25.74 14.90
C GLY B 13 2.20 -26.68 13.77
N GLY B 14 3.15 -26.24 12.94
CA GLY B 14 3.60 -27.03 11.82
C GLY B 14 2.98 -26.59 10.50
N ALA B 15 1.80 -25.98 10.57
CA ALA B 15 1.10 -25.51 9.39
C ALA B 15 0.18 -24.34 9.74
CB ALY B 16 -1.11 -21.45 7.73
CA ALY B 16 -1.06 -22.43 8.92
N ALY B 16 -0.20 -23.57 8.72
C ALY B 16 -2.48 -22.89 9.17
O ALY B 16 -3.15 -22.82 10.21
N VAL B 21 -7.44 -17.13 6.74
CA VAL B 21 -8.63 -16.31 6.57
C VAL B 21 -8.48 -15.44 5.32
N LEU B 22 -9.59 -15.20 4.63
CA LEU B 22 -9.58 -14.42 3.38
C LEU B 22 -9.98 -12.98 3.70
N ARG B 23 -9.02 -12.24 4.22
CA ARG B 23 -9.21 -10.83 4.57
C ARG B 23 -7.83 -10.20 4.77
N ASP B 24 -7.83 -8.95 5.25
CA ASP B 24 -6.61 -8.20 5.53
C ASP B 24 -5.74 -8.09 4.27
N ASN B 25 -6.37 -7.67 3.17
CA ASN B 25 -5.67 -7.52 1.90
C ASN B 25 -5.67 -6.09 1.39
N ILE B 26 -6.83 -5.45 1.30
CA ILE B 26 -6.89 -4.08 0.78
C ILE B 26 -6.31 -3.10 1.81
N GLN B 27 -6.56 -3.34 3.09
CA GLN B 27 -6.04 -2.45 4.12
C GLN B 27 -4.58 -2.73 4.46
N GLY B 28 -3.98 -3.75 3.86
CA GLY B 28 -2.57 -4.01 4.08
C GLY B 28 -1.69 -2.88 3.57
N ILE B 29 -2.08 -2.25 2.45
CA ILE B 29 -1.32 -1.12 1.93
C ILE B 29 -1.43 0.04 2.92
N THR B 30 -0.31 0.38 3.54
CA THR B 30 -0.32 1.40 4.58
C THR B 30 -0.44 2.80 3.98
N LYS B 31 -0.97 3.72 4.79
CA LYS B 31 -1.04 5.12 4.40
C LYS B 31 0.32 5.73 4.07
N PRO B 32 1.38 5.52 4.86
CA PRO B 32 2.69 6.04 4.44
C PRO B 32 3.19 5.48 3.13
N ALA B 33 2.80 4.25 2.77
CA ALA B 33 3.18 3.72 1.47
C ALA B 33 2.56 4.53 0.33
N ILE B 34 1.27 4.85 0.45
CA ILE B 34 0.62 5.68 -0.56
C ILE B 34 1.22 7.07 -0.56
N ARG B 35 1.56 7.60 0.62
CA ARG B 35 2.21 8.89 0.69
C ARG B 35 3.55 8.89 -0.04
N ARG B 36 4.35 7.84 0.15
CA ARG B 36 5.64 7.74 -0.52
C ARG B 36 5.46 7.61 -2.03
N LEU B 37 4.47 6.82 -2.46
CA LEU B 37 4.22 6.69 -3.90
C LEU B 37 3.81 8.03 -4.51
N ALA B 38 2.98 8.79 -3.81
CA ALA B 38 2.61 10.12 -4.30
C ALA B 38 3.81 11.05 -4.33
N ARG B 39 4.66 11.00 -3.29
CA ARG B 39 5.84 11.87 -3.26
C ARG B 39 6.80 11.56 -4.39
N ARG B 40 6.98 10.27 -4.71
CA ARG B 40 7.82 9.89 -5.84
C ARG B 40 7.24 10.40 -7.16
N GLY B 41 5.93 10.58 -7.24
CA GLY B 41 5.27 11.13 -8.41
C GLY B 41 5.22 12.65 -8.46
N GLY B 42 5.87 13.33 -7.51
CA GLY B 42 5.88 14.78 -7.49
C GLY B 42 4.69 15.43 -6.81
N VAL B 43 3.89 14.67 -6.06
CA VAL B 43 2.74 15.24 -5.37
C VAL B 43 3.22 15.94 -4.11
N LYS B 44 2.85 17.21 -3.96
CA LYS B 44 3.27 18.01 -2.81
C LYS B 44 2.25 17.96 -1.67
N ARG B 45 0.96 18.04 -1.98
CA ARG B 45 -0.09 18.02 -0.97
C ARG B 45 -1.03 16.85 -1.27
N ILE B 46 -1.32 16.07 -0.24
CA ILE B 46 -2.17 14.88 -0.36
C ILE B 46 -3.39 15.06 0.52
N SER B 47 -4.57 14.93 -0.07
CA SER B 47 -5.80 14.99 0.70
C SER B 47 -5.93 13.75 1.57
N GLY B 48 -6.60 13.92 2.71
CA GLY B 48 -6.70 12.84 3.68
C GLY B 48 -7.51 11.65 3.21
N LEU B 49 -8.37 11.84 2.21
CA LEU B 49 -9.24 10.78 1.70
C LEU B 49 -8.78 10.22 0.36
N ILE B 50 -7.52 10.45 -0.02
CA ILE B 50 -7.01 9.88 -1.27
C ILE B 50 -6.79 8.38 -1.12
N TYR B 51 -6.49 7.93 0.09
CA TYR B 51 -5.95 6.59 0.33
C TYR B 51 -6.92 5.48 -0.08
N GLU B 52 -8.21 5.63 0.22
CA GLU B 52 -9.14 4.54 -0.05
C GLU B 52 -9.32 4.31 -1.55
N GLU B 53 -9.48 5.38 -2.33
CA GLU B 53 -9.63 5.19 -3.77
C GLU B 53 -8.30 4.84 -4.42
N THR B 54 -7.18 5.28 -3.84
CA THR B 54 -5.88 4.83 -4.31
C THR B 54 -5.74 3.32 -4.15
N ARG B 55 -6.16 2.80 -2.99
CA ARG B 55 -6.16 1.37 -2.75
C ARG B 55 -7.11 0.65 -3.69
N GLY B 56 -8.25 1.28 -3.99
CA GLY B 56 -9.18 0.69 -4.94
C GLY B 56 -8.61 0.61 -6.34
N VAL B 57 -7.91 1.66 -6.78
CA VAL B 57 -7.28 1.64 -8.10
C VAL B 57 -6.17 0.60 -8.14
N LEU B 58 -5.42 0.48 -7.03
CA LEU B 58 -4.40 -0.56 -6.95
C LEU B 58 -5.03 -1.95 -7.06
N LYS B 59 -6.15 -2.16 -6.37
CA LYS B 59 -6.85 -3.43 -6.46
C LYS B 59 -7.34 -3.68 -7.87
N VAL B 60 -7.75 -2.62 -8.58
CA VAL B 60 -8.17 -2.77 -9.97
C VAL B 60 -6.98 -3.21 -10.83
N PHE B 61 -5.82 -2.62 -10.60
CA PHE B 61 -4.63 -3.00 -11.36
C PHE B 61 -4.25 -4.46 -11.10
N LEU B 62 -4.30 -4.86 -9.83
CA LEU B 62 -4.02 -6.26 -9.51
C LEU B 62 -5.09 -7.19 -10.10
N GLU B 63 -6.35 -6.74 -10.09
CA GLU B 63 -7.43 -7.46 -10.78
C GLU B 63 -7.09 -7.70 -12.25
N ASN B 64 -6.55 -6.68 -12.92
CA ASN B 64 -6.18 -6.83 -14.32
C ASN B 64 -4.98 -7.74 -14.52
N VAL B 65 -3.98 -7.67 -13.64
CA VAL B 65 -2.71 -8.38 -13.88
C VAL B 65 -2.77 -9.83 -13.40
N ILE B 66 -3.15 -10.03 -12.14
CA ILE B 66 -3.11 -11.36 -11.54
C ILE B 66 -4.09 -12.29 -12.23
N ARG B 67 -5.18 -11.74 -12.79
CA ARG B 67 -6.11 -12.58 -13.53
C ARG B 67 -5.42 -13.24 -14.72
N ASP B 68 -4.69 -12.45 -15.52
CA ASP B 68 -3.97 -12.98 -16.66
C ASP B 68 -2.87 -13.94 -16.21
N ALA B 69 -2.16 -13.57 -15.13
CA ALA B 69 -1.10 -14.44 -14.62
C ALA B 69 -1.66 -15.79 -14.18
N VAL B 70 -2.79 -15.77 -13.48
CA VAL B 70 -3.43 -16.99 -13.00
C VAL B 70 -3.90 -17.83 -14.17
N THR B 71 -4.49 -17.20 -15.18
CA THR B 71 -4.94 -17.95 -16.35
C THR B 71 -3.76 -18.61 -17.06
N TYR B 72 -2.66 -17.89 -17.22
CA TYR B 72 -1.46 -18.45 -17.82
C TYR B 72 -0.94 -19.63 -17.01
N THR B 73 -0.93 -19.49 -15.69
CA THR B 73 -0.49 -20.59 -14.83
C THR B 73 -1.42 -21.80 -14.94
N GLU B 74 -2.74 -21.54 -15.02
CA GLU B 74 -3.70 -22.63 -15.13
C GLU B 74 -3.51 -23.41 -16.43
N HIS B 75 -3.28 -22.71 -17.53
CA HIS B 75 -3.05 -23.42 -18.78
C HIS B 75 -1.78 -24.25 -18.73
N ALA B 76 -0.73 -23.74 -18.11
CA ALA B 76 0.56 -24.43 -18.04
C ALA B 76 0.55 -25.66 -17.14
N LYS B 77 -0.60 -26.06 -16.59
CA LYS B 77 -0.71 -27.21 -15.69
C LYS B 77 0.21 -27.06 -14.48
N ARG B 78 0.38 -25.83 -14.00
CA ARG B 78 1.25 -25.53 -12.88
C ARG B 78 0.43 -24.97 -11.72
N LYS B 79 0.90 -25.28 -10.51
CA LYS B 79 0.30 -24.76 -9.29
C LYS B 79 1.10 -23.61 -8.68
N THR B 80 2.15 -23.15 -9.35
CA THR B 80 2.99 -22.05 -8.87
C THR B 80 3.06 -20.97 -9.94
N VAL B 81 2.82 -19.73 -9.53
CA VAL B 81 2.91 -18.59 -10.45
C VAL B 81 4.36 -18.15 -10.55
N THR B 82 4.87 -18.10 -11.78
CA THR B 82 6.26 -17.75 -12.04
C THR B 82 6.38 -16.30 -12.51
N ALA B 83 7.61 -15.79 -12.44
CA ALA B 83 7.86 -14.41 -12.85
C ALA B 83 7.68 -14.22 -14.35
N MET B 84 7.95 -15.26 -15.13
CA MET B 84 7.75 -15.16 -16.58
C MET B 84 6.27 -14.90 -16.90
N ASP B 85 5.37 -15.62 -16.22
CA ASP B 85 3.95 -15.39 -16.42
C ASP B 85 3.57 -13.97 -16.04
N VAL B 86 4.12 -13.47 -14.93
CA VAL B 86 3.79 -12.13 -14.47
C VAL B 86 4.23 -11.08 -15.49
N VAL B 87 5.49 -11.13 -15.92
CA VAL B 87 5.98 -10.15 -16.87
C VAL B 87 5.26 -10.28 -18.20
N TYR B 88 4.80 -11.49 -18.52
CA TYR B 88 4.17 -11.72 -19.82
C TYR B 88 2.74 -11.18 -19.82
N ALA B 89 2.04 -11.33 -18.70
CA ALA B 89 0.76 -10.67 -18.52
C ALA B 89 0.93 -9.16 -18.49
N LEU B 90 2.03 -8.68 -17.93
CA LEU B 90 2.28 -7.24 -17.95
C LEU B 90 2.51 -6.73 -19.36
N LYS B 91 3.25 -7.48 -20.18
CA LYS B 91 3.53 -7.02 -21.54
C LYS B 91 2.31 -7.15 -22.44
N ARG B 92 1.44 -8.14 -22.19
CA ARG B 92 0.24 -8.25 -22.99
C ARG B 92 -0.78 -7.16 -22.66
N GLN B 93 -0.64 -6.50 -21.51
CA GLN B 93 -1.54 -5.43 -21.09
C GLN B 93 -1.03 -4.04 -21.46
N GLY B 94 0.15 -3.96 -22.09
CA GLY B 94 0.74 -2.68 -22.42
C GLY B 94 1.61 -2.08 -21.35
N ARG B 95 2.07 -2.88 -20.39
CA ARG B 95 2.91 -2.43 -19.28
C ARG B 95 4.15 -3.31 -19.19
N THR B 96 4.83 -3.49 -20.32
CA THR B 96 6.00 -4.36 -20.38
C THR B 96 7.05 -3.92 -19.37
N LEU B 97 7.57 -4.89 -18.61
CA LEU B 97 8.54 -4.65 -17.56
C LEU B 97 9.81 -5.44 -17.86
N TYR B 98 10.95 -4.88 -17.47
CA TYR B 98 12.25 -5.48 -17.75
C TYR B 98 12.94 -5.89 -16.46
N GLY B 99 13.80 -6.91 -16.57
CA GLY B 99 14.60 -7.38 -15.45
C GLY B 99 14.14 -8.69 -14.86
N PHE B 100 12.95 -9.18 -15.20
CA PHE B 100 12.44 -10.44 -14.69
C PHE B 100 12.24 -11.46 -15.81
N GLY B 101 13.01 -11.34 -16.88
CA GLY B 101 12.94 -12.25 -18.01
C GLY B 101 13.87 -13.44 -17.92
N GLY B 102 14.56 -13.64 -16.80
CA GLY B 102 15.46 -14.75 -16.64
C GLY B 102 14.76 -16.07 -16.40
N ALA C 14 -21.26 -37.56 -45.90
CA ALA C 14 -21.40 -36.30 -46.60
C ALA C 14 -21.86 -35.19 -45.65
N LYS C 15 -21.17 -35.06 -44.53
CA LYS C 15 -21.47 -34.05 -43.52
C LYS C 15 -20.28 -33.13 -43.36
N THR C 16 -20.53 -31.83 -43.46
CA THR C 16 -19.45 -30.85 -43.29
C THR C 16 -19.08 -30.73 -41.82
N ARG C 17 -17.83 -30.30 -41.58
CA ARG C 17 -17.37 -30.13 -40.21
C ARG C 17 -18.12 -29.00 -39.50
N SER C 18 -18.50 -27.96 -40.23
CA SER C 18 -19.28 -26.87 -39.64
C SER C 18 -20.65 -27.37 -39.17
N SER C 19 -21.31 -28.19 -39.99
CA SER C 19 -22.61 -28.73 -39.61
C SER C 19 -22.45 -29.81 -38.54
N ARG C 20 -21.31 -30.51 -38.53
CA ARG C 20 -21.09 -31.55 -37.53
C ARG C 20 -21.03 -30.96 -36.12
N ALA C 21 -20.41 -29.80 -35.96
CA ALA C 21 -20.30 -29.13 -34.67
C ALA C 21 -21.51 -28.27 -34.34
N GLY C 22 -22.48 -28.18 -35.23
CA GLY C 22 -23.65 -27.36 -35.01
C GLY C 22 -23.36 -25.87 -34.95
N LEU C 23 -22.48 -25.39 -35.83
CA LEU C 23 -22.12 -23.99 -35.89
C LEU C 23 -22.34 -23.44 -37.29
N GLN C 24 -22.80 -22.19 -37.36
CA GLN C 24 -23.02 -21.53 -38.64
C GLN C 24 -21.74 -21.05 -39.29
N PHE C 25 -20.74 -20.66 -38.50
CA PHE C 25 -19.48 -20.18 -39.04
C PHE C 25 -18.71 -21.32 -39.68
N PRO C 26 -17.92 -21.02 -40.72
CA PRO C 26 -17.20 -22.08 -41.45
C PRO C 26 -15.99 -22.57 -40.68
N VAL C 27 -16.03 -23.85 -40.28
CA VAL C 27 -14.89 -24.45 -39.59
C VAL C 27 -13.70 -24.60 -40.55
N GLY C 28 -13.96 -25.05 -41.77
CA GLY C 28 -12.88 -25.26 -42.72
C GLY C 28 -12.19 -23.97 -43.13
N ARG C 29 -12.97 -22.91 -43.37
CA ARG C 29 -12.38 -21.62 -43.73
C ARG C 29 -11.53 -21.07 -42.59
N VAL C 30 -12.01 -21.20 -41.35
CA VAL C 30 -11.23 -20.73 -40.20
C VAL C 30 -9.95 -21.53 -40.06
N HIS C 31 -10.03 -22.85 -40.25
CA HIS C 31 -8.82 -23.67 -40.17
C HIS C 31 -7.82 -23.29 -41.25
N ARG C 32 -8.30 -23.03 -42.47
CA ARG C 32 -7.40 -22.63 -43.54
C ARG C 32 -6.77 -21.27 -43.25
N LEU C 33 -7.54 -20.35 -42.69
CA LEU C 33 -6.99 -19.04 -42.32
C LEU C 33 -5.93 -19.18 -41.22
N LEU C 34 -6.19 -20.06 -40.25
CA LEU C 34 -5.20 -20.30 -39.21
C LEU C 34 -3.92 -20.90 -39.78
N ARG C 35 -4.06 -21.82 -40.75
CA ARG C 35 -2.88 -22.38 -41.42
C ARG C 35 -2.13 -21.30 -42.18
N LYS C 36 -2.85 -20.42 -42.88
CA LYS C 36 -2.24 -19.39 -43.71
C LYS C 36 -1.60 -18.27 -42.89
N GLY C 37 -2.07 -18.03 -41.66
CA GLY C 37 -1.53 -16.95 -40.86
C GLY C 37 -0.19 -17.23 -40.22
N ASN C 38 0.34 -18.44 -40.38
CA ASN C 38 1.64 -18.82 -39.84
C ASN C 38 1.70 -18.63 -38.33
N TYR C 39 0.60 -18.87 -37.64
CA TYR C 39 0.57 -18.69 -36.19
C TYR C 39 1.32 -19.82 -35.49
N SER C 40 1.14 -21.06 -35.93
CA SER C 40 1.81 -22.19 -35.29
C SER C 40 2.06 -23.27 -36.34
N GLU C 41 2.99 -24.15 -36.02
CA GLU C 41 3.32 -25.25 -36.94
C GLU C 41 2.13 -26.19 -37.11
N ARG C 42 1.41 -26.48 -36.03
CA ARG C 42 0.30 -27.42 -36.07
C ARG C 42 -0.92 -26.81 -35.42
N VAL C 43 -2.09 -27.21 -35.91
CA VAL C 43 -3.38 -26.73 -35.42
C VAL C 43 -4.25 -27.93 -35.09
N GLY C 44 -4.88 -27.91 -33.93
CA GLY C 44 -5.70 -29.03 -33.51
C GLY C 44 -6.98 -29.12 -34.33
N ALA C 45 -7.62 -30.29 -34.27
CA ALA C 45 -8.85 -30.51 -35.03
C ALA C 45 -10.00 -29.69 -34.46
N GLY C 46 -10.11 -29.63 -33.13
CA GLY C 46 -11.17 -28.86 -32.52
C GLY C 46 -10.87 -27.37 -32.43
N ALA C 47 -9.67 -26.97 -32.84
CA ALA C 47 -9.31 -25.56 -32.81
C ALA C 47 -10.18 -24.72 -33.74
N PRO C 48 -10.37 -25.07 -35.03
CA PRO C 48 -11.29 -24.26 -35.85
C PRO C 48 -12.71 -24.31 -35.36
N VAL C 49 -13.13 -25.42 -34.75
CA VAL C 49 -14.49 -25.50 -34.20
C VAL C 49 -14.66 -24.50 -33.06
N TYR C 50 -13.67 -24.44 -32.15
CA TYR C 50 -13.72 -23.49 -31.05
C TYR C 50 -13.69 -22.06 -31.57
N LEU C 51 -12.85 -21.79 -32.57
CA LEU C 51 -12.81 -20.47 -33.19
C LEU C 51 -14.17 -20.09 -33.78
N ALA C 52 -14.79 -21.01 -34.51
CA ALA C 52 -16.08 -20.73 -35.11
C ALA C 52 -17.14 -20.47 -34.05
N ALA C 53 -17.11 -21.25 -32.97
CA ALA C 53 -18.08 -21.04 -31.89
C ALA C 53 -17.92 -19.66 -31.27
N VAL C 54 -16.68 -19.28 -30.95
CA VAL C 54 -16.46 -17.98 -30.31
C VAL C 54 -16.84 -16.84 -31.25
N LEU C 55 -16.44 -16.94 -32.51
CA LEU C 55 -16.74 -15.89 -33.48
C LEU C 55 -18.24 -15.77 -33.71
N GLU C 56 -18.93 -16.91 -33.79
CA GLU C 56 -20.37 -16.89 -33.97
C GLU C 56 -21.08 -16.28 -32.76
N TYR C 57 -20.61 -16.60 -31.56
CA TYR C 57 -21.20 -16.00 -30.37
C TYR C 57 -21.03 -14.48 -30.37
N LEU C 58 -19.81 -14.02 -30.66
CA LEU C 58 -19.57 -12.58 -30.69
C LEU C 58 -20.40 -11.89 -31.78
N THR C 59 -20.49 -12.51 -32.96
CA THR C 59 -21.26 -11.93 -34.05
C THR C 59 -22.74 -11.87 -33.70
N ALA C 60 -23.27 -12.93 -33.08
CA ALA C 60 -24.67 -12.94 -32.67
C ALA C 60 -24.93 -11.86 -31.63
N GLU C 61 -24.02 -11.70 -30.68
CA GLU C 61 -24.18 -10.70 -29.64
C GLU C 61 -24.21 -9.28 -30.23
N ILE C 62 -23.23 -8.98 -31.09
CA ILE C 62 -23.17 -7.64 -31.67
C ILE C 62 -24.36 -7.40 -32.59
N LEU C 63 -24.81 -8.43 -33.30
CA LEU C 63 -25.93 -8.28 -34.21
C LEU C 63 -27.23 -8.06 -33.45
N GLU C 64 -27.41 -8.77 -32.33
CA GLU C 64 -28.61 -8.55 -31.52
C GLU C 64 -28.60 -7.17 -30.89
N LEU C 65 -27.42 -6.69 -30.47
CA LEU C 65 -27.34 -5.32 -29.96
C LEU C 65 -27.67 -4.31 -31.04
N ALA C 66 -27.16 -4.51 -32.26
CA ALA C 66 -27.48 -3.60 -33.36
C ALA C 66 -28.97 -3.64 -33.69
N GLY C 67 -29.57 -4.84 -33.66
CA GLY C 67 -31.00 -4.93 -33.90
C GLY C 67 -31.83 -4.22 -32.86
N ASN C 68 -31.43 -4.35 -31.59
CA ASN C 68 -32.13 -3.62 -30.53
C ASN C 68 -31.99 -2.11 -30.71
N ALA C 69 -30.79 -1.66 -31.08
CA ALA C 69 -30.58 -0.23 -31.32
C ALA C 69 -31.43 0.27 -32.49
N ALA C 70 -31.52 -0.54 -33.56
CA ALA C 70 -32.34 -0.15 -34.70
C ALA C 70 -33.81 -0.11 -34.33
N ARG C 71 -34.27 -1.08 -33.54
CA ARG C 71 -35.67 -1.11 -33.11
C ARG C 71 -35.99 0.11 -32.25
N ASP C 72 -35.05 0.50 -31.38
CA ASP C 72 -35.25 1.68 -30.54
C ASP C 72 -35.39 2.96 -31.37
N ASN C 73 -34.83 2.98 -32.58
CA ASN C 73 -34.90 4.14 -33.45
C ASN C 73 -35.92 3.98 -34.57
N LYS C 74 -36.82 2.99 -34.46
CA LYS C 74 -37.86 2.74 -35.46
C LYS C 74 -37.27 2.51 -36.85
N LYS C 75 -36.23 1.69 -36.91
CA LYS C 75 -35.57 1.36 -38.17
C LYS C 75 -35.54 -0.15 -38.35
N THR C 76 -35.59 -0.59 -39.61
CA THR C 76 -35.63 -2.01 -39.93
C THR C 76 -34.31 -2.54 -40.49
N ARG C 77 -33.38 -1.67 -40.87
CA ARG C 77 -32.08 -2.07 -41.39
C ARG C 77 -30.98 -1.58 -40.45
N ILE C 78 -30.05 -2.48 -40.13
CA ILE C 78 -28.96 -2.12 -39.23
C ILE C 78 -27.97 -1.21 -39.97
N ILE C 79 -27.64 -0.09 -39.36
CA ILE C 79 -26.70 0.88 -39.92
C ILE C 79 -25.53 1.00 -38.96
N PRO C 80 -24.37 1.50 -39.40
CA PRO C 80 -23.23 1.61 -38.47
C PRO C 80 -23.51 2.47 -37.24
N ARG C 81 -24.41 3.46 -37.37
CA ARG C 81 -24.76 4.29 -36.22
C ARG C 81 -25.38 3.47 -35.10
N HIS C 82 -26.37 2.62 -35.44
CA HIS C 82 -27.01 1.80 -34.43
C HIS C 82 -26.03 0.84 -33.78
N LEU C 83 -25.15 0.24 -34.58
CA LEU C 83 -24.14 -0.66 -34.04
C LEU C 83 -23.19 0.06 -33.09
N GLN C 84 -22.74 1.25 -33.48
CA GLN C 84 -21.80 1.99 -32.62
C GLN C 84 -22.47 2.35 -31.30
N LEU C 85 -23.71 2.85 -31.37
CA LEU C 85 -24.44 3.15 -30.14
C LEU C 85 -24.63 1.90 -29.28
N ALA C 86 -24.97 0.78 -29.91
CA ALA C 86 -25.22 -0.44 -29.16
C ALA C 86 -23.97 -0.92 -28.44
N ILE C 87 -22.82 -0.93 -29.13
CA ILE C 87 -21.60 -1.45 -28.51
C ILE C 87 -21.09 -0.49 -27.44
N ARG C 88 -21.19 0.82 -27.68
CA ARG C 88 -20.79 1.78 -26.65
C ARG C 88 -21.71 1.69 -25.44
N ASN C 89 -22.98 1.33 -25.63
CA ASN C 89 -23.86 1.15 -24.48
C ASN C 89 -23.40 -0.02 -23.61
N ASP C 90 -22.98 -1.12 -24.23
CA ASP C 90 -22.53 -2.29 -23.49
C ASP C 90 -21.11 -2.03 -22.98
N GLU C 91 -20.94 -2.09 -21.65
CA GLU C 91 -19.63 -1.78 -21.07
C GLU C 91 -18.60 -2.85 -21.43
N GLU C 92 -19.02 -4.11 -21.49
CA GLU C 92 -18.11 -5.18 -21.92
C GLU C 92 -17.70 -4.98 -23.38
N LEU C 93 -18.65 -4.66 -24.25
CA LEU C 93 -18.34 -4.44 -25.65
C LEU C 93 -17.50 -3.17 -25.84
N ASN C 94 -17.78 -2.13 -25.05
CA ASN C 94 -16.97 -0.92 -25.10
C ASN C 94 -15.53 -1.21 -24.68
N LYS C 95 -15.36 -2.01 -23.64
CA LYS C 95 -14.01 -2.40 -23.22
C LYS C 95 -13.32 -3.23 -24.30
N LEU C 96 -14.07 -4.15 -24.93
CA LEU C 96 -13.48 -4.98 -25.98
C LEU C 96 -13.03 -4.13 -27.18
N LEU C 97 -13.84 -3.14 -27.55
CA LEU C 97 -13.54 -2.27 -28.69
C LEU C 97 -13.19 -0.85 -28.24
N GLY C 98 -12.43 -0.74 -27.15
CA GLY C 98 -12.03 0.57 -26.65
C GLY C 98 -11.11 1.33 -27.57
N ARG C 99 -10.31 0.62 -28.37
CA ARG C 99 -9.41 1.24 -29.33
C ARG C 99 -9.86 1.00 -30.77
N VAL C 100 -11.17 0.89 -30.98
CA VAL C 100 -11.75 0.57 -32.28
C VAL C 100 -12.72 1.66 -32.66
N THR C 101 -12.60 2.16 -33.89
CA THR C 101 -13.51 3.16 -34.43
C THR C 101 -14.28 2.58 -35.61
N ILE C 102 -15.59 2.79 -35.62
CA ILE C 102 -16.47 2.35 -36.69
C ILE C 102 -16.79 3.57 -37.56
N ALA C 103 -16.60 3.43 -38.87
CA ALA C 103 -16.94 4.52 -39.78
C ALA C 103 -18.43 4.80 -39.75
N GLN C 104 -18.81 6.08 -39.76
CA GLN C 104 -20.20 6.52 -39.81
C GLN C 104 -21.00 6.02 -38.61
N GLY C 105 -20.35 5.92 -37.44
CA GLY C 105 -21.01 5.42 -36.26
C GLY C 105 -21.39 6.52 -35.27
N GLY C 106 -20.69 7.64 -35.31
CA GLY C 106 -20.99 8.74 -34.41
C GLY C 106 -20.59 8.43 -32.98
N VAL C 107 -21.17 9.20 -32.06
CA VAL C 107 -20.88 9.07 -30.63
C VAL C 107 -22.21 9.00 -29.87
N LEU C 108 -22.11 8.50 -28.64
CA LEU C 108 -23.29 8.42 -27.78
C LEU C 108 -23.76 9.84 -27.42
N PRO C 109 -25.07 10.11 -27.47
CA PRO C 109 -25.56 11.40 -26.99
C PRO C 109 -25.31 11.53 -25.49
N ASN C 110 -24.41 12.43 -25.12
CA ASN C 110 -24.03 12.60 -23.73
C ASN C 110 -23.69 14.06 -23.49
N ILE C 111 -24.46 14.72 -22.63
CA ILE C 111 -24.26 16.11 -22.27
C ILE C 111 -24.04 16.19 -20.77
N GLN C 112 -22.96 16.85 -20.37
CA GLN C 112 -22.69 17.04 -18.95
C GLN C 112 -23.74 17.96 -18.32
N ALA C 113 -24.01 17.71 -17.04
CA ALA C 113 -24.99 18.54 -16.33
C ALA C 113 -24.55 19.99 -16.27
N VAL C 114 -23.24 20.23 -16.25
CA VAL C 114 -22.72 21.60 -16.27
C VAL C 114 -23.02 22.27 -17.60
N LEU C 115 -22.94 21.51 -18.70
CA LEU C 115 -23.24 22.06 -20.01
C LEU C 115 -24.71 22.45 -20.13
N LEU C 116 -25.57 21.81 -19.35
CA LEU C 116 -26.97 22.19 -19.30
C LEU C 116 -27.11 23.57 -18.65
N PRO C 117 -28.20 24.28 -18.91
CA PRO C 117 -28.38 25.60 -18.31
C PRO C 117 -28.36 25.52 -16.78
N LYS C 118 -27.74 26.53 -16.17
CA LYS C 118 -27.53 26.58 -14.73
C LYS C 118 -28.41 27.66 -14.09
N LYS C 119 -29.64 27.79 -14.56
CA LYS C 119 -30.59 28.76 -14.03
C LYS C 119 -30.92 28.46 -12.56
N ARG D 31 -10.10 -12.16 -61.84
CA ARG D 31 -9.94 -11.46 -60.59
C ARG D 31 -9.69 -12.43 -59.44
N SER D 32 -8.77 -12.07 -58.55
CA SER D 32 -8.47 -12.89 -57.40
C SER D 32 -9.65 -12.88 -56.42
N ARG D 33 -10.00 -14.05 -55.92
CA ARG D 33 -11.13 -14.17 -55.00
C ARG D 33 -10.79 -13.52 -53.66
N LYS D 34 -11.74 -12.75 -53.13
CA LYS D 34 -11.61 -12.10 -51.83
C LYS D 34 -12.67 -12.69 -50.91
N GLU D 35 -12.26 -13.66 -50.10
CA GLU D 35 -13.20 -14.35 -49.22
C GLU D 35 -13.65 -13.43 -48.08
N SER D 36 -14.86 -13.69 -47.59
CA SER D 36 -15.43 -12.91 -46.51
C SER D 36 -16.50 -13.74 -45.81
N TYR D 37 -16.88 -13.29 -44.62
CA TYR D 37 -17.89 -13.96 -43.81
C TYR D 37 -19.30 -13.47 -44.12
N SER D 38 -19.54 -12.93 -45.31
CA SER D 38 -20.82 -12.30 -45.63
C SER D 38 -22.00 -13.25 -45.43
N ILE D 39 -21.93 -14.44 -46.02
CA ILE D 39 -23.05 -15.38 -45.94
C ILE D 39 -23.26 -15.83 -44.50
N TYR D 40 -22.18 -16.11 -43.78
CA TYR D 40 -22.32 -16.61 -42.41
C TYR D 40 -22.86 -15.53 -41.48
N VAL D 41 -22.35 -14.30 -41.62
CA VAL D 41 -22.87 -13.19 -40.82
C VAL D 41 -24.33 -12.94 -41.13
N TYR D 42 -24.71 -13.04 -42.41
CA TYR D 42 -26.10 -12.85 -42.79
C TYR D 42 -26.99 -13.94 -42.19
N LYS D 43 -26.52 -15.19 -42.20
CA LYS D 43 -27.30 -16.27 -41.59
C LYS D 43 -27.46 -16.05 -40.09
N VAL D 44 -26.39 -15.60 -39.43
CA VAL D 44 -26.48 -15.32 -37.99
C VAL D 44 -27.49 -14.21 -37.73
N LEU D 45 -27.46 -13.15 -38.55
CA LEU D 45 -28.42 -12.05 -38.39
C LEU D 45 -29.85 -12.54 -38.59
N LYS D 46 -30.07 -13.38 -39.61
CA LYS D 46 -31.40 -13.92 -39.85
C LYS D 46 -31.87 -14.79 -38.69
N GLN D 47 -30.96 -15.57 -38.12
CA GLN D 47 -31.30 -16.38 -36.95
C GLN D 47 -31.68 -15.48 -35.77
N VAL D 48 -30.94 -14.41 -35.56
CA VAL D 48 -31.24 -13.52 -34.44
C VAL D 48 -32.41 -12.60 -34.77
N HIS D 49 -32.35 -11.92 -35.91
CA HIS D 49 -33.42 -11.00 -36.32
C HIS D 49 -33.86 -11.36 -37.73
N PRO D 50 -34.87 -12.21 -37.87
CA PRO D 50 -35.34 -12.59 -39.21
C PRO D 50 -35.84 -11.42 -40.05
N ASP D 51 -36.43 -10.41 -39.42
CA ASP D 51 -37.06 -9.30 -40.14
C ASP D 51 -36.17 -8.06 -40.22
N THR D 52 -34.87 -8.20 -39.97
CA THR D 52 -33.94 -7.08 -40.01
C THR D 52 -32.89 -7.32 -41.07
N GLY D 53 -32.65 -6.30 -41.91
CA GLY D 53 -31.63 -6.37 -42.94
C GLY D 53 -30.32 -5.77 -42.47
N ILE D 54 -29.35 -5.79 -43.39
CA ILE D 54 -28.01 -5.27 -43.12
C ILE D 54 -27.52 -4.52 -44.35
N SER D 55 -26.86 -3.38 -44.12
CA SER D 55 -26.34 -2.57 -45.20
C SER D 55 -24.91 -3.00 -45.57
N SER D 56 -24.43 -2.49 -46.70
CA SER D 56 -23.09 -2.84 -47.16
C SER D 56 -22.03 -2.31 -46.20
N LYS D 57 -22.19 -1.07 -45.73
CA LYS D 57 -21.23 -0.53 -44.76
C LYS D 57 -21.27 -1.33 -43.46
N ALA D 58 -22.47 -1.71 -43.02
CA ALA D 58 -22.59 -2.54 -41.81
C ALA D 58 -21.95 -3.90 -42.01
N MET D 59 -22.12 -4.49 -43.21
CA MET D 59 -21.48 -5.77 -43.49
C MET D 59 -19.96 -5.63 -43.51
N GLY D 60 -19.45 -4.51 -44.02
CA GLY D 60 -18.03 -4.25 -43.96
C GLY D 60 -17.53 -4.12 -42.53
N ILE D 61 -18.29 -3.44 -41.67
CA ILE D 61 -17.93 -3.36 -40.27
C ILE D 61 -17.94 -4.73 -39.62
N MET D 62 -18.94 -5.56 -39.95
CA MET D 62 -18.98 -6.93 -39.47
C MET D 62 -17.70 -7.68 -39.86
N ASN D 63 -17.31 -7.58 -41.14
CA ASN D 63 -16.14 -8.30 -41.62
C ASN D 63 -14.87 -7.81 -40.94
N SER D 64 -14.73 -6.49 -40.81
CA SER D 64 -13.55 -5.94 -40.14
C SER D 64 -13.48 -6.39 -38.69
N PHE D 65 -14.62 -6.38 -37.99
CA PHE D 65 -14.64 -6.79 -36.59
C PHE D 65 -14.29 -8.26 -36.44
N VAL D 66 -14.87 -9.13 -37.27
CA VAL D 66 -14.60 -10.56 -37.13
C VAL D 66 -13.16 -10.87 -37.51
N ASN D 67 -12.63 -10.18 -38.53
CA ASN D 67 -11.23 -10.37 -38.90
C ASN D 67 -10.30 -9.91 -37.78
N ASP D 68 -10.61 -8.77 -37.15
CA ASP D 68 -9.78 -8.29 -36.05
C ASP D 68 -9.82 -9.22 -34.86
N ILE D 69 -11.01 -9.74 -34.53
CA ILE D 69 -11.13 -10.68 -33.42
C ILE D 69 -10.36 -11.96 -33.72
N PHE D 70 -10.48 -12.46 -34.94
CA PHE D 70 -9.75 -13.66 -35.34
C PHE D 70 -8.25 -13.43 -35.26
N GLU D 71 -7.78 -12.27 -35.73
CA GLU D 71 -6.35 -11.97 -35.67
C GLU D 71 -5.87 -11.88 -34.23
N ARG D 72 -6.63 -11.21 -33.36
CA ARG D 72 -6.23 -11.08 -31.96
C ARG D 72 -6.17 -12.43 -31.28
N ILE D 73 -7.21 -13.25 -31.46
CA ILE D 73 -7.27 -14.54 -30.77
C ILE D 73 -6.19 -15.48 -31.31
N ALA D 74 -5.95 -15.45 -32.64
CA ALA D 74 -4.93 -16.29 -33.21
C ALA D 74 -3.54 -15.87 -32.76
N GLY D 75 -3.29 -14.56 -32.67
CA GLY D 75 -2.03 -14.09 -32.15
C GLY D 75 -1.82 -14.49 -30.70
N GLU D 76 -2.86 -14.36 -29.88
CA GLU D 76 -2.75 -14.76 -28.48
C GLU D 76 -2.47 -16.26 -28.37
N ALA D 77 -3.18 -17.08 -29.16
CA ALA D 77 -2.97 -18.52 -29.12
C ALA D 77 -1.57 -18.89 -29.58
N SER D 78 -1.09 -18.26 -30.65
CA SER D 78 0.26 -18.53 -31.15
C SER D 78 1.31 -18.14 -30.13
N ARG D 79 1.16 -16.96 -29.53
CA ARG D 79 2.10 -16.54 -28.51
C ARG D 79 2.09 -17.51 -27.33
N LEU D 80 0.90 -17.94 -26.91
CA LEU D 80 0.81 -18.84 -25.76
C LEU D 80 1.42 -20.20 -26.08
N ALA D 81 1.21 -20.71 -27.30
CA ALA D 81 1.85 -21.95 -27.70
C ALA D 81 3.38 -21.80 -27.69
N HIS D 82 3.88 -20.65 -28.14
CA HIS D 82 5.31 -20.41 -28.06
C HIS D 82 5.77 -20.34 -26.60
N TYR D 83 4.91 -19.86 -25.69
CA TYR D 83 5.33 -19.64 -24.32
C TYR D 83 5.65 -20.96 -23.62
N ASN D 84 4.81 -21.98 -23.80
CA ASN D 84 4.98 -23.26 -23.14
C ASN D 84 5.79 -24.25 -23.97
N LYS D 85 6.52 -23.77 -24.98
CA LYS D 85 7.30 -24.63 -25.87
C LYS D 85 6.43 -25.68 -26.54
N ARG D 86 5.23 -25.28 -26.94
CA ARG D 86 4.26 -26.15 -27.60
C ARG D 86 4.16 -25.75 -29.06
N SER D 87 4.34 -26.72 -29.96
CA SER D 87 4.26 -26.47 -31.39
C SER D 87 2.87 -26.77 -31.96
N THR D 88 1.91 -27.15 -31.13
CA THR D 88 0.56 -27.47 -31.58
C THR D 88 -0.44 -26.65 -30.77
N ILE D 89 -1.38 -26.02 -31.47
CA ILE D 89 -2.43 -25.23 -30.83
C ILE D 89 -3.70 -26.06 -30.81
N THR D 90 -4.23 -26.29 -29.63
CA THR D 90 -5.45 -27.05 -29.42
C THR D 90 -6.54 -26.13 -28.87
N SER D 91 -7.69 -26.74 -28.54
CA SER D 91 -8.81 -25.96 -28.03
C SER D 91 -8.51 -25.34 -26.68
N ARG D 92 -7.61 -25.95 -25.90
CA ARG D 92 -7.27 -25.41 -24.58
C ARG D 92 -6.57 -24.06 -24.70
N GLU D 93 -5.65 -23.93 -25.66
CA GLU D 93 -4.96 -22.66 -25.86
C GLU D 93 -5.93 -21.56 -26.25
N ILE D 94 -6.88 -21.88 -27.13
CA ILE D 94 -7.85 -20.89 -27.58
C ILE D 94 -8.80 -20.53 -26.45
N GLN D 95 -9.19 -21.50 -25.63
CA GLN D 95 -10.02 -21.21 -24.47
C GLN D 95 -9.30 -20.27 -23.50
N THR D 96 -8.02 -20.55 -23.25
CA THR D 96 -7.23 -19.68 -22.37
C THR D 96 -7.12 -18.27 -22.95
N ALA D 97 -6.89 -18.16 -24.25
CA ALA D 97 -6.77 -16.85 -24.89
C ALA D 97 -8.11 -16.11 -24.88
N VAL D 98 -9.22 -16.84 -25.02
CA VAL D 98 -10.54 -16.22 -24.94
C VAL D 98 -10.78 -15.68 -23.54
N ARG D 99 -10.40 -16.45 -22.52
CA ARG D 99 -10.53 -15.96 -21.14
C ARG D 99 -9.65 -14.73 -20.92
N LEU D 100 -8.45 -14.73 -21.52
CA LEU D 100 -7.56 -13.58 -21.39
C LEU D 100 -8.14 -12.33 -22.05
N LEU D 101 -8.72 -12.49 -23.24
CA LEU D 101 -9.18 -11.35 -24.03
C LEU D 101 -10.58 -10.89 -23.63
N LEU D 102 -11.57 -11.78 -23.75
CA LEU D 102 -12.95 -11.39 -23.48
C LEU D 102 -13.13 -11.13 -21.99
N PRO D 103 -13.79 -10.04 -21.61
CA PRO D 103 -13.99 -9.76 -20.18
C PRO D 103 -15.26 -10.39 -19.63
N GLY D 104 -15.11 -11.15 -18.55
CA GLY D 104 -16.23 -11.65 -17.77
C GLY D 104 -17.26 -12.48 -18.50
N GLU D 105 -18.48 -11.94 -18.61
CA GLU D 105 -19.61 -12.70 -19.13
C GLU D 105 -19.36 -13.15 -20.57
N LEU D 106 -18.78 -12.27 -21.40
CA LEU D 106 -18.44 -12.64 -22.77
C LEU D 106 -17.51 -13.85 -22.77
N ALA D 107 -16.47 -13.82 -21.94
CA ALA D 107 -15.53 -14.93 -21.88
C ALA D 107 -16.21 -16.22 -21.43
N LYS D 108 -17.06 -16.13 -20.40
CA LYS D 108 -17.71 -17.33 -19.88
C LYS D 108 -18.62 -17.95 -20.92
N HIS D 109 -19.45 -17.13 -21.58
CA HIS D 109 -20.35 -17.66 -22.60
C HIS D 109 -19.59 -18.21 -23.79
N ALA D 110 -18.53 -17.52 -24.23
CA ALA D 110 -17.73 -18.01 -25.34
C ALA D 110 -17.08 -19.34 -25.00
N VAL D 111 -16.55 -19.47 -23.78
CA VAL D 111 -15.92 -20.72 -23.36
C VAL D 111 -16.95 -21.84 -23.32
N SER D 112 -18.14 -21.57 -22.77
CA SER D 112 -19.16 -22.60 -22.69
C SER D 112 -19.60 -23.06 -24.07
N GLU D 113 -19.83 -22.12 -24.98
CA GLU D 113 -20.26 -22.51 -26.33
C GLU D 113 -19.15 -23.22 -27.09
N GLY D 114 -17.90 -22.79 -26.92
CA GLY D 114 -16.80 -23.48 -27.56
C GLY D 114 -16.64 -24.90 -27.04
N THR D 115 -16.77 -25.10 -25.73
CA THR D 115 -16.70 -26.44 -25.17
C THR D 115 -17.84 -27.31 -25.68
N LYS D 116 -19.05 -26.75 -25.76
CA LYS D 116 -20.18 -27.51 -26.29
C LYS D 116 -19.95 -27.89 -27.74
N ALA D 117 -19.45 -26.96 -28.55
CA ALA D 117 -19.19 -27.25 -29.96
C ALA D 117 -18.11 -28.32 -30.11
N VAL D 118 -17.05 -28.25 -29.30
CA VAL D 118 -15.99 -29.25 -29.37
C VAL D 118 -16.54 -30.62 -28.97
N THR D 119 -17.35 -30.67 -27.91
CA THR D 119 -17.93 -31.93 -27.49
C THR D 119 -18.85 -32.52 -28.57
N LYS D 120 -19.64 -31.66 -29.23
CA LYS D 120 -20.49 -32.13 -30.31
C LYS D 120 -19.66 -32.65 -31.48
N TYR D 121 -18.58 -31.95 -31.82
CA TYR D 121 -17.72 -32.39 -32.92
C TYR D 121 -17.07 -33.73 -32.62
N THR D 122 -16.57 -33.91 -31.39
CA THR D 122 -15.92 -35.16 -31.02
C THR D 122 -16.90 -36.29 -30.73
N SER D 123 -18.20 -36.00 -30.64
CA SER D 123 -19.21 -37.02 -30.39
C SER D 123 -19.69 -37.70 -31.65
N ALA D 124 -19.22 -37.28 -32.82
CA ALA D 124 -19.63 -37.87 -34.08
C ALA D 124 -18.46 -38.57 -34.77
N THR E 45 -27.61 27.89 -25.22
CA THR E 45 -28.86 27.46 -25.79
C THR E 45 -28.66 26.92 -27.21
N VAL E 46 -28.25 27.80 -28.11
CA VAL E 46 -28.01 27.38 -29.50
C VAL E 46 -26.82 26.44 -29.58
N ALA E 47 -25.74 26.74 -28.86
CA ALA E 47 -24.55 25.91 -28.90
C ALA E 47 -24.89 24.46 -28.55
N LEU E 48 -25.68 24.26 -27.49
CA LEU E 48 -26.18 22.93 -27.17
C LEU E 48 -27.02 22.36 -28.30
N ARG E 49 -27.71 23.23 -29.06
CA ARG E 49 -28.53 22.76 -30.17
C ARG E 49 -27.66 22.11 -31.24
N GLU E 50 -26.61 22.80 -31.69
CA GLU E 50 -25.78 22.12 -32.70
C GLU E 50 -24.96 21.00 -32.09
N ILE E 51 -24.67 21.05 -30.78
CA ILE E 51 -24.02 19.92 -30.14
C ILE E 51 -24.87 18.67 -30.27
N ARG E 52 -26.17 18.78 -29.93
CA ARG E 52 -27.08 17.66 -30.07
C ARG E 52 -27.23 17.24 -31.53
N ARG E 53 -27.32 18.22 -32.43
CA ARG E 53 -27.50 17.91 -33.85
C ARG E 53 -26.33 17.10 -34.39
N TYR E 54 -25.10 17.51 -34.06
CA TYR E 54 -23.92 16.80 -34.58
C TYR E 54 -23.68 15.49 -33.83
N GLN E 55 -24.10 15.39 -32.58
CA GLN E 55 -24.01 14.10 -31.89
C GLN E 55 -25.01 13.09 -32.44
N LYS E 56 -26.18 13.54 -32.89
CA LYS E 56 -27.14 12.64 -33.50
C LYS E 56 -26.70 12.15 -34.87
N SER E 57 -26.15 13.02 -35.72
CA SER E 57 -25.77 12.67 -37.07
C SER E 57 -24.35 12.11 -37.11
N THR E 58 -24.02 11.43 -38.21
CA THR E 58 -22.73 10.79 -38.38
C THR E 58 -22.02 11.20 -39.66
N GLU E 59 -22.54 12.19 -40.39
CA GLU E 59 -21.94 12.58 -41.65
C GLU E 59 -20.56 13.20 -41.44
N LEU E 60 -19.74 13.12 -42.48
CA LEU E 60 -18.40 13.70 -42.43
C LEU E 60 -18.48 15.21 -42.20
N LEU E 61 -17.60 15.71 -41.34
CA LEU E 61 -17.66 17.08 -40.88
C LEU E 61 -16.60 17.99 -41.49
N ILE E 62 -15.48 17.44 -41.94
CA ILE E 62 -14.43 18.21 -42.62
C ILE E 62 -14.68 18.13 -44.12
N ARG E 63 -14.55 19.26 -44.80
CA ARG E 63 -14.77 19.31 -46.24
C ARG E 63 -13.74 18.43 -46.96
N LYS E 64 -14.19 17.76 -48.02
CA LYS E 64 -13.38 16.74 -48.67
C LYS E 64 -12.16 17.36 -49.35
N LEU E 65 -12.38 18.40 -50.14
CA LEU E 65 -11.28 18.98 -50.93
C LEU E 65 -10.17 19.57 -50.08
N PRO E 66 -10.43 20.39 -49.06
CA PRO E 66 -9.31 20.88 -48.23
C PRO E 66 -8.53 19.78 -47.55
N PHE E 67 -9.21 18.76 -47.04
CA PHE E 67 -8.52 17.65 -46.40
C PHE E 67 -7.66 16.89 -47.40
N GLN E 68 -8.19 16.65 -48.61
CA GLN E 68 -7.41 15.98 -49.64
C GLN E 68 -6.19 16.80 -50.03
N ARG E 69 -6.35 18.13 -50.15
CA ARG E 69 -5.23 18.98 -50.48
C ARG E 69 -4.16 18.94 -49.39
N LEU E 70 -4.58 18.98 -48.12
CA LEU E 70 -3.61 18.93 -47.02
C LEU E 70 -2.88 17.59 -47.01
N VAL E 71 -3.61 16.49 -47.23
CA VAL E 71 -2.97 15.17 -47.28
C VAL E 71 -1.97 15.10 -48.43
N ARG E 72 -2.35 15.62 -49.60
CA ARG E 72 -1.45 15.62 -50.73
C ARG E 72 -0.20 16.44 -50.46
N GLU E 73 -0.37 17.61 -49.84
CA GLU E 73 0.79 18.44 -49.52
C GLU E 73 1.73 17.76 -48.54
N ILE E 74 1.17 17.17 -47.47
CA ILE E 74 2.03 16.55 -46.46
C ILE E 74 2.71 15.31 -47.02
N ALA E 75 2.01 14.55 -47.87
CA ALA E 75 2.65 13.38 -48.49
C ALA E 75 3.74 13.80 -49.46
N GLN E 76 3.51 14.86 -50.24
CA GLN E 76 4.53 15.38 -51.13
C GLN E 76 5.75 15.84 -50.34
N ASP E 77 5.51 16.40 -49.15
CA ASP E 77 6.62 16.70 -48.24
C ASP E 77 7.34 15.41 -47.85
N PHE E 78 6.58 14.35 -47.57
CA PHE E 78 7.19 13.04 -47.32
C PHE E 78 7.84 12.48 -48.58
N LYS E 79 7.09 12.47 -49.69
CA LYS E 79 7.58 11.91 -50.94
C LYS E 79 6.72 12.40 -52.09
N THR E 80 7.35 12.89 -53.15
CA THR E 80 6.66 13.43 -54.30
C THR E 80 6.20 12.31 -55.24
N ASP E 81 5.30 12.67 -56.16
CA ASP E 81 4.76 11.75 -57.16
C ASP E 81 4.10 10.54 -56.49
N LEU E 82 3.05 10.80 -55.72
CA LEU E 82 2.36 9.76 -54.95
C LEU E 82 0.87 9.84 -55.26
N ARG E 83 0.34 8.81 -55.91
CA ARG E 83 -1.08 8.76 -56.25
C ARG E 83 -1.90 8.33 -55.04
N PHE E 84 -3.15 8.80 -54.98
CA PHE E 84 -4.03 8.55 -53.86
C PHE E 84 -5.32 7.91 -54.34
N GLN E 85 -5.83 6.95 -53.56
CA GLN E 85 -7.15 6.40 -53.81
C GLN E 85 -8.20 7.19 -53.04
N SER E 86 -9.42 7.22 -53.59
CA SER E 86 -10.51 7.90 -52.90
C SER E 86 -10.83 7.23 -51.57
N SER E 87 -10.79 5.90 -51.54
CA SER E 87 -11.03 5.18 -50.30
C SER E 87 -9.97 5.51 -49.26
N ALA E 88 -8.72 5.67 -49.69
CA ALA E 88 -7.67 6.07 -48.77
C ALA E 88 -7.94 7.44 -48.18
N VAL E 89 -8.37 8.40 -49.01
CA VAL E 89 -8.67 9.74 -48.52
C VAL E 89 -9.84 9.69 -47.55
N MET E 90 -10.87 8.90 -47.86
CA MET E 90 -11.99 8.74 -46.94
C MET E 90 -11.54 8.14 -45.61
N ALA E 91 -10.64 7.16 -45.66
CA ALA E 91 -10.14 6.55 -44.43
C ALA E 91 -9.36 7.54 -43.59
N LEU E 92 -8.48 8.32 -44.21
CA LEU E 92 -7.77 9.37 -43.48
C LEU E 92 -8.74 10.34 -42.85
N GLN E 93 -9.76 10.77 -43.62
CA GLN E 93 -10.71 11.74 -43.09
C GLN E 93 -11.47 11.19 -41.89
N GLU E 94 -11.94 9.95 -41.98
CA GLU E 94 -12.72 9.37 -40.89
C GLU E 94 -11.85 9.16 -39.65
N ALA E 95 -10.62 8.68 -39.85
CA ALA E 95 -9.71 8.50 -38.72
C ALA E 95 -9.41 9.83 -38.04
N CYS E 96 -9.18 10.87 -38.84
CA CYS E 96 -8.89 12.19 -38.27
C CYS E 96 -10.11 12.74 -37.52
N GLU E 97 -11.31 12.54 -38.07
CA GLU E 97 -12.51 12.99 -37.37
C GLU E 97 -12.68 12.26 -36.04
N ALA E 98 -12.46 10.95 -36.03
CA ALA E 98 -12.57 10.20 -34.78
C ALA E 98 -11.54 10.67 -33.76
N TYR E 99 -10.29 10.86 -34.20
CA TYR E 99 -9.25 11.32 -33.29
C TYR E 99 -9.56 12.70 -32.75
N LEU E 100 -10.05 13.60 -33.59
CA LEU E 100 -10.40 14.95 -33.15
C LEU E 100 -11.58 14.93 -32.18
N VAL E 101 -12.56 14.05 -32.42
CA VAL E 101 -13.69 13.94 -31.51
C VAL E 101 -13.23 13.44 -30.15
N GLY E 102 -12.38 12.42 -30.13
CA GLY E 102 -11.84 11.94 -28.86
C GLY E 102 -11.03 13.00 -28.13
N LEU E 103 -10.18 13.73 -28.87
CA LEU E 103 -9.40 14.80 -28.27
C LEU E 103 -10.32 15.89 -27.71
N PHE E 104 -11.38 16.22 -28.43
CA PHE E 104 -12.29 17.28 -27.98
C PHE E 104 -13.06 16.86 -26.74
N GLU E 105 -13.51 15.60 -26.67
CA GLU E 105 -14.24 15.17 -25.48
C GLU E 105 -13.31 15.09 -24.25
N ASP E 106 -12.08 14.59 -24.45
CA ASP E 106 -11.12 14.62 -23.36
C ASP E 106 -10.79 16.05 -22.94
N THR E 107 -10.70 16.96 -23.91
CA THR E 107 -10.43 18.36 -23.62
C THR E 107 -11.57 19.00 -22.83
N ASN E 108 -12.82 18.67 -23.19
CA ASN E 108 -13.97 19.19 -22.45
C ASN E 108 -13.97 18.64 -21.02
N LEU E 109 -13.63 17.37 -20.85
CA LEU E 109 -13.54 16.80 -19.50
C LEU E 109 -12.46 17.51 -18.69
N CYS E 110 -11.31 17.78 -19.31
CA CYS E 110 -10.26 18.51 -18.62
C CYS E 110 -10.70 19.92 -18.26
N ALA E 111 -11.41 20.60 -19.18
CA ALA E 111 -11.85 21.96 -18.93
C ALA E 111 -12.84 22.04 -17.79
N ILE E 112 -13.80 21.11 -17.75
CA ILE E 112 -14.75 21.10 -16.63
C ILE E 112 -14.07 20.63 -15.36
N HIS E 113 -12.98 19.86 -15.49
CA HIS E 113 -12.19 19.52 -14.31
C HIS E 113 -11.60 20.77 -13.65
N ALA E 114 -11.35 21.81 -14.43
CA ALA E 114 -10.87 23.09 -13.91
C ALA E 114 -12.00 24.08 -13.67
N LYS E 115 -13.23 23.60 -13.47
CA LYS E 115 -14.39 24.44 -13.21
C LYS E 115 -14.63 25.47 -14.31
N ARG E 116 -14.43 25.06 -15.57
CA ARG E 116 -14.62 25.94 -16.71
C ARG E 116 -15.38 25.21 -17.80
N VAL E 117 -16.10 25.97 -18.63
CA VAL E 117 -16.82 25.42 -19.77
C VAL E 117 -16.18 25.79 -21.10
N THR E 118 -15.17 26.65 -21.09
CA THR E 118 -14.43 27.02 -22.28
C THR E 118 -13.07 26.34 -22.24
N ILE E 119 -12.71 25.65 -23.33
CA ILE E 119 -11.47 24.88 -23.33
C ILE E 119 -10.29 25.78 -23.65
N MET E 120 -9.18 25.54 -22.99
CA MET E 120 -7.94 26.28 -23.11
C MET E 120 -6.87 25.40 -23.75
N PRO E 121 -5.80 25.99 -24.29
CA PRO E 121 -4.72 25.16 -24.85
C PRO E 121 -4.13 24.20 -23.85
N LYS E 122 -4.08 24.58 -22.56
CA LYS E 122 -3.57 23.69 -21.53
C LYS E 122 -4.39 22.41 -21.45
N ASP E 123 -5.70 22.51 -21.69
CA ASP E 123 -6.56 21.33 -21.70
C ASP E 123 -6.09 20.31 -22.73
N ILE E 124 -5.92 20.76 -23.98
CA ILE E 124 -5.48 19.86 -25.05
C ILE E 124 -4.09 19.33 -24.74
N GLN E 125 -3.18 20.19 -24.29
CA GLN E 125 -1.81 19.77 -24.03
C GLN E 125 -1.77 18.68 -22.96
N LEU E 126 -2.47 18.88 -21.84
CA LEU E 126 -2.45 17.91 -20.76
C LEU E 126 -3.19 16.63 -21.15
N ALA E 127 -4.27 16.75 -21.91
CA ALA E 127 -4.96 15.55 -22.38
C ALA E 127 -4.04 14.70 -23.25
N ARG E 128 -3.31 15.35 -24.16
CA ARG E 128 -2.39 14.61 -25.02
C ARG E 128 -1.24 14.01 -24.21
N ARG E 129 -0.74 14.75 -23.22
CA ARG E 129 0.35 14.23 -22.39
C ARG E 129 -0.09 13.01 -21.59
N ILE E 130 -1.29 13.05 -21.02
CA ILE E 130 -1.80 11.90 -20.27
C ILE E 130 -2.07 10.74 -21.22
N ARG E 131 -2.53 11.03 -22.43
CA ARG E 131 -2.70 10.00 -23.44
C ARG E 131 -1.38 9.38 -23.89
N GLY E 132 -0.25 10.00 -23.56
CA GLY E 132 1.04 9.49 -23.96
C GLY E 132 1.52 9.95 -25.32
N GLU E 133 0.78 10.84 -26.00
CA GLU E 133 1.20 11.32 -27.30
C GLU E 133 2.34 12.32 -27.21
N ARG E 134 2.55 12.93 -26.04
CA ARG E 134 3.61 13.91 -25.86
C ARG E 134 4.69 13.46 -24.88
N ALA E 135 4.31 13.03 -23.69
CA ALA E 135 5.29 12.60 -22.69
C ALA E 135 4.67 11.59 -21.74
N ARG F 19 2.88 18.01 -61.68
CA ARG F 19 2.43 18.00 -60.30
C ARG F 19 2.76 19.32 -59.60
N LYS F 20 1.74 20.14 -59.38
CA LYS F 20 1.92 21.39 -58.67
C LYS F 20 2.29 21.12 -57.22
N VAL F 21 3.26 21.88 -56.71
CA VAL F 21 3.71 21.75 -55.33
C VAL F 21 2.68 22.48 -54.46
N LEU F 22 1.92 21.72 -53.69
CA LEU F 22 0.91 22.29 -52.83
C LEU F 22 1.53 22.83 -51.55
N ARG F 23 1.02 23.98 -51.10
CA ARG F 23 1.53 24.60 -49.88
C ARG F 23 0.42 25.38 -49.22
N ASP F 24 0.58 25.61 -47.92
CA ASP F 24 -0.39 26.36 -47.11
C ASP F 24 -1.79 25.77 -47.20
N ASN F 25 -1.87 24.44 -47.19
CA ASN F 25 -3.16 23.75 -47.19
C ASN F 25 -3.68 23.46 -45.80
N ILE F 26 -2.91 23.77 -44.75
CA ILE F 26 -3.40 23.61 -43.39
C ILE F 26 -4.55 24.57 -43.12
N GLN F 27 -4.60 25.70 -43.83
CA GLN F 27 -5.71 26.63 -43.69
C GLN F 27 -7.01 26.08 -44.25
N GLY F 28 -6.97 24.96 -44.97
CA GLY F 28 -8.18 24.34 -45.46
C GLY F 28 -9.10 23.82 -44.37
N ILE F 29 -8.55 23.58 -43.18
CA ILE F 29 -9.36 23.20 -42.03
C ILE F 29 -9.99 24.46 -41.46
N THR F 30 -11.20 24.76 -41.90
CA THR F 30 -11.81 26.05 -41.63
C THR F 30 -12.20 26.18 -40.15
N LYS F 31 -12.30 27.43 -39.70
CA LYS F 31 -12.76 27.71 -38.35
C LYS F 31 -14.15 27.11 -38.05
N PRO F 32 -15.15 27.24 -38.92
CA PRO F 32 -16.42 26.54 -38.64
C PRO F 32 -16.26 25.03 -38.54
N ALA F 33 -15.35 24.44 -39.30
CA ALA F 33 -15.14 23.00 -39.22
C ALA F 33 -14.62 22.60 -37.84
N ILE F 34 -13.65 23.34 -37.31
CA ILE F 34 -13.12 23.03 -35.99
C ILE F 34 -14.18 23.30 -34.92
N ARG F 35 -14.98 24.35 -35.10
CA ARG F 35 -16.07 24.62 -34.16
C ARG F 35 -17.07 23.48 -34.15
N ARG F 36 -17.46 22.98 -35.33
CA ARG F 36 -18.38 21.86 -35.41
C ARG F 36 -17.80 20.60 -34.78
N LEU F 37 -16.51 20.36 -35.01
CA LEU F 37 -15.86 19.20 -34.40
C LEU F 37 -15.87 19.31 -32.88
N ALA F 38 -15.61 20.51 -32.35
CA ALA F 38 -15.70 20.71 -30.91
C ALA F 38 -17.11 20.48 -30.40
N ARG F 39 -18.11 20.96 -31.14
CA ARG F 39 -19.51 20.74 -30.74
C ARG F 39 -19.86 19.26 -30.72
N ARG F 40 -19.35 18.50 -31.69
CA ARG F 40 -19.59 17.05 -31.71
C ARG F 40 -19.00 16.39 -30.47
N GLY F 41 -17.89 16.92 -29.95
CA GLY F 41 -17.28 16.42 -28.74
C GLY F 41 -17.90 16.94 -27.46
N GLY F 42 -18.97 17.71 -27.55
CA GLY F 42 -19.64 18.24 -26.38
C GLY F 42 -19.07 19.55 -25.86
N VAL F 43 -18.13 20.17 -26.57
CA VAL F 43 -17.55 21.43 -26.13
C VAL F 43 -18.52 22.56 -26.44
N LYS F 44 -18.79 23.40 -25.44
CA LYS F 44 -19.75 24.48 -25.59
C LYS F 44 -19.12 25.80 -26.05
N ARG F 45 -17.90 26.12 -25.62
CA ARG F 45 -17.27 27.38 -25.96
C ARG F 45 -15.86 27.11 -26.47
N ILE F 46 -15.45 27.87 -27.49
CA ILE F 46 -14.15 27.71 -28.13
C ILE F 46 -13.44 29.05 -28.10
N SER F 47 -12.18 29.04 -27.65
CA SER F 47 -11.40 30.27 -27.66
C SER F 47 -10.79 30.52 -29.03
N GLY F 48 -10.37 31.76 -29.26
CA GLY F 48 -9.91 32.16 -30.58
C GLY F 48 -8.68 31.42 -31.07
N LEU F 49 -7.78 31.07 -30.16
CA LEU F 49 -6.52 30.43 -30.56
C LEU F 49 -6.57 28.92 -30.53
N ILE F 50 -7.73 28.31 -30.24
CA ILE F 50 -7.84 26.86 -30.26
C ILE F 50 -7.68 26.33 -31.68
N TYR F 51 -8.16 27.08 -32.67
CA TYR F 51 -8.22 26.57 -34.05
C TYR F 51 -6.82 26.26 -34.58
N GLU F 52 -5.86 27.18 -34.37
CA GLU F 52 -4.51 26.96 -34.87
C GLU F 52 -3.85 25.76 -34.21
N GLU F 53 -4.05 25.61 -32.89
CA GLU F 53 -3.49 24.47 -32.18
C GLU F 53 -4.12 23.16 -32.66
N THR F 54 -5.42 23.18 -32.94
CA THR F 54 -6.10 22.00 -33.46
C THR F 54 -5.56 21.64 -34.84
N ARG F 55 -5.30 22.65 -35.68
CA ARG F 55 -4.70 22.40 -36.98
C ARG F 55 -3.31 21.80 -36.83
N GLY F 56 -2.53 22.31 -35.88
CA GLY F 56 -1.21 21.75 -35.65
C GLY F 56 -1.27 20.31 -35.16
N VAL F 57 -2.21 20.01 -34.27
CA VAL F 57 -2.37 18.64 -33.78
C VAL F 57 -2.78 17.71 -34.91
N LEU F 58 -3.68 18.19 -35.78
CA LEU F 58 -4.07 17.40 -36.94
C LEU F 58 -2.90 17.16 -37.87
N LYS F 59 -2.05 18.18 -38.04
CA LYS F 59 -0.84 18.01 -38.85
C LYS F 59 0.10 16.98 -38.24
N VAL F 60 0.23 16.98 -36.91
CA VAL F 60 1.07 15.99 -36.23
C VAL F 60 0.51 14.59 -36.44
N PHE F 61 -0.81 14.44 -36.33
CA PHE F 61 -1.44 13.15 -36.55
C PHE F 61 -1.25 12.68 -37.99
N LEU F 62 -1.35 13.62 -38.94
CA LEU F 62 -1.11 13.28 -40.34
C LEU F 62 0.33 12.85 -40.56
N GLU F 63 1.28 13.54 -39.91
CA GLU F 63 2.68 13.13 -39.98
C GLU F 63 2.86 11.72 -39.42
N ASN F 64 2.16 11.39 -38.34
CA ASN F 64 2.27 10.07 -37.75
C ASN F 64 1.68 8.98 -38.65
N VAL F 65 0.58 9.26 -39.35
CA VAL F 65 -0.16 8.22 -40.07
C VAL F 65 0.29 8.12 -41.53
N ILE F 66 0.28 9.25 -42.23
CA ILE F 66 0.53 9.25 -43.67
C ILE F 66 1.96 8.83 -43.97
N ARG F 67 2.91 9.21 -43.11
CA ARG F 67 4.29 8.78 -43.31
C ARG F 67 4.40 7.26 -43.25
N ASP F 68 3.73 6.64 -42.27
CA ASP F 68 3.69 5.19 -42.17
C ASP F 68 3.04 4.58 -43.40
N ALA F 69 1.96 5.21 -43.88
CA ALA F 69 1.29 4.71 -45.09
C ALA F 69 2.21 4.77 -46.30
N VAL F 70 2.97 5.87 -46.42
CA VAL F 70 3.91 6.03 -47.53
C VAL F 70 4.99 4.95 -47.46
N THR F 71 5.51 4.70 -46.26
CA THR F 71 6.52 3.66 -46.11
C THR F 71 5.96 2.28 -46.45
N TYR F 72 4.71 2.02 -46.04
CA TYR F 72 4.05 0.76 -46.42
C TYR F 72 3.93 0.63 -47.92
N THR F 73 3.52 1.72 -48.60
CA THR F 73 3.38 1.69 -50.04
C THR F 73 4.72 1.46 -50.72
N GLU F 74 5.78 2.11 -50.22
CA GLU F 74 7.11 1.91 -50.78
C GLU F 74 7.59 0.48 -50.57
N HIS F 75 7.23 -0.13 -49.44
CA HIS F 75 7.61 -1.52 -49.19
C HIS F 75 6.99 -2.47 -50.21
N ALA F 76 5.82 -2.13 -50.74
CA ALA F 76 5.13 -2.96 -51.71
C ALA F 76 5.51 -2.64 -53.15
N LYS F 77 6.47 -1.74 -53.36
CA LYS F 77 6.89 -1.31 -54.70
C LYS F 77 5.73 -0.71 -55.49
N ARG F 78 4.81 -0.05 -54.80
CA ARG F 78 3.67 0.59 -55.41
C ARG F 78 3.83 2.11 -55.38
N LYS F 79 3.21 2.79 -56.34
CA LYS F 79 3.25 4.24 -56.42
C LYS F 79 1.92 4.88 -56.06
N THR F 80 0.93 4.10 -55.63
CA THR F 80 -0.37 4.61 -55.22
C THR F 80 -0.68 4.12 -53.82
N VAL F 81 -1.11 5.02 -52.95
CA VAL F 81 -1.45 4.67 -51.57
C VAL F 81 -2.87 4.08 -51.56
N THR F 82 -2.99 2.89 -50.98
CA THR F 82 -4.27 2.20 -50.90
C THR F 82 -4.83 2.26 -49.49
N ALA F 83 -6.12 1.98 -49.36
CA ALA F 83 -6.78 2.02 -48.06
C ALA F 83 -6.26 0.92 -47.13
N MET F 84 -5.79 -0.19 -47.69
CA MET F 84 -5.25 -1.26 -46.86
C MET F 84 -3.98 -0.83 -46.13
N ASP F 85 -3.09 -0.10 -46.82
CA ASP F 85 -1.92 0.44 -46.15
C ASP F 85 -2.31 1.40 -45.04
N VAL F 86 -3.32 2.24 -45.29
CA VAL F 86 -3.79 3.18 -44.29
C VAL F 86 -4.34 2.44 -43.07
N VAL F 87 -5.12 1.39 -43.31
CA VAL F 87 -5.69 0.62 -42.20
C VAL F 87 -4.59 -0.03 -41.38
N TYR F 88 -3.59 -0.60 -42.05
CA TYR F 88 -2.48 -1.23 -41.31
C TYR F 88 -1.69 -0.20 -40.52
N ALA F 89 -1.43 0.98 -41.11
CA ALA F 89 -0.71 2.02 -40.41
C ALA F 89 -1.48 2.50 -39.18
N LEU F 90 -2.80 2.65 -39.32
CA LEU F 90 -3.62 3.04 -38.18
C LEU F 90 -3.62 1.96 -37.10
N LYS F 91 -3.67 0.69 -37.51
CA LYS F 91 -3.67 -0.41 -36.54
C LYS F 91 -2.37 -0.46 -35.77
N ARG F 92 -1.23 -0.27 -36.46
CA ARG F 92 0.06 -0.32 -35.76
C ARG F 92 0.26 0.87 -34.82
N GLN F 93 -0.54 1.93 -34.98
CA GLN F 93 -0.48 3.08 -34.09
C GLN F 93 -1.59 3.09 -33.06
N GLY F 94 -2.30 1.98 -32.90
CA GLY F 94 -3.41 1.92 -31.96
C GLY F 94 -4.59 2.79 -32.33
N ARG F 95 -4.89 2.87 -33.63
CA ARG F 95 -6.02 3.65 -34.14
C ARG F 95 -6.80 2.83 -35.15
N THR F 96 -7.12 1.59 -34.78
CA THR F 96 -7.78 0.66 -35.69
C THR F 96 -9.10 1.22 -36.18
N LEU F 97 -9.32 1.13 -37.49
CA LEU F 97 -10.53 1.65 -38.14
C LEU F 97 -11.20 0.54 -38.92
N TYR F 98 -12.52 0.55 -38.94
CA TYR F 98 -13.32 -0.46 -39.62
C TYR F 98 -14.01 0.15 -40.84
N GLY F 99 -14.41 -0.72 -41.77
CA GLY F 99 -15.14 -0.33 -42.95
C GLY F 99 -14.28 -0.09 -44.18
N PHE F 100 -12.96 -0.03 -44.03
CA PHE F 100 -12.06 0.18 -45.15
C PHE F 100 -11.17 -1.03 -45.42
N GLY F 101 -11.59 -2.21 -44.97
CA GLY F 101 -10.82 -3.42 -45.17
C GLY F 101 -9.90 -3.74 -44.01
N GLY F 102 -9.40 -4.97 -44.02
CA GLY F 102 -8.50 -5.44 -42.98
C GLY F 102 -9.23 -5.93 -41.75
N ALA G 14 34.78 -21.75 -41.63
CA ALA G 14 36.01 -20.98 -41.52
C ALA G 14 35.78 -19.70 -40.72
N LYS G 15 34.85 -18.88 -41.17
CA LYS G 15 34.50 -17.62 -40.52
C LYS G 15 33.02 -17.61 -40.20
N THR G 16 32.68 -17.14 -39.00
CA THR G 16 31.28 -17.05 -38.61
C THR G 16 30.57 -15.95 -39.39
N ARG G 17 29.25 -16.06 -39.50
CA ARG G 17 28.47 -15.04 -40.20
C ARG G 17 28.60 -13.68 -39.52
N SER G 18 28.62 -13.67 -38.18
CA SER G 18 28.80 -12.40 -37.47
C SER G 18 30.16 -11.79 -37.77
N SER G 19 31.22 -12.60 -37.78
CA SER G 19 32.54 -12.09 -38.11
C SER G 19 32.63 -11.71 -39.59
N ARG G 20 31.97 -12.47 -40.46
CA ARG G 20 31.98 -12.15 -41.88
C ARG G 20 31.31 -10.82 -42.15
N ALA G 21 30.20 -10.54 -41.48
CA ALA G 21 29.50 -9.27 -41.62
C ALA G 21 30.08 -8.18 -40.73
N GLY G 22 31.03 -8.51 -39.86
CA GLY G 22 31.62 -7.54 -38.95
C GLY G 22 30.68 -7.04 -37.88
N LEU G 23 29.85 -7.93 -37.31
CA LEU G 23 28.95 -7.59 -36.23
C LEU G 23 29.22 -8.49 -35.04
N GLN G 24 29.10 -7.93 -33.84
CA GLN G 24 29.31 -8.72 -32.63
C GLN G 24 28.12 -9.61 -32.32
N PHE G 25 26.91 -9.20 -32.69
CA PHE G 25 25.73 -9.98 -32.38
C PHE G 25 25.71 -11.27 -33.23
N PRO G 26 25.17 -12.36 -32.68
CA PRO G 26 25.19 -13.65 -33.39
C PRO G 26 24.16 -13.70 -34.51
N VAL G 27 24.66 -13.75 -35.75
CA VAL G 27 23.77 -13.80 -36.91
C VAL G 27 23.03 -15.14 -36.96
N GLY G 28 23.77 -16.25 -36.81
CA GLY G 28 23.14 -17.56 -36.87
C GLY G 28 22.11 -17.76 -35.78
N ARG G 29 22.39 -17.24 -34.59
CA ARG G 29 21.43 -17.31 -33.50
C ARG G 29 20.17 -16.51 -33.79
N VAL G 30 20.33 -15.33 -34.39
CA VAL G 30 19.16 -14.54 -34.80
C VAL G 30 18.35 -15.30 -35.82
N HIS G 31 19.02 -15.95 -36.78
CA HIS G 31 18.31 -16.75 -37.78
C HIS G 31 17.57 -17.91 -37.12
N ARG G 32 18.20 -18.58 -36.15
CA ARG G 32 17.54 -19.68 -35.45
C ARG G 32 16.31 -19.20 -34.69
N LEU G 33 16.43 -18.07 -33.99
CA LEU G 33 15.28 -17.53 -33.26
C LEU G 33 14.16 -17.12 -34.20
N LEU G 34 14.51 -16.54 -35.36
CA LEU G 34 13.50 -16.20 -36.35
C LEU G 34 12.80 -17.45 -36.88
N ARG G 35 13.57 -18.51 -37.13
CA ARG G 35 12.98 -19.75 -37.62
C ARG G 35 12.06 -20.38 -36.59
N LYS G 36 12.47 -20.38 -35.33
CA LYS G 36 11.66 -20.99 -34.27
C LYS G 36 10.51 -20.11 -33.81
N GLY G 37 10.51 -18.83 -34.17
CA GLY G 37 9.46 -17.93 -33.75
C GLY G 37 8.18 -17.97 -34.55
N ASN G 38 8.14 -18.81 -35.59
CA ASN G 38 6.96 -18.97 -36.45
C ASN G 38 6.54 -17.64 -37.09
N TYR G 39 7.51 -16.78 -37.39
CA TYR G 39 7.20 -15.50 -38.01
C TYR G 39 6.87 -15.65 -39.49
N SER G 40 7.57 -16.55 -40.19
CA SER G 40 7.31 -16.78 -41.60
C SER G 40 7.78 -18.18 -41.96
N GLU G 41 7.27 -18.69 -43.09
CA GLU G 41 7.65 -20.01 -43.55
C GLU G 41 9.14 -20.06 -43.91
N ARG G 42 9.64 -19.02 -44.58
CA ARG G 42 11.03 -18.96 -45.00
C ARG G 42 11.64 -17.65 -44.54
N VAL G 43 12.95 -17.70 -44.27
CA VAL G 43 13.71 -16.54 -43.80
C VAL G 43 14.88 -16.32 -44.75
N GLY G 44 15.06 -15.07 -45.18
CA GLY G 44 16.14 -14.76 -46.09
C GLY G 44 17.50 -14.86 -45.42
N ALA G 45 18.54 -14.92 -46.26
CA ALA G 45 19.89 -15.05 -45.75
C ALA G 45 20.36 -13.77 -45.06
N GLY G 46 20.07 -12.62 -45.65
CA GLY G 46 20.51 -11.35 -45.09
C GLY G 46 19.63 -10.79 -43.99
N ALA G 47 18.46 -11.39 -43.76
CA ALA G 47 17.58 -10.91 -42.69
C ALA G 47 18.20 -11.05 -41.31
N PRO G 48 18.77 -12.20 -40.92
CA PRO G 48 19.44 -12.23 -39.60
C PRO G 48 20.60 -11.26 -39.50
N VAL G 49 21.35 -11.05 -40.58
CA VAL G 49 22.44 -10.09 -40.55
C VAL G 49 21.90 -8.68 -40.28
N TYR G 50 20.85 -8.30 -41.00
CA TYR G 50 20.27 -6.97 -40.83
C TYR G 50 19.71 -6.78 -39.42
N LEU G 51 19.01 -7.79 -38.91
CA LEU G 51 18.42 -7.69 -37.57
C LEU G 51 19.50 -7.62 -36.50
N ALA G 52 20.57 -8.43 -36.64
CA ALA G 52 21.66 -8.37 -35.69
C ALA G 52 22.36 -7.02 -35.73
N ALA G 53 22.54 -6.46 -36.93
CA ALA G 53 23.15 -5.14 -37.03
C ALA G 53 22.30 -4.08 -36.36
N VAL G 54 20.98 -4.12 -36.56
CA VAL G 54 20.10 -3.14 -35.92
C VAL G 54 20.14 -3.28 -34.41
N LEU G 55 20.08 -4.53 -33.91
CA LEU G 55 20.12 -4.75 -32.47
C LEU G 55 21.44 -4.28 -31.87
N GLU G 56 22.56 -4.56 -32.55
CA GLU G 56 23.85 -4.13 -32.04
C GLU G 56 23.98 -2.62 -32.05
N TYR G 57 23.46 -1.96 -33.08
CA TYR G 57 23.49 -0.49 -33.11
C TYR G 57 22.68 0.09 -31.95
N LEU G 58 21.48 -0.44 -31.72
CA LEU G 58 20.66 0.07 -30.62
C LEU G 58 21.33 -0.16 -29.28
N THR G 59 21.89 -1.36 -29.09
CA THR G 59 22.57 -1.68 -27.83
C THR G 59 23.78 -0.77 -27.62
N ALA G 60 24.56 -0.53 -28.67
CA ALA G 60 25.73 0.34 -28.55
C ALA G 60 25.32 1.77 -28.21
N GLU G 61 24.26 2.27 -28.86
CA GLU G 61 23.81 3.63 -28.58
C GLU G 61 23.34 3.76 -27.13
N ILE G 62 22.54 2.81 -26.67
CA ILE G 62 22.02 2.89 -25.30
C ILE G 62 23.15 2.72 -24.29
N LEU G 63 24.12 1.84 -24.58
CA LEU G 63 25.23 1.66 -23.66
C LEU G 63 26.11 2.90 -23.60
N GLU G 64 26.32 3.57 -24.75
CA GLU G 64 27.07 4.81 -24.74
C GLU G 64 26.36 5.89 -23.93
N LEU G 65 25.03 6.00 -24.10
CA LEU G 65 24.28 6.98 -23.31
C LEU G 65 24.34 6.65 -21.83
N ALA G 66 24.24 5.37 -21.47
CA ALA G 66 24.31 4.96 -20.07
C ALA G 66 25.69 5.26 -19.49
N GLY G 67 26.76 5.02 -20.26
CA GLY G 67 28.08 5.36 -19.80
C GLY G 67 28.27 6.85 -19.59
N ASN G 68 27.71 7.65 -20.50
CA ASN G 68 27.76 9.10 -20.33
C ASN G 68 27.01 9.52 -19.07
N ALA G 69 25.84 8.95 -18.83
CA ALA G 69 25.09 9.27 -17.62
C ALA G 69 25.84 8.86 -16.36
N ALA G 70 26.48 7.68 -16.39
CA ALA G 70 27.26 7.24 -15.24
C ALA G 70 28.44 8.16 -14.99
N ARG G 71 29.11 8.61 -16.07
CA ARG G 71 30.19 9.58 -15.91
C ARG G 71 29.67 10.87 -15.31
N ASP G 72 28.50 11.33 -15.74
CA ASP G 72 27.87 12.48 -15.12
C ASP G 72 27.47 12.22 -13.68
N ASN G 73 27.24 10.96 -13.32
CA ASN G 73 26.87 10.58 -11.96
C ASN G 73 28.06 10.14 -11.11
N LYS G 74 29.28 10.31 -11.62
CA LYS G 74 30.50 9.94 -10.90
C LYS G 74 30.52 8.45 -10.53
N LYS G 75 30.04 7.61 -11.44
CA LYS G 75 30.02 6.17 -11.24
C LYS G 75 30.63 5.48 -12.45
N THR G 76 31.40 4.42 -12.18
CA THR G 76 32.06 3.66 -13.24
C THR G 76 31.33 2.38 -13.62
N ARG G 77 30.18 2.10 -13.00
CA ARG G 77 29.39 0.92 -13.31
C ARG G 77 27.99 1.35 -13.75
N ILE G 78 27.50 0.75 -14.83
CA ILE G 78 26.18 1.07 -15.35
C ILE G 78 25.13 0.38 -14.50
N ILE G 79 24.16 1.17 -14.00
CA ILE G 79 23.08 0.66 -13.17
C ILE G 79 21.76 0.98 -13.85
N PRO G 80 20.65 0.34 -13.48
CA PRO G 80 19.37 0.67 -14.12
C PRO G 80 18.97 2.13 -13.99
N ARG G 81 19.42 2.81 -12.93
CA ARG G 81 19.15 4.24 -12.82
C ARG G 81 19.80 5.01 -13.97
N HIS G 82 21.06 4.70 -14.29
CA HIS G 82 21.72 5.35 -15.42
C HIS G 82 21.02 4.99 -16.73
N LEU G 83 20.58 3.74 -16.88
CA LEU G 83 19.89 3.34 -18.09
C LEU G 83 18.60 4.13 -18.28
N GLN G 84 17.81 4.29 -17.21
CA GLN G 84 16.55 5.01 -17.34
C GLN G 84 16.80 6.50 -17.55
N LEU G 85 17.83 7.05 -16.90
CA LEU G 85 18.18 8.45 -17.16
C LEU G 85 18.55 8.66 -18.61
N ALA G 86 19.34 7.75 -19.19
CA ALA G 86 19.72 7.86 -20.59
C ALA G 86 18.51 7.72 -21.51
N ILE G 87 17.61 6.80 -21.18
CA ILE G 87 16.44 6.56 -22.02
C ILE G 87 15.53 7.79 -22.02
N ARG G 88 15.25 8.34 -20.84
CA ARG G 88 14.33 9.48 -20.77
C ARG G 88 14.99 10.77 -21.25
N ASN G 89 16.31 10.89 -21.13
CA ASN G 89 17.00 12.08 -21.60
C ASN G 89 17.06 12.16 -23.12
N ASP G 90 16.75 11.07 -23.82
CA ASP G 90 16.69 11.05 -25.27
C ASP G 90 15.23 10.98 -25.70
N GLU G 91 14.80 11.97 -26.49
CA GLU G 91 13.40 12.02 -26.91
C GLU G 91 13.04 10.81 -27.77
N GLU G 92 13.93 10.44 -28.69
CA GLU G 92 13.66 9.32 -29.58
C GLU G 92 13.62 8.00 -28.81
N LEU G 93 14.55 7.81 -27.88
CA LEU G 93 14.53 6.60 -27.05
C LEU G 93 13.31 6.56 -26.15
N ASN G 94 12.90 7.72 -25.61
CA ASN G 94 11.68 7.77 -24.81
C ASN G 94 10.46 7.41 -25.63
N LYS G 95 10.39 7.91 -26.87
CA LYS G 95 9.27 7.55 -27.75
C LYS G 95 9.27 6.06 -28.07
N LEU G 96 10.45 5.49 -28.33
CA LEU G 96 10.53 4.07 -28.62
C LEU G 96 10.11 3.22 -27.43
N LEU G 97 10.54 3.61 -26.23
CA LEU G 97 10.26 2.87 -25.00
C LEU G 97 9.23 3.58 -24.14
N GLY G 98 8.22 4.19 -24.77
CA GLY G 98 7.19 4.88 -24.02
C GLY G 98 6.28 3.98 -23.22
N ARG G 99 6.19 2.69 -23.59
CA ARG G 99 5.36 1.72 -22.88
C ARG G 99 6.20 0.63 -22.23
N VAL G 100 7.37 0.99 -21.70
CA VAL G 100 8.30 0.05 -21.09
C VAL G 100 8.50 0.43 -19.62
N THR G 101 8.32 -0.54 -18.74
CA THR G 101 8.51 -0.35 -17.30
C THR G 101 9.88 -0.88 -16.91
N ILE G 102 10.58 -0.14 -16.06
CA ILE G 102 11.95 -0.46 -15.66
C ILE G 102 11.92 -0.98 -14.24
N ALA G 103 12.92 -1.79 -13.88
CA ALA G 103 13.09 -2.21 -12.50
C ALA G 103 14.25 -1.45 -11.87
N GLN G 104 13.99 -0.83 -10.71
CA GLN G 104 15.00 -0.06 -9.98
C GLN G 104 15.58 1.08 -10.83
N GLY G 105 14.73 1.75 -11.60
CA GLY G 105 15.19 2.80 -12.48
C GLY G 105 14.83 4.20 -12.05
N GLY G 106 13.70 4.35 -11.36
CA GLY G 106 13.28 5.66 -10.90
C GLY G 106 12.75 6.54 -12.03
N VAL G 107 12.64 7.84 -11.71
CA VAL G 107 12.11 8.83 -12.63
C VAL G 107 13.05 10.02 -12.68
N LEU G 108 12.87 10.84 -13.71
CA LEU G 108 13.71 12.03 -13.86
C LEU G 108 13.41 13.03 -12.75
N PRO G 109 14.42 13.77 -12.28
CA PRO G 109 14.15 14.87 -11.35
C PRO G 109 13.37 15.98 -12.04
N ASN G 110 12.14 16.20 -11.57
CA ASN G 110 11.27 17.20 -12.19
C ASN G 110 10.36 17.78 -11.12
N ILE G 111 10.45 19.09 -10.90
CA ILE G 111 9.61 19.79 -9.95
C ILE G 111 8.73 20.77 -10.72
N GLN G 112 7.43 20.70 -10.47
CA GLN G 112 6.49 21.54 -11.20
C GLN G 112 6.67 23.01 -10.85
N ALA G 113 6.38 23.89 -11.82
CA ALA G 113 6.60 25.32 -11.62
C ALA G 113 5.71 25.87 -10.52
N VAL G 114 4.45 25.45 -10.47
CA VAL G 114 3.53 25.94 -9.44
C VAL G 114 3.97 25.45 -8.06
N LEU G 115 4.53 24.24 -7.98
CA LEU G 115 5.02 23.72 -6.71
C LEU G 115 6.24 24.46 -6.21
N LEU G 116 6.96 25.16 -7.09
CA LEU G 116 8.14 25.90 -6.68
C LEU G 116 7.76 27.06 -5.78
N PRO G 117 8.56 27.35 -4.75
CA PRO G 117 8.27 28.50 -3.90
C PRO G 117 8.42 29.81 -4.65
N LYS G 118 7.71 30.83 -4.17
CA LYS G 118 7.68 32.18 -4.74
C LYS G 118 7.67 32.19 -6.27
N ARG H 31 19.04 -27.74 -15.22
CA ARG H 31 20.22 -27.17 -15.83
C ARG H 31 20.05 -27.02 -17.34
N SER H 32 18.84 -26.65 -17.75
CA SER H 32 18.56 -26.46 -19.17
C SER H 32 19.32 -25.26 -19.71
N ARG H 33 19.71 -25.34 -20.98
CA ARG H 33 20.44 -24.25 -21.62
C ARG H 33 19.55 -23.02 -21.71
N LYS H 34 19.86 -22.01 -20.91
CA LYS H 34 19.10 -20.76 -20.87
C LYS H 34 19.69 -19.80 -21.90
N GLU H 35 18.85 -19.36 -22.83
CA GLU H 35 19.32 -18.56 -23.95
C GLU H 35 19.47 -17.10 -23.53
N SER H 36 20.58 -16.48 -23.94
CA SER H 36 20.82 -15.08 -23.58
C SER H 36 21.83 -14.46 -24.53
N TYR H 37 21.82 -13.13 -24.59
CA TYR H 37 22.77 -12.34 -25.37
C TYR H 37 23.88 -11.75 -24.51
N SER H 38 24.31 -12.45 -23.46
CA SER H 38 25.19 -11.84 -22.47
C SER H 38 26.54 -11.44 -23.07
N ILE H 39 27.20 -12.39 -23.73
CA ILE H 39 28.57 -12.15 -24.18
C ILE H 39 28.61 -11.07 -25.26
N TYR H 40 27.64 -11.09 -26.17
CA TYR H 40 27.64 -10.12 -27.26
C TYR H 40 27.38 -8.70 -26.75
N VAL H 41 26.46 -8.55 -25.80
CA VAL H 41 26.20 -7.23 -25.24
C VAL H 41 27.40 -6.75 -24.43
N TYR H 42 28.09 -7.67 -23.75
CA TYR H 42 29.30 -7.29 -23.04
C TYR H 42 30.40 -6.85 -24.01
N LYS H 43 30.52 -7.54 -25.15
CA LYS H 43 31.49 -7.13 -26.16
C LYS H 43 31.14 -5.76 -26.72
N VAL H 44 29.86 -5.50 -26.94
CA VAL H 44 29.42 -4.18 -27.40
C VAL H 44 29.78 -3.12 -26.37
N LEU H 45 29.56 -3.42 -25.09
CA LEU H 45 29.91 -2.48 -24.03
C LEU H 45 31.41 -2.20 -24.02
N LYS H 46 32.22 -3.23 -24.21
CA LYS H 46 33.67 -3.03 -24.32
C LYS H 46 34.00 -2.17 -25.53
N GLN H 47 33.26 -2.36 -26.63
CA GLN H 47 33.47 -1.60 -27.86
C GLN H 47 33.20 -0.12 -27.64
N VAL H 48 32.18 0.21 -26.86
CA VAL H 48 31.78 1.59 -26.60
C VAL H 48 32.43 2.14 -25.34
N HIS H 49 32.50 1.32 -24.28
CA HIS H 49 33.08 1.73 -23.00
C HIS H 49 34.00 0.62 -22.50
N PRO H 50 35.26 0.62 -22.91
CA PRO H 50 36.17 -0.44 -22.49
C PRO H 50 36.36 -0.53 -20.98
N ASP H 51 36.33 0.59 -20.27
CA ASP H 51 36.63 0.63 -18.85
C ASP H 51 35.39 0.66 -17.97
N THR H 52 34.20 0.46 -18.54
CA THR H 52 32.95 0.49 -17.80
C THR H 52 32.29 -0.88 -17.81
N GLY H 53 31.91 -1.35 -16.62
CA GLY H 53 31.22 -2.61 -16.48
C GLY H 53 29.71 -2.44 -16.44
N ILE H 54 29.03 -3.56 -16.16
CA ILE H 54 27.57 -3.57 -16.11
C ILE H 54 27.14 -4.55 -15.02
N SER H 55 26.15 -4.16 -14.23
CA SER H 55 25.64 -5.03 -13.17
C SER H 55 24.73 -6.11 -13.76
N SER H 56 24.50 -7.15 -12.96
CA SER H 56 23.66 -8.26 -13.42
C SER H 56 22.23 -7.81 -13.67
N LYS H 57 21.69 -6.96 -12.80
CA LYS H 57 20.33 -6.45 -13.01
C LYS H 57 20.24 -5.62 -14.29
N ALA H 58 21.19 -4.71 -14.48
CA ALA H 58 21.21 -3.93 -15.72
C ALA H 58 21.48 -4.82 -16.93
N MET H 59 22.25 -5.88 -16.72
CA MET H 59 22.52 -6.82 -17.81
C MET H 59 21.24 -7.51 -18.25
N GLY H 60 20.43 -7.94 -17.28
CA GLY H 60 19.13 -8.51 -17.60
C GLY H 60 18.19 -7.50 -18.25
N ILE H 61 18.28 -6.24 -17.81
CA ILE H 61 17.53 -5.17 -18.47
C ILE H 61 17.89 -5.11 -19.94
N MET H 62 19.18 -5.12 -20.24
CA MET H 62 19.63 -5.04 -21.63
C MET H 62 19.19 -6.27 -22.43
N ASN H 63 19.31 -7.46 -21.83
CA ASN H 63 18.90 -8.67 -22.53
C ASN H 63 17.40 -8.64 -22.84
N SER H 64 16.59 -8.22 -21.86
CA SER H 64 15.14 -8.14 -22.08
C SER H 64 14.80 -7.11 -23.15
N PHE H 65 15.50 -5.96 -23.14
CA PHE H 65 15.24 -4.94 -24.15
C PHE H 65 15.56 -5.46 -25.54
N VAL H 66 16.70 -6.15 -25.69
CA VAL H 66 17.10 -6.65 -27.01
C VAL H 66 16.11 -7.72 -27.46
N ASN H 67 15.66 -8.58 -26.54
CA ASN H 67 14.66 -9.59 -26.90
C ASN H 67 13.36 -8.94 -27.34
N ASP H 68 12.93 -7.88 -26.64
CA ASP H 68 11.70 -7.20 -27.00
C ASP H 68 11.81 -6.55 -28.38
N ILE H 69 12.95 -5.91 -28.66
CA ILE H 69 13.14 -5.30 -29.97
C ILE H 69 13.16 -6.36 -31.07
N PHE H 70 13.80 -7.50 -30.79
CA PHE H 70 13.79 -8.61 -31.73
C PHE H 70 12.36 -9.05 -32.02
N GLU H 71 11.55 -9.19 -30.97
CA GLU H 71 10.16 -9.61 -31.15
C GLU H 71 9.38 -8.61 -31.98
N ARG H 72 9.55 -7.31 -31.68
CA ARG H 72 8.83 -6.29 -32.43
C ARG H 72 9.21 -6.29 -33.90
N ILE H 73 10.52 -6.36 -34.19
CA ILE H 73 10.98 -6.33 -35.58
C ILE H 73 10.49 -7.57 -36.32
N ALA H 74 10.58 -8.74 -35.68
CA ALA H 74 10.14 -9.97 -36.32
C ALA H 74 8.64 -9.94 -36.59
N GLY H 75 7.85 -9.46 -35.62
CA GLY H 75 6.42 -9.38 -35.83
C GLY H 75 6.05 -8.43 -36.95
N GLU H 76 6.68 -7.25 -36.97
CA GLU H 76 6.38 -6.29 -38.03
C GLU H 76 6.79 -6.82 -39.39
N ALA H 77 7.93 -7.52 -39.47
CA ALA H 77 8.34 -8.13 -40.72
C ALA H 77 7.35 -9.20 -41.16
N SER H 78 6.84 -9.99 -40.21
CA SER H 78 5.84 -11.00 -40.54
C SER H 78 4.58 -10.35 -41.10
N ARG H 79 4.12 -9.26 -40.47
CA ARG H 79 2.96 -8.56 -40.97
C ARG H 79 3.21 -7.99 -42.37
N LEU H 80 4.42 -7.45 -42.60
CA LEU H 80 4.75 -6.92 -43.91
C LEU H 80 4.74 -8.03 -44.96
N ALA H 81 5.29 -9.20 -44.62
CA ALA H 81 5.28 -10.32 -45.55
C ALA H 81 3.85 -10.77 -45.84
N HIS H 82 3.01 -10.81 -44.82
CA HIS H 82 1.62 -11.23 -45.01
C HIS H 82 0.84 -10.24 -45.86
N TYR H 83 1.16 -8.95 -45.73
CA TYR H 83 0.42 -7.93 -46.48
C TYR H 83 0.61 -8.10 -47.98
N ASN H 84 1.84 -8.39 -48.43
CA ASN H 84 2.14 -8.55 -49.84
C ASN H 84 2.05 -9.99 -50.30
N LYS H 85 1.41 -10.86 -49.51
CA LYS H 85 1.28 -12.28 -49.82
C LYS H 85 2.64 -12.93 -50.04
N ARG H 86 3.62 -12.55 -49.23
CA ARG H 86 4.97 -13.06 -49.34
C ARG H 86 5.24 -14.07 -48.22
N SER H 87 5.74 -15.23 -48.58
CA SER H 87 6.04 -16.29 -47.62
C SER H 87 7.48 -16.25 -47.12
N THR H 88 8.29 -15.31 -47.58
CA THR H 88 9.68 -15.20 -47.19
C THR H 88 9.97 -13.78 -46.71
N ILE H 89 10.75 -13.67 -45.63
CA ILE H 89 11.14 -12.39 -45.07
C ILE H 89 12.60 -12.13 -45.44
N THR H 90 12.85 -11.02 -46.11
CA THR H 90 14.18 -10.64 -46.55
C THR H 90 14.66 -9.41 -45.77
N SER H 91 15.82 -8.89 -46.18
CA SER H 91 16.37 -7.70 -45.53
C SER H 91 15.49 -6.48 -45.74
N ARG H 92 14.78 -6.43 -46.88
CA ARG H 92 13.89 -5.30 -47.14
C ARG H 92 12.75 -5.25 -46.12
N GLU H 93 12.20 -6.41 -45.75
CA GLU H 93 11.13 -6.43 -44.76
C GLU H 93 11.60 -5.92 -43.41
N ILE H 94 12.80 -6.32 -42.98
CA ILE H 94 13.32 -5.87 -41.69
C ILE H 94 13.67 -4.39 -41.75
N GLN H 95 14.19 -3.92 -42.89
CA GLN H 95 14.45 -2.50 -43.05
C GLN H 95 13.17 -1.68 -42.95
N THR H 96 12.10 -2.14 -43.59
CA THR H 96 10.81 -1.46 -43.49
C THR H 96 10.28 -1.50 -42.06
N ALA H 97 10.45 -2.63 -41.37
CA ALA H 97 10.01 -2.72 -39.99
C ALA H 97 10.76 -1.73 -39.10
N VAL H 98 12.07 -1.61 -39.31
CA VAL H 98 12.86 -0.64 -38.55
C VAL H 98 12.40 0.79 -38.85
N ARG H 99 12.15 1.08 -40.12
CA ARG H 99 11.66 2.42 -40.48
C ARG H 99 10.34 2.73 -39.82
N LEU H 100 9.42 1.75 -39.79
CA LEU H 100 8.12 1.96 -39.16
C LEU H 100 8.25 2.13 -37.66
N LEU H 101 9.09 1.32 -37.01
CA LEU H 101 9.15 1.31 -35.55
C LEU H 101 10.12 2.33 -34.98
N LEU H 102 11.37 2.31 -35.42
CA LEU H 102 12.38 3.18 -34.84
C LEU H 102 12.12 4.65 -35.20
N PRO H 103 12.46 5.57 -34.30
CA PRO H 103 12.33 6.99 -34.62
C PRO H 103 13.29 7.40 -35.72
N GLY H 104 13.01 8.57 -36.32
CA GLY H 104 13.68 9.06 -37.50
C GLY H 104 15.18 8.90 -37.55
N GLU H 105 15.90 9.55 -36.65
CA GLU H 105 17.36 9.45 -36.64
C GLU H 105 17.81 8.03 -36.34
N LEU H 106 17.17 7.39 -35.35
CA LEU H 106 17.50 6.00 -35.04
C LEU H 106 17.19 5.08 -36.20
N ALA H 107 16.05 5.30 -36.87
CA ALA H 107 15.70 4.47 -38.02
C ALA H 107 16.72 4.64 -39.15
N LYS H 108 17.14 5.86 -39.42
CA LYS H 108 18.12 6.09 -40.48
C LYS H 108 19.46 5.45 -40.14
N HIS H 109 19.91 5.59 -38.89
CA HIS H 109 21.17 4.99 -38.49
C HIS H 109 21.11 3.47 -38.55
N ALA H 110 20.00 2.89 -38.09
CA ALA H 110 19.84 1.44 -38.16
C ALA H 110 19.78 0.95 -39.60
N VAL H 111 19.12 1.71 -40.48
CA VAL H 111 19.07 1.34 -41.89
C VAL H 111 20.47 1.37 -42.50
N SER H 112 21.24 2.41 -42.18
CA SER H 112 22.62 2.48 -42.70
C SER H 112 23.47 1.33 -42.18
N GLU H 113 23.34 1.01 -40.89
CA GLU H 113 24.11 -0.10 -40.32
C GLU H 113 23.72 -1.42 -40.96
N GLY H 114 22.41 -1.65 -41.17
CA GLY H 114 21.98 -2.88 -41.80
C GLY H 114 22.44 -2.99 -43.25
N THR H 115 22.39 -1.88 -43.99
CA THR H 115 22.88 -1.90 -45.36
C THR H 115 24.37 -2.19 -45.41
N LYS H 116 25.15 -1.58 -44.51
CA LYS H 116 26.57 -1.86 -44.46
C LYS H 116 26.84 -3.31 -44.11
N ALA H 117 26.07 -3.87 -43.15
CA ALA H 117 26.25 -5.26 -42.78
C ALA H 117 25.92 -6.19 -43.93
N VAL H 118 24.83 -5.92 -44.65
CA VAL H 118 24.46 -6.75 -45.79
C VAL H 118 25.51 -6.69 -46.88
N THR H 119 26.01 -5.48 -47.16
CA THR H 119 27.06 -5.33 -48.17
C THR H 119 28.33 -6.09 -47.77
N LYS H 120 28.72 -5.99 -46.51
CA LYS H 120 29.91 -6.69 -46.04
C LYS H 120 29.72 -8.20 -46.12
N TYR H 121 28.54 -8.70 -45.73
CA TYR H 121 28.28 -10.13 -45.80
C TYR H 121 28.29 -10.63 -47.24
N THR H 122 27.71 -9.85 -48.16
CA THR H 122 27.72 -10.24 -49.57
C THR H 122 29.13 -10.24 -50.13
N SER H 123 29.93 -9.24 -49.77
CA SER H 123 31.31 -9.15 -50.25
C SER H 123 32.25 -10.10 -49.51
N ALA H 124 31.81 -10.73 -48.44
CA ALA H 124 32.65 -11.66 -47.69
C ALA H 124 32.82 -12.97 -48.44
N GLU I 12 -32.32 -22.24 33.48
CA GLU I 12 -32.55 -21.56 32.21
C GLU I 12 -32.04 -20.13 32.24
N GLU I 13 -32.18 -19.48 33.40
CA GLU I 13 -31.72 -18.09 33.54
C GLU I 13 -30.23 -17.99 33.32
N LEU I 14 -29.45 -18.88 33.94
CA LEU I 14 -28.01 -18.85 33.77
C LEU I 14 -27.62 -19.15 32.32
N ARG I 15 -28.27 -20.14 31.71
CA ARG I 15 -27.96 -20.49 30.32
C ARG I 15 -28.27 -19.34 29.38
N GLN I 16 -29.44 -18.73 29.53
CA GLN I 16 -29.82 -17.63 28.64
C GLN I 16 -28.97 -16.38 28.91
N ALA I 17 -28.47 -16.23 30.13
CA ALA I 17 -27.60 -15.10 30.42
C ALA I 17 -26.20 -15.30 29.83
N LEU I 18 -25.69 -16.54 29.88
CA LEU I 18 -24.31 -16.78 29.48
C LEU I 18 -24.16 -17.18 28.02
N MET I 19 -25.24 -17.48 27.32
CA MET I 19 -25.12 -17.82 25.90
C MET I 19 -24.59 -16.70 25.02
N PRO I 20 -24.98 -15.43 25.17
CA PRO I 20 -24.48 -14.41 24.21
C PRO I 20 -22.97 -14.25 24.21
N THR I 21 -22.35 -14.25 25.39
CA THR I 21 -20.89 -14.09 25.46
C THR I 21 -20.18 -15.29 24.85
N LEU I 22 -20.68 -16.50 25.11
CA LEU I 22 -20.08 -17.69 24.53
C LEU I 22 -20.23 -17.68 23.01
N GLU I 23 -21.38 -17.25 22.51
CA GLU I 23 -21.57 -17.16 21.06
C GLU I 23 -20.63 -16.12 20.45
N ALA I 24 -20.43 -15.00 21.16
CA ALA I 24 -19.47 -14.00 20.69
C ALA I 24 -18.06 -14.57 20.66
N LEU I 25 -17.72 -15.42 21.63
CA LEU I 25 -16.44 -16.10 21.59
C LEU I 25 -16.34 -17.03 20.38
N TYR I 26 -17.41 -17.78 20.09
CA TYR I 26 -17.39 -18.68 18.94
C TYR I 26 -17.23 -17.91 17.62
N ARG I 27 -17.92 -16.79 17.48
CA ARG I 27 -17.99 -16.13 16.17
C ARG I 27 -16.65 -15.56 15.72
N GLN I 28 -15.65 -15.49 16.60
CA GLN I 28 -14.32 -15.06 16.17
C GLN I 28 -13.73 -16.05 15.19
N ASP I 29 -13.10 -15.53 14.13
CA ASP I 29 -12.59 -16.34 13.04
C ASP I 29 -11.25 -15.76 12.60
N PRO I 30 -10.16 -16.55 12.62
CA PRO I 30 -10.10 -17.94 13.08
C PRO I 30 -9.62 -18.09 14.52
N GLU I 31 -9.89 -17.08 15.35
CA GLU I 31 -9.42 -17.12 16.73
C GLU I 31 -10.04 -18.26 17.51
N SER I 32 -11.34 -18.51 17.30
CA SER I 32 -12.05 -19.52 18.07
C SER I 32 -11.92 -20.93 17.50
N LEU I 33 -11.37 -21.07 16.28
CA LEU I 33 -11.31 -22.38 15.65
C LEU I 33 -10.54 -23.42 16.47
N PRO I 34 -9.33 -23.15 16.97
CA PRO I 34 -8.64 -24.18 17.77
C PRO I 34 -9.35 -24.51 19.08
N PHE I 35 -10.22 -23.64 19.57
CA PHE I 35 -10.88 -23.83 20.87
C PHE I 35 -12.30 -24.36 20.73
N ARG I 36 -12.76 -24.69 19.52
CA ARG I 36 -14.11 -25.20 19.33
C ARG I 36 -14.23 -26.68 19.67
N GLN I 37 -13.13 -27.40 19.79
CA GLN I 37 -13.13 -28.83 20.07
C GLN I 37 -12.12 -29.12 21.16
N PRO I 38 -12.31 -30.21 21.92
CA PRO I 38 -11.32 -30.58 22.93
C PRO I 38 -9.97 -30.87 22.29
N VAL I 39 -8.90 -30.51 23.01
CA VAL I 39 -7.56 -30.71 22.50
C VAL I 39 -7.24 -32.19 22.46
N ASP I 40 -6.84 -32.68 21.29
CA ASP I 40 -6.51 -34.10 21.08
C ASP I 40 -5.01 -34.24 20.91
N PRO I 41 -4.29 -34.74 21.91
CA PRO I 41 -2.84 -34.91 21.75
C PRO I 41 -2.46 -35.84 20.60
N GLN I 42 -3.24 -36.88 20.35
CA GLN I 42 -2.92 -37.81 19.27
C GLN I 42 -3.16 -37.17 17.91
N LEU I 43 -4.29 -36.48 17.75
CA LEU I 43 -4.60 -35.86 16.46
C LEU I 43 -3.63 -34.74 16.14
N LEU I 44 -3.28 -33.93 17.13
CA LEU I 44 -2.41 -32.77 16.92
C LEU I 44 -0.93 -33.08 17.15
N GLY I 45 -0.60 -34.31 17.53
CA GLY I 45 0.79 -34.67 17.75
C GLY I 45 1.45 -33.92 18.89
N ILE I 46 0.74 -33.79 20.01
CA ILE I 46 1.26 -33.10 21.19
C ILE I 46 1.09 -33.97 22.42
N PRO I 47 1.88 -35.04 22.56
CA PRO I 47 1.70 -35.95 23.71
C PRO I 47 1.98 -35.30 25.06
N ASP I 48 2.69 -34.17 25.09
CA ASP I 48 3.03 -33.50 26.34
C ASP I 48 1.95 -32.52 26.80
N TYR I 49 0.81 -32.46 26.11
CA TYR I 49 -0.25 -31.54 26.50
C TYR I 49 -0.79 -31.87 27.89
N PHE I 50 -1.00 -33.16 28.17
CA PHE I 50 -1.50 -33.55 29.48
C PHE I 50 -0.47 -33.36 30.59
N ASP I 51 0.82 -33.31 30.25
CA ASP I 51 1.84 -33.15 31.27
C ASP I 51 1.87 -31.73 31.84
N ILE I 52 1.45 -30.75 31.06
CA ILE I 52 1.46 -29.35 31.48
C ILE I 52 0.08 -28.89 31.94
N VAL I 53 -0.94 -29.15 31.13
CA VAL I 53 -2.31 -28.76 31.45
C VAL I 53 -2.97 -29.93 32.17
N LYS I 54 -3.17 -29.79 33.48
CA LYS I 54 -3.76 -30.85 34.27
C LYS I 54 -5.28 -30.89 34.18
N ASN I 55 -5.91 -29.82 33.69
CA ASN I 55 -7.37 -29.75 33.57
C ASN I 55 -7.73 -29.27 32.17
N PRO I 56 -7.57 -30.11 31.15
CA PRO I 56 -7.92 -29.69 29.79
C PRO I 56 -9.43 -29.62 29.58
N MET I 57 -9.87 -28.55 28.93
CA MET I 57 -11.26 -28.39 28.54
C MET I 57 -11.36 -27.25 27.54
N ASP I 58 -12.50 -27.15 26.87
CA ASP I 58 -12.64 -26.25 25.74
C ASP I 58 -14.03 -25.62 25.72
N LEU I 59 -14.31 -24.87 24.66
CA LEU I 59 -15.57 -24.14 24.55
C LEU I 59 -16.75 -25.10 24.40
N SER I 60 -16.56 -26.21 23.70
CA SER I 60 -17.64 -27.18 23.55
C SER I 60 -18.05 -27.76 24.89
N THR I 61 -17.07 -28.00 25.77
CA THR I 61 -17.38 -28.44 27.13
C THR I 61 -18.20 -27.38 27.86
N ILE I 62 -17.87 -26.10 27.67
CA ILE I 62 -18.62 -25.02 28.30
C ILE I 62 -20.07 -25.03 27.81
N LYS I 63 -20.25 -25.19 26.50
CA LYS I 63 -21.60 -25.22 25.94
C LYS I 63 -22.39 -26.43 26.46
N ARG I 64 -21.73 -27.59 26.56
CA ARG I 64 -22.39 -28.77 27.08
C ARG I 64 -22.81 -28.57 28.54
N LYS I 65 -21.93 -27.98 29.35
CA LYS I 65 -22.27 -27.72 30.75
C LYS I 65 -23.40 -26.72 30.88
N LEU I 66 -23.40 -25.68 30.04
CA LEU I 66 -24.48 -24.70 30.07
C LEU I 66 -25.81 -25.33 29.67
N ASP I 67 -25.81 -26.18 28.63
CA ASP I 67 -27.05 -26.85 28.22
C ASP I 67 -27.52 -27.86 29.27
N THR I 68 -26.59 -28.54 29.94
CA THR I 68 -26.92 -29.49 30.98
C THR I 68 -27.25 -28.82 32.32
N GLY I 69 -26.94 -27.53 32.45
CA GLY I 69 -27.14 -26.84 33.72
C GLY I 69 -26.23 -27.30 34.83
N GLN I 70 -24.95 -27.55 34.51
CA GLN I 70 -23.97 -27.96 35.50
C GLN I 70 -23.41 -26.80 36.31
N TYR I 71 -23.76 -25.57 35.98
CA TYR I 71 -23.27 -24.38 36.67
C TYR I 71 -24.33 -23.92 37.67
N GLN I 72 -23.96 -23.89 38.95
CA GLN I 72 -24.86 -23.38 39.97
C GLN I 72 -24.96 -21.86 39.94
N GLU I 73 -23.88 -21.18 39.53
CA GLU I 73 -23.83 -19.73 39.51
C GLU I 73 -22.75 -19.31 38.54
N PRO I 74 -22.90 -18.15 37.88
CA PRO I 74 -22.06 -17.85 36.71
C PRO I 74 -20.58 -17.68 37.00
N TRP I 75 -20.18 -17.44 38.25
CA TRP I 75 -18.76 -17.29 38.54
C TRP I 75 -17.99 -18.57 38.25
N GLN I 76 -18.64 -19.73 38.37
CA GLN I 76 -18.00 -20.97 37.96
C GLN I 76 -17.71 -20.98 36.47
N TYR I 77 -18.66 -20.50 35.67
CA TYR I 77 -18.45 -20.41 34.22
C TYR I 77 -17.31 -19.44 33.90
N VAL I 78 -17.28 -18.30 34.60
CA VAL I 78 -16.21 -17.32 34.37
C VAL I 78 -14.85 -17.93 34.73
N ASP I 79 -14.79 -18.65 35.86
CA ASP I 79 -13.55 -19.29 36.28
C ASP I 79 -13.11 -20.34 35.28
N ASP I 80 -14.05 -21.12 34.75
CA ASP I 80 -13.71 -22.13 33.75
C ASP I 80 -13.17 -21.49 32.48
N VAL I 81 -13.81 -20.41 32.02
CA VAL I 81 -13.35 -19.74 30.80
C VAL I 81 -11.95 -19.17 31.01
N TRP I 82 -11.72 -18.53 32.15
CA TRP I 82 -10.40 -17.95 32.40
C TRP I 82 -9.35 -19.03 32.63
N LEU I 83 -9.74 -20.18 33.18
CA LEU I 83 -8.82 -21.31 33.30
C LEU I 83 -8.43 -21.85 31.92
N MET I 84 -9.39 -21.94 31.01
CA MET I 84 -9.07 -22.34 29.64
C MET I 84 -8.11 -21.34 29.00
N PHE I 85 -8.36 -20.05 29.20
CA PHE I 85 -7.47 -19.02 28.68
C PHE I 85 -6.07 -19.16 29.25
N ASN I 86 -5.97 -19.39 30.56
CA ASN I 86 -4.66 -19.53 31.20
C ASN I 86 -3.93 -20.76 30.70
N ASN I 87 -4.65 -21.89 30.53
CA ASN I 87 -4.01 -23.10 30.02
C ASN I 87 -3.51 -22.90 28.60
N ALA I 88 -4.32 -22.24 27.75
CA ALA I 88 -3.89 -21.97 26.39
C ALA I 88 -2.67 -21.06 26.36
N TRP I 89 -2.65 -20.04 27.24
CA TRP I 89 -1.49 -19.15 27.30
C TRP I 89 -0.26 -19.88 27.79
N LEU I 90 -0.41 -20.78 28.77
CA LEU I 90 0.73 -21.47 29.36
C LEU I 90 1.32 -22.48 28.40
N TYR I 91 0.48 -23.31 27.77
CA TYR I 91 1.00 -24.36 26.90
C TYR I 91 1.60 -23.78 25.62
N ASN I 92 0.91 -22.81 25.01
CA ASN I 92 1.37 -22.22 23.76
C ASN I 92 2.37 -21.11 24.04
N ARG I 93 3.40 -21.03 23.20
CA ARG I 93 4.40 -19.98 23.34
C ARG I 93 3.81 -18.63 22.95
N LYS I 94 4.44 -17.56 23.45
CA LYS I 94 3.91 -16.22 23.25
C LYS I 94 3.89 -15.84 21.78
N THR I 95 4.88 -16.31 21.01
CA THR I 95 4.94 -16.01 19.59
C THR I 95 4.03 -16.89 18.74
N SER I 96 3.45 -17.93 19.32
CA SER I 96 2.56 -18.80 18.56
C SER I 96 1.25 -18.10 18.23
N ARG I 97 0.66 -18.49 17.10
CA ARG I 97 -0.62 -17.91 16.68
C ARG I 97 -1.73 -18.28 17.65
N VAL I 98 -1.62 -19.44 18.30
CA VAL I 98 -2.64 -19.86 19.26
C VAL I 98 -2.67 -18.90 20.45
N TYR I 99 -1.50 -18.40 20.85
CA TYR I 99 -1.46 -17.43 21.94
C TYR I 99 -2.19 -16.13 21.55
N LYS I 100 -1.98 -15.66 20.32
CA LYS I 100 -2.68 -14.47 19.87
C LYS I 100 -4.18 -14.71 19.78
N PHE I 101 -4.59 -15.89 19.31
CA PHE I 101 -6.01 -16.22 19.25
C PHE I 101 -6.62 -16.24 20.66
N CYS I 102 -5.90 -16.83 21.62
CA CYS I 102 -6.39 -16.86 22.99
C CYS I 102 -6.48 -15.46 23.58
N SER I 103 -5.50 -14.60 23.28
CA SER I 103 -5.56 -13.22 23.75
C SER I 103 -6.75 -12.48 23.17
N LYS I 104 -7.01 -12.66 21.87
CA LYS I 104 -8.17 -12.03 21.26
C LYS I 104 -9.47 -12.53 21.87
N LEU I 105 -9.56 -13.84 22.12
CA LEU I 105 -10.75 -14.40 22.76
C LEU I 105 -10.91 -13.84 24.17
N ALA I 106 -9.81 -13.67 24.90
CA ALA I 106 -9.88 -13.09 26.24
C ALA I 106 -10.39 -11.66 26.19
N GLU I 107 -9.89 -10.86 25.24
CA GLU I 107 -10.38 -9.48 25.10
C GLU I 107 -11.86 -9.46 24.75
N VAL I 108 -12.30 -10.35 23.86
CA VAL I 108 -13.71 -10.40 23.48
C VAL I 108 -14.57 -10.77 24.69
N PHE I 109 -14.13 -11.77 25.45
CA PHE I 109 -14.86 -12.16 26.65
C PHE I 109 -14.93 -11.01 27.64
N GLU I 110 -13.82 -10.28 27.82
CA GLU I 110 -13.81 -9.17 28.75
C GLU I 110 -14.78 -8.08 28.34
N GLN I 111 -14.83 -7.75 27.04
CA GLN I 111 -15.71 -6.66 26.61
C GLN I 111 -17.16 -7.11 26.46
N GLU I 112 -17.42 -8.42 26.44
CA GLU I 112 -18.79 -8.91 26.30
C GLU I 112 -19.45 -9.30 27.62
N ILE I 113 -18.70 -9.86 28.58
CA ILE I 113 -19.34 -10.38 29.78
C ILE I 113 -19.87 -9.27 30.67
N ASP I 114 -19.20 -8.11 30.68
CA ASP I 114 -19.52 -7.08 31.68
C ASP I 114 -20.97 -6.59 31.62
N PRO I 115 -21.54 -6.24 30.46
CA PRO I 115 -22.93 -5.75 30.49
C PRO I 115 -23.94 -6.78 30.97
N VAL I 116 -23.90 -7.99 30.42
CA VAL I 116 -24.84 -9.02 30.84
C VAL I 116 -24.61 -9.39 32.31
N MET I 117 -23.36 -9.51 32.71
CA MET I 117 -23.05 -9.94 34.08
C MET I 117 -23.51 -8.88 35.07
N GLN I 118 -23.39 -7.60 34.70
CA GLN I 118 -23.94 -6.53 35.53
C GLN I 118 -25.46 -6.59 35.56
N SER I 119 -26.09 -6.84 34.41
CA SER I 119 -27.55 -6.91 34.36
C SER I 119 -28.07 -8.04 35.25
N LEU I 120 -27.27 -9.10 35.42
CA LEU I 120 -27.63 -10.15 36.35
C LEU I 120 -27.70 -9.62 37.78
N GLY I 121 -26.78 -8.73 38.15
CA GLY I 121 -26.77 -8.14 39.47
C GLY I 121 -25.41 -8.18 40.15
N TYR I 122 -24.37 -8.43 39.37
CA TYR I 122 -23.01 -8.56 39.88
C TYR I 122 -22.15 -7.40 39.38
N CYS I 123 -20.89 -7.40 39.83
CA CYS I 123 -19.96 -6.34 39.44
C CYS I 123 -19.44 -6.55 38.01
N CYS I 124 -18.80 -7.68 37.75
CA CYS I 124 -18.22 -7.98 36.44
C CYS I 124 -18.08 -9.48 36.32
N GLY I 125 -17.75 -9.93 35.11
CA GLY I 125 -17.61 -11.35 34.83
C GLY I 125 -16.19 -11.74 34.47
N ARG I 126 -15.22 -11.20 35.20
CA ARG I 126 -13.82 -11.51 34.98
C ARG I 126 -13.24 -12.25 36.17
N LYS I 127 -12.39 -13.24 35.88
CA LYS I 127 -11.59 -13.92 36.90
C LYS I 127 -10.17 -13.36 36.81
N TYR I 128 -9.81 -12.51 37.77
CA TYR I 128 -8.56 -11.78 37.76
C TYR I 128 -7.53 -12.49 38.62
N GLU I 129 -6.33 -12.66 38.07
CA GLU I 129 -5.20 -13.21 38.80
C GLU I 129 -4.11 -12.15 38.90
N PHE I 130 -3.49 -12.06 40.08
CA PHE I 130 -2.49 -11.04 40.30
C PHE I 130 -1.24 -11.33 39.48
N SER I 131 -0.41 -10.30 39.33
CA SER I 131 0.81 -10.40 38.54
C SER I 131 1.80 -11.35 39.22
N PRO I 132 2.72 -11.94 38.44
CA PRO I 132 3.72 -12.84 39.04
C PRO I 132 4.71 -12.09 39.92
N GLN I 133 4.27 -11.71 41.11
CA GLN I 133 5.12 -10.95 42.02
C GLN I 133 6.28 -11.80 42.50
N THR I 134 7.45 -11.18 42.59
CA THR I 134 8.65 -11.87 43.06
C THR I 134 8.67 -11.88 44.59
N LEU I 135 8.81 -13.06 45.17
CA LEU I 135 8.81 -13.21 46.61
C LEU I 135 10.14 -12.74 47.20
N CYS I 136 10.10 -12.35 48.47
CA CYS I 136 11.26 -11.87 49.19
C CYS I 136 11.76 -12.94 50.16
N CYS I 137 12.80 -12.61 50.91
CA CYS I 137 13.41 -13.51 51.87
C CYS I 137 13.31 -12.93 53.28
N TYR I 138 13.17 -13.82 54.26
CA TYR I 138 13.05 -13.40 55.65
C TYR I 138 14.40 -13.33 56.35
N GLY I 139 15.30 -14.28 56.07
CA GLY I 139 16.59 -14.33 56.73
C GLY I 139 17.59 -13.32 56.22
N LYS I 140 17.94 -13.41 54.95
CA LYS I 140 18.94 -12.51 54.37
C LYS I 140 18.45 -11.08 54.32
N GLN I 141 17.14 -10.87 54.19
CA GLN I 141 16.47 -9.57 54.12
C GLN I 141 16.84 -8.78 52.87
N LEU I 142 17.65 -9.34 51.97
CA LEU I 142 18.03 -8.64 50.74
C LEU I 142 18.02 -9.56 49.52
N CYS I 143 17.44 -10.75 49.63
CA CYS I 143 17.41 -11.72 48.53
C CYS I 143 15.99 -11.86 48.02
N THR I 144 15.84 -11.87 46.70
CA THR I 144 14.55 -12.03 46.05
C THR I 144 14.54 -13.31 45.22
N ILE I 145 13.35 -13.87 45.05
CA ILE I 145 13.17 -15.11 44.30
C ILE I 145 12.68 -14.74 42.90
N PRO I 146 13.48 -14.94 41.85
CA PRO I 146 13.01 -14.62 40.50
C PRO I 146 11.95 -15.61 40.03
N ARG I 147 11.28 -15.23 38.94
CA ARG I 147 10.26 -16.08 38.36
C ARG I 147 10.89 -17.36 37.80
N ASP I 148 10.10 -18.43 37.80
CA ASP I 148 10.54 -19.75 37.32
C ASP I 148 11.75 -20.24 38.10
N ALA I 149 11.76 -20.00 39.40
CA ALA I 149 12.81 -20.46 40.29
C ALA I 149 12.19 -21.19 41.47
N ALA I 150 12.78 -22.32 41.84
CA ALA I 150 12.27 -23.11 42.95
C ALA I 150 12.57 -22.41 44.28
N TYR I 151 11.60 -22.47 45.19
CA TYR I 151 11.74 -21.88 46.52
C TYR I 151 11.03 -22.79 47.52
N TYR I 152 11.14 -22.43 48.80
CA TYR I 152 10.49 -23.17 49.88
C TYR I 152 9.57 -22.22 50.64
N SER I 153 8.29 -22.58 50.71
CA SER I 153 7.28 -21.74 51.33
C SER I 153 6.68 -22.43 52.54
N TYR I 154 6.44 -21.66 53.59
CA TYR I 154 5.81 -22.13 54.82
C TYR I 154 4.50 -21.37 55.02
N GLN I 155 3.39 -22.12 54.96
CA GLN I 155 2.05 -21.60 55.22
C GLN I 155 1.70 -20.44 54.29
N ASN I 156 2.32 -20.41 53.10
CA ASN I 156 2.15 -19.32 52.15
C ASN I 156 2.43 -17.96 52.79
N ARG I 157 3.23 -17.97 53.85
CA ARG I 157 3.57 -16.76 54.59
C ARG I 157 5.06 -16.50 54.73
N TYR I 158 5.88 -17.54 54.84
CA TYR I 158 7.33 -17.38 54.87
C TYR I 158 7.95 -18.00 53.63
N HIS I 159 8.99 -17.36 53.09
CA HIS I 159 9.60 -17.82 51.85
C HIS I 159 11.11 -17.84 52.00
N PHE I 160 11.73 -18.86 51.42
CA PHE I 160 13.18 -18.99 51.39
C PHE I 160 13.62 -19.43 50.01
N CYS I 161 14.80 -18.96 49.60
CA CYS I 161 15.35 -19.26 48.28
C CYS I 161 16.21 -20.51 48.36
N GLU I 162 16.86 -20.85 47.24
CA GLU I 162 17.71 -22.03 47.21
C GLU I 162 18.98 -21.84 48.03
N LYS I 163 19.61 -20.67 47.92
CA LYS I 163 20.86 -20.43 48.64
C LYS I 163 20.63 -20.39 50.15
N CYS I 164 19.52 -19.79 50.58
CA CYS I 164 19.23 -19.67 52.02
C CYS I 164 18.92 -21.01 52.67
N PHE I 165 18.61 -22.05 51.89
CA PHE I 165 18.33 -23.35 52.48
C PHE I 165 19.56 -23.93 53.17
N THR I 166 20.73 -23.79 52.58
CA THR I 166 21.96 -24.30 53.17
C THR I 166 22.43 -23.42 54.33
N PHE I 191 8.83 -27.03 55.18
CA PHE I 191 8.79 -26.04 54.10
C PHE I 191 8.46 -26.71 52.77
N GLU I 192 7.29 -26.43 52.24
CA GLU I 192 6.85 -27.04 50.99
C GLU I 192 7.61 -26.44 49.82
N LYS I 193 8.14 -27.31 48.96
CA LYS I 193 8.83 -26.84 47.75
C LYS I 193 7.82 -26.37 46.71
N LYS I 194 8.04 -25.17 46.20
CA LYS I 194 7.13 -24.57 45.23
C LYS I 194 7.94 -23.88 44.14
N LYS I 195 7.24 -23.45 43.09
CA LYS I 195 7.84 -22.74 41.97
C LYS I 195 7.15 -21.39 41.80
N ASN I 196 7.90 -20.42 41.29
CA ASN I 196 7.43 -19.05 41.15
C ASN I 196 6.60 -18.82 39.89
N ASP I 197 6.07 -19.89 39.27
CA ASP I 197 5.25 -19.78 38.07
C ASP I 197 3.76 -19.83 38.38
N THR I 198 3.38 -19.60 39.63
CA THR I 198 1.99 -19.63 40.06
C THR I 198 1.44 -18.21 40.11
N LEU I 199 0.12 -18.11 40.24
CA LEU I 199 -0.57 -16.82 40.29
C LEU I 199 -1.54 -16.81 41.46
N ASP I 200 -1.67 -15.66 42.10
CA ASP I 200 -2.58 -15.51 43.24
C ASP I 200 -3.91 -14.95 42.75
N PRO I 201 -5.03 -15.66 42.94
CA PRO I 201 -6.31 -15.14 42.47
C PRO I 201 -6.78 -13.95 43.30
N GLU I 202 -7.58 -13.10 42.67
CA GLU I 202 -8.12 -11.94 43.34
C GLU I 202 -9.13 -12.36 44.41
N PRO I 203 -9.23 -11.61 45.51
CA PRO I 203 -10.19 -11.96 46.56
C PRO I 203 -11.62 -11.75 46.11
N PHE I 204 -12.54 -12.50 46.74
CA PHE I 204 -13.96 -12.41 46.46
C PHE I 204 -14.70 -12.08 47.75
N VAL I 205 -15.85 -11.42 47.61
CA VAL I 205 -16.68 -11.05 48.74
C VAL I 205 -18.10 -11.55 48.48
N ASP I 206 -18.82 -11.85 49.55
CA ASP I 206 -20.19 -12.34 49.47
C ASP I 206 -21.12 -11.34 50.16
N CYS I 207 -22.22 -11.00 49.48
CA CYS I 207 -23.18 -10.07 50.04
C CYS I 207 -23.87 -10.70 51.26
N LYS I 208 -24.10 -9.88 52.28
CA LYS I 208 -24.76 -10.38 53.48
C LYS I 208 -26.22 -10.75 53.22
N GLU I 209 -26.93 -9.97 52.41
CA GLU I 209 -28.34 -10.21 52.14
C GLU I 209 -28.53 -11.06 50.89
N CYS I 210 -28.04 -10.57 49.75
CA CYS I 210 -28.23 -11.31 48.49
C CYS I 210 -27.46 -12.62 48.49
N GLY I 211 -26.26 -12.63 49.06
CA GLY I 211 -25.40 -13.80 49.02
C GLY I 211 -24.58 -13.94 47.76
N ARG I 212 -24.68 -13.00 46.83
CA ARG I 212 -23.94 -13.07 45.58
C ARG I 212 -22.44 -12.86 45.83
N LYS I 213 -21.62 -13.54 45.03
CA LYS I 213 -20.18 -13.37 45.11
C LYS I 213 -19.70 -12.40 44.04
N MET I 214 -18.81 -11.49 44.41
CA MET I 214 -18.28 -10.51 43.46
C MET I 214 -16.87 -10.12 43.85
N HIS I 215 -16.15 -9.54 42.88
CA HIS I 215 -14.79 -9.07 43.12
C HIS I 215 -14.79 -7.93 44.13
N GLN I 216 -13.87 -8.02 45.10
CA GLN I 216 -13.75 -6.95 46.08
C GLN I 216 -13.21 -5.67 45.45
N ILE I 217 -12.27 -5.80 44.51
CA ILE I 217 -11.67 -4.62 43.88
C ILE I 217 -12.71 -3.86 43.06
N CYS I 218 -13.52 -4.57 42.29
CA CYS I 218 -14.48 -3.89 41.41
C CYS I 218 -15.52 -3.11 42.20
N VAL I 219 -16.02 -3.68 43.30
CA VAL I 219 -17.01 -2.98 44.10
C VAL I 219 -16.38 -1.94 45.02
N LEU I 220 -15.07 -2.00 45.24
CA LEU I 220 -14.34 -1.06 46.09
C LEU I 220 -14.92 -1.03 47.50
N HIS I 221 -14.93 -2.19 48.13
CA HIS I 221 -15.44 -2.35 49.49
C HIS I 221 -14.32 -2.78 50.43
N TYR I 222 -14.22 -2.10 51.57
CA TYR I 222 -13.21 -2.42 52.57
C TYR I 222 -13.90 -2.61 53.92
N ASP I 223 -13.40 -3.58 54.69
CA ASP I 223 -14.04 -3.89 55.97
C ASP I 223 -13.94 -2.73 56.95
N ILE I 224 -12.79 -2.06 57.00
CA ILE I 224 -12.61 -0.95 57.94
C ILE I 224 -13.54 0.21 57.61
N ILE I 225 -13.68 0.52 56.31
CA ILE I 225 -14.55 1.61 55.91
C ILE I 225 -16.00 1.32 56.27
N TRP I 226 -16.45 0.10 56.04
CA TRP I 226 -17.83 -0.30 56.28
C TRP I 226 -17.82 -1.54 57.18
N PRO I 227 -17.71 -1.35 58.49
CA PRO I 227 -17.70 -2.51 59.41
C PRO I 227 -19.00 -3.28 59.43
N SER I 228 -20.11 -2.69 58.97
CA SER I 228 -21.41 -3.35 58.97
C SER I 228 -21.56 -4.36 57.84
N GLY I 229 -20.49 -4.67 57.12
CA GLY I 229 -20.54 -5.63 56.03
C GLY I 229 -20.73 -4.96 54.69
N PHE I 230 -20.79 -5.80 53.66
CA PHE I 230 -20.96 -5.35 52.28
C PHE I 230 -22.40 -5.57 51.84
N VAL I 231 -23.02 -4.51 51.33
CA VAL I 231 -24.40 -4.54 50.87
C VAL I 231 -24.42 -4.15 49.40
N CYS I 232 -25.13 -4.93 48.60
CA CYS I 232 -25.21 -4.68 47.17
C CYS I 232 -25.91 -3.36 46.88
N ASP I 233 -25.61 -2.80 45.70
CA ASP I 233 -26.22 -1.54 45.31
C ASP I 233 -27.73 -1.66 45.16
N ASN I 234 -28.19 -2.79 44.59
CA ASN I 234 -29.63 -3.01 44.46
C ASN I 234 -30.30 -3.12 45.83
N CYS I 235 -29.64 -3.79 46.78
CA CYS I 235 -30.20 -3.93 48.12
C CYS I 235 -30.36 -2.57 48.79
N LEU I 236 -29.36 -1.69 48.63
CA LEU I 236 -29.50 -0.33 49.15
C LEU I 236 -30.57 0.45 48.40
N LYS I 237 -30.73 0.18 47.10
CA LYS I 237 -31.82 0.79 46.35
C LYS I 237 -33.18 0.36 46.88
N LYS I 238 -33.29 -0.85 47.42
CA LYS I 238 -34.48 -1.30 48.12
C LYS I 238 -34.58 -0.74 49.52
N THR I 239 -33.54 -0.05 49.99
CA THR I 239 -33.53 0.57 51.31
C THR I 239 -33.63 2.09 51.27
N GLY I 240 -33.18 2.73 50.21
CA GLY I 240 -33.23 4.18 50.11
C GLY I 240 -31.96 4.86 50.55
N ARG I 241 -31.42 4.45 51.70
CA ARG I 241 -30.19 5.06 52.19
C ARG I 241 -29.01 4.61 51.33
N PRO I 242 -28.25 5.54 50.76
CA PRO I 242 -27.09 5.15 49.94
C PRO I 242 -25.92 4.64 50.76
N ARG I 243 -24.79 4.37 50.11
CA ARG I 243 -23.62 3.90 50.82
C ARG I 243 -23.09 4.98 51.76
N LYS I 244 -22.58 4.55 52.91
CA LYS I 244 -22.05 5.51 53.88
C LYS I 244 -20.83 6.22 53.32
N GLU I 245 -20.69 7.50 53.68
CA GLU I 245 -19.58 8.29 53.19
C GLU I 245 -18.26 7.75 53.72
N ASN I 246 -17.25 7.71 52.86
CA ASN I 246 -15.93 7.22 53.22
C ASN I 246 -15.12 8.37 53.79
N LYS I 247 -14.82 8.29 55.09
CA LYS I 247 -14.00 9.30 55.74
C LYS I 247 -12.52 9.12 55.48
N PHE I 248 -12.11 7.99 54.93
CA PHE I 248 -10.70 7.73 54.62
C PHE I 248 -10.35 8.14 53.19
N SER I 249 -10.61 9.39 52.86
CA SER I 249 -10.37 9.92 51.51
C SER I 249 -9.11 10.78 51.50
N ALA I 250 -8.65 11.08 50.29
CA ALA I 250 -7.48 11.93 50.12
C ALA I 250 -7.76 13.36 50.54
N LYS I 251 -9.01 13.82 50.35
CA LYS I 251 -9.37 15.18 50.72
C LYS I 251 -9.27 15.39 52.23
N ARG I 252 -9.60 14.37 53.02
CA ARG I 252 -9.58 14.49 54.48
C ARG I 252 -8.18 14.30 55.07
N LEU I 253 -7.17 14.03 54.25
CA LEU I 253 -5.80 13.92 54.75
C LEU I 253 -5.33 15.25 55.30
N GLN I 254 -4.36 15.19 56.22
CA GLN I 254 -3.80 16.40 56.81
C GLN I 254 -3.16 17.27 55.74
N THR I 255 -3.46 18.56 55.77
CA THR I 255 -3.00 19.49 54.75
C THR I 255 -1.69 20.16 55.17
N THR I 256 -0.88 20.50 54.17
CA THR I 256 0.36 21.21 54.36
C THR I 256 0.43 22.36 53.36
N ARG I 257 1.18 23.40 53.72
CA ARG I 257 1.27 24.57 52.87
C ARG I 257 1.88 24.24 51.51
N LEU I 258 2.90 23.39 51.48
CA LEU I 258 3.45 22.94 50.19
C LEU I 258 2.41 22.16 49.40
N GLY I 259 1.76 21.20 50.04
CA GLY I 259 0.72 20.44 49.36
C GLY I 259 -0.47 21.29 48.97
N ASN I 260 -0.85 22.24 49.83
CA ASN I 260 -1.94 23.15 49.50
C ASN I 260 -1.59 23.99 48.28
N HIS I 261 -0.35 24.50 48.21
CA HIS I 261 0.07 25.28 47.06
C HIS I 261 0.06 24.44 45.78
N LEU I 262 0.56 23.20 45.87
CA LEU I 262 0.57 22.33 44.69
C LEU I 262 -0.86 22.04 44.22
N GLU I 263 -1.75 21.72 45.16
CA GLU I 263 -3.13 21.41 44.77
C GLU I 263 -3.83 22.65 44.22
N ASP I 264 -3.54 23.82 44.77
CA ASP I 264 -4.15 25.06 44.26
C ASP I 264 -3.67 25.34 42.85
N ARG I 265 -2.36 25.16 42.59
CA ARG I 265 -1.84 25.37 41.24
C ARG I 265 -2.45 24.38 40.26
N VAL I 266 -2.57 23.11 40.66
CA VAL I 266 -3.14 22.10 39.76
C VAL I 266 -4.60 22.40 39.48
N ASN I 267 -5.36 22.79 40.52
CA ASN I 267 -6.77 23.11 40.32
C ASN I 267 -6.94 24.34 39.43
N LYS I 268 -6.08 25.35 39.60
CA LYS I 268 -6.13 26.52 38.74
C LYS I 268 -5.84 26.17 37.28
N PHE I 269 -4.83 25.31 37.07
CA PHE I 269 -4.52 24.88 35.71
C PHE I 269 -5.69 24.10 35.10
N LEU I 270 -6.30 23.21 35.88
CA LEU I 270 -7.43 22.44 35.37
C LEU I 270 -8.62 23.35 35.05
N ARG I 271 -8.86 24.35 35.90
CA ARG I 271 -9.95 25.29 35.66
C ARG I 271 -9.70 26.12 34.40
N ARG I 272 -8.47 26.58 34.21
CA ARG I 272 -8.18 27.38 33.01
C ARG I 272 -8.24 26.51 31.76
N GLN I 273 -7.90 25.22 31.88
CA GLN I 273 -8.11 24.30 30.77
C GLN I 273 -9.59 23.98 30.59
N ASN I 274 -10.31 23.83 31.69
CA ASN I 274 -11.75 23.55 31.67
C ASN I 274 -12.06 22.29 30.87
N HIS I 275 -11.28 21.25 31.07
CA HIS I 275 -11.53 19.97 30.40
C HIS I 275 -12.70 19.26 31.07
N PRO I 276 -13.74 18.88 30.31
CA PRO I 276 -14.89 18.21 30.95
C PRO I 276 -14.54 16.90 31.62
N GLU I 277 -13.57 16.16 31.09
CA GLU I 277 -13.18 14.88 31.68
C GLU I 277 -12.26 15.06 32.88
N ALA I 278 -11.69 16.23 33.08
CA ALA I 278 -10.79 16.47 34.20
C ALA I 278 -11.58 16.56 35.51
N GLY I 279 -10.98 16.04 36.58
CA GLY I 279 -11.57 16.08 37.90
C GLY I 279 -10.68 16.78 38.91
N GLU I 280 -11.22 16.92 40.12
CA GLU I 280 -10.48 17.57 41.20
C GLU I 280 -9.25 16.76 41.58
N VAL I 281 -8.15 17.45 41.85
CA VAL I 281 -6.88 16.82 42.19
C VAL I 281 -6.48 17.29 43.59
N PHE I 282 -6.15 16.33 44.46
CA PHE I 282 -5.73 16.60 45.82
C PHE I 282 -4.25 16.25 45.98
N VAL I 283 -3.46 17.18 46.50
CA VAL I 283 -2.05 16.96 46.78
C VAL I 283 -1.84 17.09 48.28
N ARG I 284 -1.34 16.03 48.89
CA ARG I 284 -1.13 15.99 50.33
C ARG I 284 0.24 15.42 50.64
N VAL I 285 0.89 15.98 51.67
CA VAL I 285 2.16 15.45 52.17
C VAL I 285 1.85 14.51 53.33
N VAL I 286 2.13 13.22 53.15
CA VAL I 286 1.78 12.21 54.14
C VAL I 286 2.98 11.79 54.99
N ALA I 287 4.16 12.32 54.73
CA ALA I 287 5.34 11.96 55.50
C ALA I 287 6.34 13.10 55.45
N SER I 288 6.88 13.47 56.61
CA SER I 288 7.88 14.52 56.71
C SER I 288 8.66 14.33 57.99
N SER I 289 9.99 14.24 57.86
CA SER I 289 10.84 14.00 59.02
C SER I 289 12.22 14.60 58.77
N ASP I 290 13.07 14.49 59.78
CA ASP I 290 14.44 14.97 59.72
C ASP I 290 15.40 13.80 59.87
N LYS I 291 16.35 13.68 58.94
CA LYS I 291 17.32 12.60 58.96
C LYS I 291 18.72 13.18 58.73
N THR I 292 19.71 12.30 58.68
CA THR I 292 21.09 12.70 58.42
C THR I 292 21.71 11.74 57.42
N VAL I 293 22.59 12.26 56.56
CA VAL I 293 23.34 11.45 55.63
C VAL I 293 24.78 11.35 56.11
N GLU I 294 25.32 10.14 56.12
CA GLU I 294 26.67 9.87 56.61
C GLU I 294 27.60 9.67 55.43
N VAL I 295 28.79 10.29 55.50
CA VAL I 295 29.78 10.12 54.44
C VAL I 295 30.32 8.70 54.48
N LYS I 296 30.30 8.04 53.32
CA LYS I 296 30.76 6.66 53.23
C LYS I 296 32.28 6.58 53.27
N MET I 309 35.76 18.02 55.79
CA MET I 309 34.44 17.52 55.44
C MET I 309 33.65 17.11 56.67
N SER I 310 32.38 17.52 56.73
CA SER I 310 31.53 17.18 57.86
C SER I 310 31.25 15.67 57.87
N GLU I 311 31.25 15.10 59.08
CA GLU I 311 30.98 13.67 59.21
C GLU I 311 29.56 13.33 58.78
N SER I 312 28.59 14.13 59.16
CA SER I 312 27.19 13.90 58.82
C SER I 312 26.54 15.21 58.41
N PHE I 313 25.65 15.12 57.42
CA PHE I 313 24.90 16.28 56.96
C PHE I 313 23.42 16.10 57.28
N PRO I 314 22.83 16.96 58.11
CA PRO I 314 21.40 16.86 58.38
C PRO I 314 20.56 17.36 57.21
N TYR I 315 19.35 16.83 57.12
CA TYR I 315 18.43 17.23 56.07
C TYR I 315 17.01 16.88 56.49
N ARG I 316 16.05 17.44 55.76
CA ARG I 316 14.63 17.16 55.97
C ARG I 316 14.08 16.45 54.75
N THR I 317 13.41 15.32 54.97
CA THR I 317 12.80 14.52 53.92
C THR I 317 11.29 14.67 53.97
N LYS I 318 10.67 14.82 52.80
CA LYS I 318 9.23 14.96 52.67
C LYS I 318 8.75 14.13 51.49
N ALA I 319 7.57 13.52 51.64
CA ALA I 319 6.97 12.69 50.61
C ALA I 319 5.53 13.14 50.39
N LEU I 320 5.14 13.27 49.13
CA LEU I 320 3.81 13.76 48.78
C LEU I 320 3.25 12.92 47.64
N PHE I 321 1.92 12.89 47.55
CA PHE I 321 1.21 12.18 46.50
C PHE I 321 0.15 13.08 45.89
N ALA I 322 -0.23 12.76 44.66
CA ALA I 322 -1.31 13.44 43.95
C ALA I 322 -2.44 12.45 43.72
N PHE I 323 -3.65 12.85 44.10
CA PHE I 323 -4.85 12.03 43.93
C PHE I 323 -5.86 12.80 43.11
N GLU I 324 -6.53 12.09 42.21
CA GLU I 324 -7.52 12.69 41.31
C GLU I 324 -8.86 11.98 41.46
N GLU I 325 -9.94 12.74 41.27
CA GLU I 325 -11.29 12.21 41.36
C GLU I 325 -11.66 11.61 40.00
N ILE I 326 -11.68 10.27 39.94
CA ILE I 326 -12.07 9.54 38.74
C ILE I 326 -13.20 8.59 39.11
N ASP I 327 -14.29 8.63 38.35
CA ASP I 327 -15.42 7.72 38.53
C ASP I 327 -15.97 7.76 39.96
N GLY I 328 -15.86 8.92 40.61
CA GLY I 328 -16.36 9.07 41.97
C GLY I 328 -15.45 8.58 43.07
N VAL I 329 -14.23 8.16 42.75
CA VAL I 329 -13.29 7.68 43.75
C VAL I 329 -11.93 8.30 43.51
N ASP I 330 -11.10 8.27 44.55
CA ASP I 330 -9.75 8.83 44.46
C ASP I 330 -8.80 7.82 43.84
N VAL I 331 -7.97 8.29 42.90
CA VAL I 331 -6.93 7.49 42.26
C VAL I 331 -5.61 8.23 42.41
N CYS I 332 -4.59 7.53 42.93
CA CYS I 332 -3.28 8.13 43.07
C CYS I 332 -2.52 8.02 41.75
N PHE I 333 -1.97 9.15 41.29
CA PHE I 333 -1.31 9.18 39.99
C PHE I 333 0.06 9.84 39.99
N PHE I 334 0.58 10.26 41.13
CA PHE I 334 1.89 10.91 41.16
C PHE I 334 2.47 10.83 42.57
N GLY I 335 3.76 10.59 42.64
CA GLY I 335 4.46 10.56 43.91
C GLY I 335 5.95 10.72 43.69
N MET I 336 6.61 11.42 44.63
CA MET I 336 8.02 11.72 44.48
C MET I 336 8.60 12.17 45.82
N HIS I 337 9.89 11.87 46.02
CA HIS I 337 10.57 12.09 47.29
C HIS I 337 11.64 13.16 47.14
N VAL I 338 11.76 14.01 48.16
CA VAL I 338 12.71 15.11 48.17
C VAL I 338 13.57 15.05 49.42
N GLN I 339 14.77 15.59 49.31
CA GLN I 339 15.67 15.79 50.44
C GLN I 339 16.08 17.26 50.47
N GLU I 340 15.84 17.92 51.60
CA GLU I 340 16.06 19.35 51.73
C GLU I 340 17.10 19.62 52.80
N TYR I 341 18.15 20.36 52.43
CA TYR I 341 19.21 20.78 53.34
C TYR I 341 19.08 22.30 53.50
N GLY I 342 18.89 22.74 54.73
CA GLY I 342 18.66 24.14 55.01
C GLY I 342 19.92 24.97 55.13
N SER I 343 19.79 26.20 55.63
CA SER I 343 20.95 27.09 55.76
C SER I 343 21.94 26.60 56.80
N ASP I 344 21.49 25.82 57.78
CA ASP I 344 22.37 25.30 58.82
C ASP I 344 23.18 24.08 58.36
N CYS I 345 22.88 23.53 57.19
CA CYS I 345 23.63 22.39 56.68
C CYS I 345 25.03 22.83 56.28
N PRO I 346 26.06 22.06 56.63
CA PRO I 346 27.42 22.42 56.21
C PRO I 346 27.55 22.34 54.71
N PRO I 347 28.44 23.14 54.13
CA PRO I 347 28.65 23.10 52.67
C PRO I 347 29.22 21.75 52.24
N PRO I 348 29.09 21.39 50.96
CA PRO I 348 28.48 22.18 49.88
C PRO I 348 26.99 21.94 49.72
N ASN I 349 26.37 21.28 50.69
CA ASN I 349 24.95 20.92 50.61
C ASN I 349 24.03 22.00 51.16
N THR I 350 24.57 23.15 51.59
CA THR I 350 23.76 24.18 52.23
C THR I 350 22.70 24.70 51.27
N ARG I 351 21.45 24.77 51.76
CA ARG I 351 20.32 25.32 51.00
C ARG I 351 20.15 24.61 49.65
N ARG I 352 19.98 23.29 49.71
CA ARG I 352 19.86 22.49 48.50
C ARG I 352 18.70 21.51 48.60
N VAL I 353 17.92 21.43 47.53
CA VAL I 353 16.83 20.46 47.42
C VAL I 353 17.21 19.45 46.35
N TYR I 354 16.93 18.18 46.62
CA TYR I 354 17.27 17.09 45.69
C TYR I 354 16.07 16.18 45.53
N ILE I 355 15.77 15.82 44.27
CA ILE I 355 14.68 14.91 43.95
C ILE I 355 15.28 13.52 43.88
N SER I 356 14.93 12.66 44.86
CA SER I 356 15.54 11.34 44.92
C SER I 356 14.83 10.36 43.98
N TYR I 357 13.53 10.19 44.14
CA TYR I 357 12.75 9.28 43.32
C TYR I 357 11.50 9.99 42.81
N LEU I 358 11.09 9.64 41.59
CA LEU I 358 9.90 10.22 40.98
C LEU I 358 9.12 9.13 40.28
N ASP I 359 7.83 9.02 40.60
CA ASP I 359 6.96 8.00 40.02
C ASP I 359 5.63 8.62 39.65
N SER I 360 4.96 8.01 38.67
CA SER I 360 3.68 8.52 38.20
C SER I 360 2.88 7.38 37.60
N ILE I 361 1.58 7.60 37.46
CA ILE I 361 0.66 6.64 36.89
C ILE I 361 0.00 7.27 35.67
N HIS I 362 -0.02 6.53 34.56
CA HIS I 362 -0.52 7.03 33.28
C HIS I 362 -2.05 6.99 33.18
N PHE I 363 -2.76 6.77 34.29
CA PHE I 363 -4.21 6.71 34.28
C PHE I 363 -4.87 8.06 34.53
N PHE I 364 -4.09 9.15 34.58
CA PHE I 364 -4.66 10.47 34.77
C PHE I 364 -5.53 10.85 33.58
N ARG I 365 -6.66 11.51 33.86
CA ARG I 365 -7.62 11.89 32.85
C ARG I 365 -7.74 13.41 32.80
N PRO I 366 -7.58 14.04 31.63
CA PRO I 366 -7.27 13.38 30.36
C PRO I 366 -5.77 13.08 30.21
N ARG I 367 -5.45 12.18 29.28
CA ARG I 367 -4.05 11.82 29.06
C ARG I 367 -3.27 12.98 28.46
N CYS I 368 -3.95 13.86 27.72
CA CYS I 368 -3.26 14.99 27.09
C CYS I 368 -2.71 15.97 28.12
N LEU I 369 -3.41 16.13 29.25
CA LEU I 369 -2.98 17.06 30.29
C LEU I 369 -2.14 16.42 31.38
N ARG I 370 -1.81 15.13 31.24
CA ARG I 370 -1.02 14.43 32.27
C ARG I 370 0.37 15.04 32.40
N THR I 371 1.04 15.24 31.27
CA THR I 371 2.37 15.84 31.28
C THR I 371 2.34 17.25 31.83
N ALA I 372 1.31 18.02 31.44
CA ALA I 372 1.17 19.39 31.93
C ALA I 372 0.93 19.41 33.44
N VAL I 373 0.14 18.47 33.96
CA VAL I 373 -0.12 18.41 35.40
C VAL I 373 1.16 18.06 36.15
N TYR I 374 1.93 17.10 35.63
CA TYR I 374 3.20 16.76 36.26
C TYR I 374 4.15 17.96 36.28
N HIS I 375 4.23 18.67 35.15
CA HIS I 375 5.04 19.87 35.07
C HIS I 375 4.57 20.92 36.07
N GLU I 376 3.25 21.10 36.19
CA GLU I 376 2.71 22.07 37.13
C GLU I 376 3.08 21.72 38.56
N ILE I 377 2.98 20.44 38.93
CA ILE I 377 3.31 20.01 40.28
C ILE I 377 4.78 20.29 40.57
N LEU I 378 5.66 19.90 39.65
CA LEU I 378 7.09 20.06 39.91
C LEU I 378 7.51 21.54 39.91
N ILE I 379 6.92 22.33 39.01
CA ILE I 379 7.21 23.77 38.99
C ILE I 379 6.70 24.44 40.25
N GLY I 380 5.54 24.00 40.75
CA GLY I 380 5.05 24.52 42.02
C GLY I 380 5.97 24.19 43.18
N TYR I 381 6.49 22.96 43.20
CA TYR I 381 7.44 22.60 44.24
C TYR I 381 8.70 23.45 44.16
N LEU I 382 9.21 23.66 42.94
CA LEU I 382 10.40 24.50 42.76
C LEU I 382 10.13 25.93 43.22
N GLU I 383 8.95 26.47 42.89
CA GLU I 383 8.61 27.82 43.32
C GLU I 383 8.50 27.89 44.84
N TYR I 384 7.93 26.86 45.46
CA TYR I 384 7.79 26.85 46.92
C TYR I 384 9.16 26.81 47.60
N VAL I 385 10.07 25.97 47.10
CA VAL I 385 11.39 25.88 47.73
C VAL I 385 12.20 27.14 47.45
N LYS I 386 11.98 27.78 46.30
CA LYS I 386 12.61 29.07 46.04
C LYS I 386 12.10 30.13 47.00
N LYS I 387 10.78 30.16 47.25
CA LYS I 387 10.22 31.12 48.20
C LYS I 387 10.73 30.87 49.61
N LEU I 388 10.90 29.60 49.99
CA LEU I 388 11.42 29.29 51.32
C LEU I 388 12.85 29.77 51.52
N GLY I 389 13.60 29.99 50.45
CA GLY I 389 14.98 30.45 50.54
C GLY I 389 16.00 29.48 49.97
N TYR I 390 15.61 28.31 49.48
CA TYR I 390 16.57 27.39 48.89
C TYR I 390 17.15 27.97 47.60
N VAL I 391 18.39 27.60 47.31
CA VAL I 391 19.14 28.17 46.21
C VAL I 391 19.28 27.20 45.04
N THR I 392 19.65 25.95 45.33
CA THR I 392 20.00 25.00 44.28
C THR I 392 19.12 23.75 44.37
N GLY I 393 18.75 23.23 43.21
CA GLY I 393 18.01 21.99 43.14
C GLY I 393 18.71 21.00 42.24
N HIS I 394 18.51 19.71 42.55
CA HIS I 394 19.17 18.62 41.84
C HIS I 394 18.13 17.61 41.41
N ILE I 395 18.25 17.15 40.16
CA ILE I 395 17.34 16.13 39.60
C ILE I 395 18.17 15.02 39.00
N TRP I 396 17.84 13.78 39.35
CA TRP I 396 18.49 12.58 38.82
C TRP I 396 17.54 11.93 37.82
N ALA I 397 17.70 12.27 36.54
CA ALA I 397 16.84 11.75 35.48
C ALA I 397 17.41 10.41 35.03
N CYS I 398 17.04 9.35 35.74
CA CYS I 398 17.49 8.00 35.41
C CYS I 398 16.25 7.13 35.19
N PRO I 399 16.03 6.60 33.99
CA PRO I 399 14.86 5.76 33.74
C PRO I 399 14.94 4.48 34.55
N PRO I 400 13.79 3.96 35.00
CA PRO I 400 13.80 2.71 35.76
C PRO I 400 14.23 1.53 34.91
N SER I 401 14.85 0.54 35.57
CA SER I 401 15.15 -0.72 34.92
C SER I 401 13.92 -1.60 34.86
N GLU I 402 13.91 -2.55 33.94
CA GLU I 402 12.75 -3.41 33.76
C GLU I 402 12.52 -4.25 35.00
N GLY I 403 11.28 -4.26 35.48
CA GLY I 403 10.92 -4.98 36.68
C GLY I 403 11.17 -4.24 37.97
N ASP I 404 11.69 -3.02 37.92
CA ASP I 404 11.98 -2.24 39.10
C ASP I 404 10.95 -1.13 39.25
N ASP I 405 10.35 -1.03 40.43
CA ASP I 405 9.36 -0.02 40.75
C ASP I 405 9.97 1.01 41.71
N TYR I 406 9.81 2.30 41.40
CA TYR I 406 10.26 3.34 42.32
C TYR I 406 9.35 3.44 43.53
N ILE I 407 8.08 3.78 43.29
CA ILE I 407 7.11 4.05 44.34
C ILE I 407 5.87 3.16 44.18
N PHE I 408 5.20 3.25 43.04
CA PHE I 408 4.00 2.47 42.79
C PHE I 408 4.36 1.08 42.27
N HIS I 409 3.93 0.05 42.99
CA HIS I 409 4.26 -1.31 42.62
C HIS I 409 3.38 -1.78 41.46
N CYS I 410 3.96 -2.67 40.64
CA CYS I 410 3.25 -3.30 39.52
C CYS I 410 2.72 -2.25 38.54
N HIS I 411 3.68 -1.58 37.89
CA HIS I 411 3.34 -0.63 36.84
C HIS I 411 2.58 -1.35 35.72
N PRO I 412 1.67 -0.65 35.05
CA PRO I 412 0.87 -1.28 33.98
C PRO I 412 1.76 -1.82 32.87
N PRO I 413 1.40 -2.96 32.28
CA PRO I 413 2.21 -3.51 31.19
C PRO I 413 2.33 -2.58 29.99
N ASP I 414 1.30 -1.79 29.71
CA ASP I 414 1.31 -0.87 28.58
C ASP I 414 1.95 0.47 28.91
N GLN I 415 2.38 0.69 30.15
CA GLN I 415 3.05 1.93 30.52
C GLN I 415 4.48 1.89 30.03
N LYS I 416 4.86 2.87 29.21
CA LYS I 416 6.18 2.89 28.60
C LYS I 416 7.22 3.37 29.61
N ILE I 417 8.33 2.65 29.67
CA ILE I 417 9.51 3.11 30.41
C ILE I 417 10.32 3.99 29.48
N PRO I 418 10.34 5.31 29.70
CA PRO I 418 11.00 6.21 28.74
C PRO I 418 12.49 5.96 28.66
N LYS I 419 13.05 6.13 27.46
CA LYS I 419 14.48 6.06 27.28
C LYS I 419 15.15 7.28 27.92
N PRO I 420 16.45 7.18 28.24
CA PRO I 420 17.11 8.32 28.91
C PRO I 420 17.02 9.61 28.12
N LYS I 421 17.15 9.54 26.79
CA LYS I 421 17.05 10.76 25.98
C LYS I 421 15.67 11.39 26.10
N ARG I 422 14.61 10.56 26.10
CA ARG I 422 13.26 11.09 26.24
C ARG I 422 13.04 11.72 27.60
N LEU I 423 13.58 11.11 28.66
CA LEU I 423 13.45 11.68 29.99
C LEU I 423 14.20 13.02 30.07
N GLN I 424 15.38 13.10 29.47
CA GLN I 424 16.11 14.36 29.44
C GLN I 424 15.34 15.42 28.68
N GLU I 425 14.74 15.06 27.55
CA GLU I 425 13.95 16.02 26.78
C GLU I 425 12.74 16.49 27.58
N TRP I 426 12.07 15.57 28.28
CA TRP I 426 10.93 15.93 29.12
C TRP I 426 11.34 16.90 30.22
N TYR I 427 12.45 16.63 30.88
CA TYR I 427 12.91 17.52 31.95
C TYR I 427 13.33 18.87 31.40
N LYS I 428 13.96 18.89 30.22
CA LYS I 428 14.35 20.16 29.61
C LYS I 428 13.13 20.98 29.22
N LYS I 429 12.10 20.33 28.68
CA LYS I 429 10.86 21.03 28.36
C LYS I 429 10.21 21.60 29.61
N MET I 430 10.19 20.81 30.70
CA MET I 430 9.62 21.30 31.95
C MET I 430 10.40 22.50 32.48
N LEU I 431 11.73 22.44 32.42
CA LEU I 431 12.54 23.54 32.90
C LEU I 431 12.36 24.79 32.04
N ASP I 432 12.22 24.60 30.72
CA ASP I 432 11.93 25.74 29.84
C ASP I 432 10.58 26.37 30.19
N LYS I 433 9.57 25.53 30.44
CA LYS I 433 8.27 26.05 30.82
C LYS I 433 8.34 26.82 32.13
N ALA I 434 9.09 26.30 33.11
CA ALA I 434 9.26 27.00 34.37
C ALA I 434 10.00 28.32 34.19
N PHE I 435 11.02 28.32 33.32
CA PHE I 435 11.75 29.56 33.04
C PHE I 435 10.84 30.58 32.37
N ALA I 436 9.89 30.12 31.55
CA ALA I 436 8.95 31.05 30.92
C ALA I 436 8.11 31.80 31.95
N GLU I 437 7.88 31.19 33.12
CA GLU I 437 7.11 31.82 34.19
C GLU I 437 7.99 32.54 35.19
N ARG I 438 9.18 32.97 34.78
CA ARG I 438 10.17 33.67 35.63
C ARG I 438 10.25 33.07 37.03
N ILE I 439 10.27 31.75 37.10
CA ILE I 439 10.39 31.04 38.36
C ILE I 439 11.79 30.46 38.55
N ILE I 440 12.33 29.83 37.51
CA ILE I 440 13.65 29.22 37.54
C ILE I 440 14.66 30.24 37.00
N HIS I 441 15.69 30.53 37.79
CA HIS I 441 16.73 31.44 37.33
C HIS I 441 17.52 30.83 36.19
N ASP I 442 17.96 29.59 36.34
CA ASP I 442 18.72 28.92 35.29
C ASP I 442 18.70 27.41 35.53
N TYR I 443 19.00 26.66 34.47
CA TYR I 443 19.12 25.22 34.55
C TYR I 443 20.27 24.77 33.65
N LYS I 444 21.10 23.87 34.17
CA LYS I 444 22.23 23.32 33.42
C LYS I 444 22.39 21.86 33.78
N ASP I 445 23.40 21.23 33.17
CA ASP I 445 23.79 19.88 33.54
C ASP I 445 24.90 19.92 34.59
N ILE I 446 25.17 18.76 35.20
CA ILE I 446 26.15 18.71 36.28
C ILE I 446 27.56 18.98 35.75
N PHE I 447 27.86 18.51 34.54
CA PHE I 447 29.20 18.71 33.99
C PHE I 447 29.45 20.17 33.66
N LYS I 448 28.48 20.82 33.00
CA LYS I 448 28.64 22.24 32.68
C LYS I 448 28.70 23.09 33.95
N GLN I 449 27.86 22.77 34.94
CA GLN I 449 27.91 23.50 36.20
C GLN I 449 29.26 23.32 36.88
N ALA I 450 29.79 22.10 36.89
CA ALA I 450 31.09 21.86 37.51
C ALA I 450 32.21 22.60 36.80
N THR I 451 32.20 22.60 35.46
CA THR I 451 33.27 23.27 34.73
C THR I 451 33.11 24.79 34.79
N GLU I 452 31.89 25.27 35.04
CA GLU I 452 31.70 26.70 35.24
C GLU I 452 32.13 27.14 36.63
N ASP I 453 31.92 26.30 37.64
CA ASP I 453 32.32 26.60 39.01
C ASP I 453 33.80 26.35 39.27
N ARG I 454 34.51 25.76 38.30
CA ARG I 454 35.94 25.48 38.43
C ARG I 454 36.22 24.59 39.64
N LEU I 455 35.36 23.60 39.86
CA LEU I 455 35.55 22.68 40.98
C LEU I 455 36.78 21.82 40.75
N THR I 456 37.58 21.65 41.80
CA THR I 456 38.80 20.87 41.74
C THR I 456 38.88 19.74 42.75
N SER I 457 38.01 19.69 43.75
CA SER I 457 38.03 18.66 44.77
C SER I 457 36.67 17.98 44.86
N ALA I 458 36.70 16.68 45.20
CA ALA I 458 35.47 15.92 45.34
C ALA I 458 34.64 16.37 46.53
N LYS I 459 35.23 17.06 47.50
CA LYS I 459 34.48 17.53 48.65
C LYS I 459 33.46 18.61 48.28
N GLU I 460 33.65 19.28 47.15
CA GLU I 460 32.70 20.29 46.69
C GLU I 460 31.47 19.68 46.05
N LEU I 461 31.49 18.39 45.74
CA LEU I 461 30.36 17.72 45.13
C LEU I 461 29.22 17.55 46.13
N PRO I 462 27.97 17.75 45.71
CA PRO I 462 26.84 17.52 46.63
C PRO I 462 26.76 16.07 47.07
N TYR I 463 26.35 15.86 48.31
CA TYR I 463 26.23 14.53 48.89
C TYR I 463 24.77 14.30 49.27
N PHE I 464 24.15 13.30 48.64
CA PHE I 464 22.75 12.96 48.88
C PHE I 464 22.63 11.48 49.23
N GLU I 465 21.56 11.15 49.95
CA GLU I 465 21.32 9.76 50.33
C GLU I 465 20.99 8.91 49.12
N GLY I 466 21.69 7.78 48.98
CA GLY I 466 21.44 6.88 47.87
C GLY I 466 21.78 7.44 46.51
N ASP I 467 22.53 8.54 46.46
CA ASP I 467 22.88 9.16 45.21
C ASP I 467 23.99 8.39 44.51
N PHE I 468 23.98 8.47 43.18
CA PHE I 468 24.95 7.71 42.38
C PHE I 468 26.36 8.24 42.55
N TRP I 469 26.51 9.56 42.66
CA TRP I 469 27.84 10.15 42.75
C TRP I 469 28.63 9.73 43.99
N PRO I 470 28.05 9.67 45.20
CA PRO I 470 28.82 9.11 46.33
C PRO I 470 29.28 7.68 46.07
N ASN I 471 28.45 6.86 45.41
CA ASN I 471 28.87 5.51 45.06
C ASN I 471 30.04 5.53 44.08
N VAL I 472 30.00 6.44 43.10
CA VAL I 472 31.10 6.56 42.15
C VAL I 472 32.38 6.98 42.87
N LEU I 473 32.27 7.92 43.80
CA LEU I 473 33.44 8.36 44.55
C LEU I 473 34.01 7.23 45.40
N GLU I 474 33.13 6.44 46.04
CA GLU I 474 33.60 5.31 46.83
C GLU I 474 34.30 4.27 45.95
N GLU I 475 33.73 4.00 44.76
CA GLU I 475 34.36 3.06 43.85
C GLU I 475 35.72 3.57 43.39
N SER I 476 35.83 4.86 43.10
CA SER I 476 37.10 5.43 42.67
C SER I 476 38.13 5.36 43.80
N ILE I 477 37.71 5.63 45.03
CA ILE I 477 38.62 5.54 46.17
C ILE I 477 39.10 4.10 46.35
N LYS I 478 38.17 3.15 46.27
CA LYS I 478 38.54 1.74 46.40
C LYS I 478 39.45 1.30 45.26
N GLU I 479 39.15 1.74 44.04
CA GLU I 479 39.95 1.38 42.88
C GLU I 479 40.99 2.46 42.58
N LYS I 544 39.94 11.03 36.68
CA LYS I 544 38.95 10.47 35.77
C LYS I 544 37.53 10.82 36.22
N LEU I 545 37.44 11.62 37.29
CA LEU I 545 36.13 12.05 37.77
C LEU I 545 35.42 12.92 36.75
N TYR I 546 36.16 13.78 36.05
CA TYR I 546 35.56 14.61 35.01
C TYR I 546 35.05 13.76 33.85
N ALA I 547 35.73 12.65 33.55
CA ALA I 547 35.24 11.74 32.53
C ALA I 547 33.90 11.14 32.93
N THR I 548 33.76 10.75 34.20
CA THR I 548 32.48 10.24 34.68
C THR I 548 31.40 11.32 34.65
N MET I 549 31.78 12.56 34.99
CA MET I 549 30.83 13.67 34.92
C MET I 549 30.33 13.88 33.49
N GLU I 550 31.25 13.83 32.52
CA GLU I 550 30.85 14.03 31.12
C GLU I 550 30.04 12.85 30.59
N LYS I 551 30.36 11.63 31.05
CA LYS I 551 29.61 10.46 30.58
C LYS I 551 28.15 10.53 31.00
N HIS I 552 27.89 10.95 32.25
CA HIS I 552 26.54 11.13 32.75
C HIS I 552 26.12 12.60 32.75
N LYS I 553 26.56 13.36 31.73
CA LYS I 553 26.28 14.79 31.69
C LYS I 553 24.79 15.07 31.59
N GLU I 554 24.09 14.35 30.71
CA GLU I 554 22.67 14.60 30.49
C GLU I 554 21.79 13.98 31.56
N VAL I 555 22.31 13.05 32.36
CA VAL I 555 21.49 12.38 33.38
C VAL I 555 21.12 13.29 34.53
N PHE I 556 22.04 14.12 35.02
CA PHE I 556 21.83 14.94 36.20
C PHE I 556 21.59 16.39 35.79
N PHE I 557 20.60 17.01 36.42
CA PHE I 557 20.22 18.39 36.14
C PHE I 557 20.40 19.22 37.41
N VAL I 558 21.05 20.39 37.26
CA VAL I 558 21.28 21.31 38.36
C VAL I 558 20.55 22.61 38.05
N ILE I 559 19.73 23.06 39.00
CA ILE I 559 18.83 24.19 38.81
C ILE I 559 19.20 25.28 39.81
N HIS I 560 19.39 26.50 39.31
CA HIS I 560 19.59 27.67 40.15
C HIS I 560 18.29 28.46 40.21
N LEU I 561 17.81 28.72 41.43
CA LEU I 561 16.55 29.40 41.64
C LEU I 561 16.72 30.91 41.76
N HIS I 562 17.79 31.35 42.41
CA HIS I 562 18.04 32.78 42.59
C HIS I 562 19.21 33.25 41.72
N PRO I 576 8.12 25.53 56.79
CA PRO I 576 7.52 25.67 58.13
C PRO I 576 6.52 24.57 58.44
N ASP I 577 6.40 23.61 57.53
CA ASP I 577 5.45 22.52 57.73
C ASP I 577 5.86 21.67 58.94
N PRO I 578 4.92 21.36 59.82
CA PRO I 578 5.24 20.50 60.96
C PRO I 578 5.57 19.08 60.50
N LEU I 579 6.37 18.39 61.31
CA LEU I 579 6.78 17.04 60.97
C LEU I 579 5.61 16.07 61.13
N LEU I 580 5.39 15.25 60.10
CA LEU I 580 4.37 14.20 60.14
C LEU I 580 5.07 12.87 60.30
N SER I 581 4.78 12.17 61.39
CA SER I 581 5.38 10.88 61.67
C SER I 581 4.59 9.79 60.93
N CYS I 582 5.25 9.12 59.98
CA CYS I 582 4.61 8.05 59.23
C CYS I 582 5.67 6.99 58.95
N ASP I 583 5.69 5.94 59.78
CA ASP I 583 6.67 4.88 59.60
C ASP I 583 6.43 4.11 58.31
N LEU I 584 5.17 4.01 57.88
CA LEU I 584 4.85 3.26 56.68
C LEU I 584 5.50 3.87 55.44
N MET I 585 5.40 5.19 55.29
CA MET I 585 5.89 5.86 54.09
C MET I 585 7.29 6.44 54.30
N ASP I 586 7.93 6.14 55.42
CA ASP I 586 9.28 6.64 55.67
C ASP I 586 10.22 5.85 54.77
N GLY I 587 10.30 6.29 53.52
CA GLY I 587 11.08 5.62 52.50
C GLY I 587 10.20 4.75 51.60
N ARG I 588 10.67 4.57 50.36
CA ARG I 588 9.92 3.81 49.38
C ARG I 588 9.98 2.30 49.62
N ASP I 589 10.96 1.83 50.38
CA ASP I 589 11.13 0.38 50.55
C ASP I 589 9.97 -0.24 51.32
N ALA I 590 9.57 0.38 52.43
CA ALA I 590 8.46 -0.15 53.22
C ALA I 590 7.15 -0.08 52.44
N PHE I 591 6.93 1.01 51.72
CA PHE I 591 5.73 1.13 50.90
C PHE I 591 5.68 0.05 49.84
N LEU I 592 6.79 -0.19 49.14
CA LEU I 592 6.84 -1.24 48.13
C LEU I 592 6.63 -2.61 48.75
N THR I 593 7.23 -2.85 49.91
CA THR I 593 7.06 -4.14 50.58
C THR I 593 5.60 -4.39 50.95
N LEU I 594 4.93 -3.38 51.51
CA LEU I 594 3.53 -3.54 51.86
C LEU I 594 2.66 -3.74 50.62
N ALA I 595 2.96 -2.99 49.55
CA ALA I 595 2.19 -3.15 48.32
C ALA I 595 2.36 -4.55 47.74
N ARG I 596 3.58 -5.08 47.78
CA ARG I 596 3.82 -6.43 47.30
C ARG I 596 3.12 -7.46 48.17
N ASP I 597 3.17 -7.29 49.48
CA ASP I 597 2.55 -8.26 50.38
C ASP I 597 1.03 -8.26 50.26
N LYS I 598 0.43 -7.09 50.10
CA LYS I 598 -1.02 -6.99 50.01
C LYS I 598 -1.55 -7.00 48.58
N HIS I 599 -0.67 -7.25 47.60
CA HIS I 599 -1.07 -7.33 46.19
C HIS I 599 -1.73 -6.04 45.71
N TRP I 600 -1.18 -4.89 46.13
CA TRP I 600 -1.68 -3.59 45.71
C TRP I 600 -1.03 -3.26 44.37
N GLU I 601 -1.69 -3.64 43.29
CA GLU I 601 -1.16 -3.44 41.95
C GLU I 601 -1.79 -2.21 41.29
N PHE I 602 -1.09 -1.70 40.28
CA PHE I 602 -1.54 -0.53 39.52
C PHE I 602 -1.68 -0.86 38.04
N SER I 603 -1.83 -2.14 37.71
CA SER I 603 -1.85 -2.58 36.32
C SER I 603 -3.15 -2.23 35.60
N SER I 604 -4.18 -1.81 36.33
CA SER I 604 -5.46 -1.45 35.70
C SER I 604 -6.11 -0.35 36.51
N LEU I 605 -7.12 0.27 35.91
CA LEU I 605 -7.82 1.38 36.56
C LEU I 605 -8.49 0.92 37.85
N ARG I 606 -9.17 -0.22 37.82
CA ARG I 606 -9.83 -0.73 39.02
C ARG I 606 -8.80 -1.14 40.07
N ARG I 607 -7.70 -1.76 39.66
CA ARG I 607 -6.64 -2.12 40.60
C ARG I 607 -6.00 -0.88 41.20
N SER I 608 -5.81 0.16 40.38
CA SER I 608 -5.28 1.42 40.90
C SER I 608 -6.24 2.05 41.91
N LYS I 609 -7.54 2.00 41.63
CA LYS I 609 -8.53 2.52 42.57
C LYS I 609 -8.50 1.76 43.88
N TRP I 610 -8.41 0.43 43.80
CA TRP I 610 -8.34 -0.38 45.02
C TRP I 610 -7.08 -0.07 45.81
N SER I 611 -5.94 0.07 45.12
CA SER I 611 -4.69 0.40 45.80
C SER I 611 -4.75 1.77 46.46
N THR I 612 -5.35 2.74 45.78
CA THR I 612 -5.49 4.08 46.37
C THR I 612 -6.38 4.04 47.60
N LEU I 613 -7.51 3.32 47.52
CA LEU I 613 -8.37 3.18 48.70
C LEU I 613 -7.62 2.52 49.85
N CYS I 614 -6.86 1.46 49.57
CA CYS I 614 -6.14 0.75 50.62
C CYS I 614 -5.06 1.63 51.25
N MET I 615 -4.31 2.38 50.44
CA MET I 615 -3.27 3.23 51.00
C MET I 615 -3.88 4.38 51.81
N LEU I 616 -5.01 4.94 51.34
CA LEU I 616 -5.66 5.98 52.12
C LEU I 616 -6.14 5.43 53.47
N VAL I 617 -6.71 4.23 53.47
CA VAL I 617 -7.14 3.60 54.72
C VAL I 617 -5.95 3.37 55.64
N GLU I 618 -4.84 2.87 55.09
CA GLU I 618 -3.67 2.60 55.90
C GLU I 618 -3.10 3.89 56.50
N LEU I 619 -3.03 4.95 55.70
CA LEU I 619 -2.53 6.23 56.22
C LEU I 619 -3.46 6.81 57.27
N HIS I 620 -4.77 6.68 57.09
CA HIS I 620 -5.72 7.25 58.04
C HIS I 620 -5.71 6.49 59.37
N THR I 621 -5.66 5.16 59.32
CA THR I 621 -5.81 4.36 60.52
C THR I 621 -4.49 3.96 61.18
N GLN I 622 -3.38 3.95 60.44
CA GLN I 622 -2.09 3.56 60.99
C GLN I 622 -1.12 4.73 61.12
N GLY I 623 -1.63 5.95 61.11
CA GLY I 623 -0.78 7.11 61.29
C GLY I 623 -0.23 7.21 62.70
N GLN I 624 0.92 7.86 62.81
CA GLN I 624 1.58 8.04 64.11
C GLN I 624 1.25 9.40 64.71
#